data_1Z6R
#
_entry.id   1Z6R
#
_cell.length_a   235.950
_cell.length_b   74.710
_cell.length_c   154.950
_cell.angle_alpha   90.00
_cell.angle_beta   129.15
_cell.angle_gamma   90.00
#
_symmetry.space_group_name_H-M   'C 1 2 1'
#
loop_
_entity.id
_entity.type
_entity.pdbx_description
1 polymer 'Mlc protein'
2 non-polymer 'ZINC ION'
#
_entity_poly.entity_id   1
_entity_poly.type   'polypeptide(L)'
_entity_poly.pdbx_seq_one_letter_code
;(MSE)VAENQPGHIDQIKQTNAGAVYRLIDQLGPVSRIDLSRLAQLAPASITKIVHE(MSE)LEAHLVQELEIKEAGNRG
RPAVGLVVETEAWHYLSLRISRGEIFLALRDLSSKLVVEESQELALKDDLPLLDRIISHIDQFFIRHQKKLERLTSIAIT
LPGIIDTENGIVHR(MSE)PFYEDVKE(MSE)PLGEALEQHTGVPVYIQHDISAWT(MSE)AEALFGASRGARDVIQVVI
DHNVGAGVITDGHLLHAGSSSLVEIGHTQVDPYGKRCYCGNHGCLETIASVDSILELAQLRLNQS(MSE)SS(MSE)LHG
QPLTVDSLCQAALRGDLLAKDIITGVGAHVGRILAI(MSE)VNLFNPQKILIGSPLSKAADILFPVISDSIRQQALPAYS
QHISVESTQFSNQGT(MSE)AGAALVKDA(MSE)YNGSLLIRLLQG
;
_entity_poly.pdbx_strand_id   A,B,C,D
#
loop_
_chem_comp.id
_chem_comp.type
_chem_comp.name
_chem_comp.formula
ZN non-polymer 'ZINC ION' 'Zn 2'
#
# COMPACT_ATOMS: atom_id res chain seq x y z
N GLN A 12 0.38 6.61 60.14
CA GLN A 12 0.80 5.69 59.05
C GLN A 12 -0.27 4.62 58.81
N ILE A 13 -0.44 3.71 59.76
CA ILE A 13 -1.50 2.71 59.73
C ILE A 13 -2.81 3.40 60.12
N LYS A 14 -2.70 4.31 61.10
CA LYS A 14 -3.81 5.10 61.64
C LYS A 14 -4.43 6.03 60.59
N GLN A 15 -3.58 6.51 59.69
CA GLN A 15 -3.98 7.45 58.64
C GLN A 15 -5.06 6.87 57.72
N THR A 16 -4.74 5.76 57.06
CA THR A 16 -5.65 5.13 56.09
C THR A 16 -7.10 5.06 56.58
N ASN A 17 -7.27 4.53 57.79
CA ASN A 17 -8.58 4.39 58.42
C ASN A 17 -9.25 5.73 58.63
N ALA A 18 -8.53 6.64 59.28
CA ALA A 18 -9.02 7.98 59.56
C ALA A 18 -9.56 8.66 58.30
N GLY A 19 -8.86 8.45 57.19
CA GLY A 19 -9.27 8.98 55.90
C GLY A 19 -10.52 8.29 55.40
N ALA A 20 -10.49 6.96 55.39
CA ALA A 20 -11.66 6.15 55.07
C ALA A 20 -12.89 6.55 55.91
N VAL A 21 -12.64 6.88 57.18
CA VAL A 21 -13.71 7.27 58.10
C VAL A 21 -14.32 8.64 57.76
N TYR A 22 -13.46 9.66 57.61
CA TYR A 22 -13.92 10.99 57.21
C TYR A 22 -14.70 10.98 55.90
N ARG A 23 -14.26 10.12 54.97
CA ARG A 23 -14.87 9.97 53.65
C ARG A 23 -16.35 9.55 53.71
N LEU A 24 -16.64 8.55 54.52
CA LEU A 24 -18.00 8.01 54.63
C LEU A 24 -18.91 8.88 55.50
N ILE A 25 -18.30 9.80 56.26
CA ILE A 25 -19.06 10.76 57.05
C ILE A 25 -19.38 11.95 56.18
N ASP A 26 -18.42 12.28 55.32
CA ASP A 26 -18.50 13.44 54.44
C ASP A 26 -19.66 13.34 53.46
N GLN A 27 -19.66 12.29 52.64
CA GLN A 27 -20.70 12.11 51.64
C GLN A 27 -22.01 11.72 52.33
N LEU A 28 -21.96 10.61 53.05
CA LEU A 28 -23.15 9.90 53.53
C LEU A 28 -23.47 10.17 55.02
N GLY A 29 -23.29 11.42 55.45
CA GLY A 29 -23.61 11.86 56.83
C GLY A 29 -24.93 12.61 56.91
N PRO A 30 -25.65 12.52 58.06
CA PRO A 30 -25.29 11.88 59.33
C PRO A 30 -25.40 10.35 59.33
N VAL A 31 -24.50 9.69 60.07
CA VAL A 31 -24.44 8.22 60.15
C VAL A 31 -23.78 7.81 61.47
N SER A 32 -24.42 6.93 62.22
CA SER A 32 -23.94 6.55 63.55
C SER A 32 -22.64 5.73 63.54
N ARG A 33 -21.97 5.72 64.70
CA ARG A 33 -20.74 4.97 64.91
C ARG A 33 -20.78 3.55 64.36
N ILE A 34 -21.79 2.79 64.77
CA ILE A 34 -21.93 1.39 64.38
C ILE A 34 -22.10 1.25 62.86
N ASP A 35 -22.88 2.13 62.25
CA ASP A 35 -23.06 2.11 60.79
C ASP A 35 -21.75 2.35 60.04
N LEU A 36 -20.85 3.12 60.65
CA LEU A 36 -19.50 3.33 60.12
C LEU A 36 -18.60 2.13 60.36
N SER A 37 -18.80 1.46 61.50
CA SER A 37 -18.01 0.29 61.87
C SER A 37 -18.03 -0.76 60.75
N ARG A 38 -19.23 -1.06 60.24
CA ARG A 38 -19.39 -2.04 59.17
C ARG A 38 -18.99 -1.52 57.78
N LEU A 39 -19.22 -0.24 57.52
CA LEU A 39 -18.89 0.37 56.22
C LEU A 39 -17.39 0.47 55.96
N ALA A 40 -16.66 1.01 56.95
CA ALA A 40 -15.21 1.18 56.86
C ALA A 40 -14.42 -0.04 57.33
N GLN A 41 -15.13 -1.08 57.76
CA GLN A 41 -14.53 -2.36 58.19
C GLN A 41 -13.50 -2.25 59.33
N LEU A 42 -13.86 -1.51 60.37
CA LEU A 42 -13.05 -1.42 61.59
C LEU A 42 -13.91 -1.65 62.82
N ALA A 43 -13.31 -2.25 63.86
CA ALA A 43 -14.03 -2.60 65.09
C ALA A 43 -14.64 -1.39 65.79
N PRO A 44 -15.80 -1.59 66.48
CA PRO A 44 -16.46 -0.49 67.21
C PRO A 44 -15.50 0.31 68.09
N ALA A 45 -14.50 -0.37 68.67
CA ALA A 45 -13.47 0.27 69.48
C ALA A 45 -12.57 1.22 68.67
N SER A 46 -12.23 0.84 67.44
CA SER A 46 -11.41 1.68 66.57
C SER A 46 -12.21 2.84 65.97
N ILE A 47 -13.52 2.64 65.80
CA ILE A 47 -14.43 3.64 65.24
C ILE A 47 -14.79 4.73 66.26
N THR A 48 -14.70 4.42 67.56
CA THR A 48 -14.90 5.40 68.62
C THR A 48 -13.65 6.31 68.73
N LYS A 49 -12.47 5.69 68.65
CA LYS A 49 -11.18 6.37 68.82
C LYS A 49 -10.97 7.50 67.82
N ILE A 50 -11.10 7.17 66.54
CA ILE A 50 -10.89 8.11 65.43
C ILE A 50 -11.92 9.26 65.49
N VAL A 51 -13.20 8.90 65.67
CA VAL A 51 -14.29 9.89 65.74
C VAL A 51 -14.09 10.87 66.87
N HIS A 52 -13.64 10.37 68.02
CA HIS A 52 -13.43 11.22 69.19
C HIS A 52 -12.41 12.32 68.89
N GLU A 53 -11.23 11.91 68.40
CA GLU A 53 -10.22 12.87 67.97
C GLU A 53 -10.81 13.90 67.01
N MSE A 54 -11.65 13.41 66.09
CA MSE A 54 -12.40 14.26 65.16
C MSE A 54 -13.42 15.18 65.82
O MSE A 54 -13.64 16.30 65.38
CB MSE A 54 -13.09 13.39 64.12
CG MSE A 54 -12.47 13.46 62.75
SE MSE A 54 -12.63 11.79 61.76
CE MSE A 54 -14.35 11.18 62.39
N LEU A 55 -14.06 14.69 66.88
CA LEU A 55 -15.00 15.50 67.64
C LEU A 55 -14.25 16.61 68.38
N GLU A 56 -13.06 16.27 68.88
CA GLU A 56 -12.18 17.19 69.60
C GLU A 56 -11.73 18.36 68.73
N ALA A 57 -11.07 18.04 67.62
CA ALA A 57 -10.57 19.05 66.68
C ALA A 57 -11.70 19.73 65.91
N HIS A 58 -12.93 19.22 66.08
CA HIS A 58 -14.14 19.78 65.48
C HIS A 58 -14.28 19.51 63.99
N LEU A 59 -13.49 18.57 63.48
CA LEU A 59 -13.57 18.13 62.07
C LEU A 59 -14.88 17.42 61.81
N VAL A 60 -15.51 16.98 62.90
CA VAL A 60 -16.75 16.21 62.89
C VAL A 60 -17.67 16.68 64.02
N GLN A 61 -18.96 16.77 63.73
CA GLN A 61 -20.00 17.23 64.67
C GLN A 61 -21.13 16.19 64.85
N GLU A 62 -21.84 16.27 65.98
CA GLU A 62 -22.93 15.33 66.30
C GLU A 62 -24.33 15.90 66.05
N LEU A 63 -25.27 15.00 65.79
CA LEU A 63 -26.70 15.33 65.64
C LEU A 63 -27.55 14.08 65.89
N GLY A 77 -26.56 11.16 64.58
CA GLY A 77 -25.35 10.74 63.67
C GLY A 77 -24.22 11.80 63.57
N LEU A 78 -23.13 11.33 62.82
CA LEU A 78 -21.93 12.18 62.67
C LEU A 78 -21.92 12.96 61.35
N VAL A 79 -21.89 14.30 61.50
CA VAL A 79 -21.86 15.19 60.35
C VAL A 79 -20.45 15.80 60.23
N VAL A 80 -20.07 16.13 59.00
CA VAL A 80 -18.85 16.88 58.77
C VAL A 80 -19.05 18.35 59.15
N GLU A 81 -18.17 18.88 59.98
CA GLU A 81 -18.17 20.29 60.31
C GLU A 81 -17.13 20.95 59.42
N THR A 82 -17.56 21.91 58.59
CA THR A 82 -16.69 22.47 57.52
C THR A 82 -16.61 23.99 57.42
N GLU A 83 -17.65 24.69 57.84
CA GLU A 83 -17.68 26.16 57.70
C GLU A 83 -16.44 26.89 58.22
N ALA A 84 -15.89 26.39 59.33
CA ALA A 84 -14.72 26.99 59.97
C ALA A 84 -13.44 26.19 59.72
N TRP A 85 -13.21 25.84 58.45
CA TRP A 85 -12.02 25.14 58.01
C TRP A 85 -11.71 25.52 56.56
N HIS A 86 -10.74 26.40 56.35
CA HIS A 86 -10.48 26.92 55.01
C HIS A 86 -9.24 26.37 54.29
N TYR A 87 -9.27 26.45 52.97
CA TYR A 87 -8.05 26.28 52.18
C TYR A 87 -7.99 27.30 51.06
N LEU A 88 -6.77 27.59 50.59
CA LEU A 88 -6.55 28.49 49.48
C LEU A 88 -6.44 27.63 48.23
N SER A 89 -7.29 27.94 47.25
CA SER A 89 -7.32 27.25 45.97
C SER A 89 -6.73 28.17 44.89
N LEU A 90 -5.68 27.70 44.25
CA LEU A 90 -4.94 28.48 43.26
C LEU A 90 -5.05 27.88 41.89
N ARG A 91 -5.14 28.77 40.91
CA ARG A 91 -5.08 28.37 39.54
C ARG A 91 -4.16 29.32 38.76
N ILE A 92 -3.15 28.75 38.13
CA ILE A 92 -2.25 29.51 37.27
C ILE A 92 -2.60 29.20 35.81
N SER A 93 -2.63 30.25 34.98
CA SER A 93 -2.89 30.12 33.56
C SER A 93 -2.16 31.23 32.78
N ARG A 94 -2.46 31.38 31.49
CA ARG A 94 -1.79 32.38 30.65
C ARG A 94 -1.77 33.78 31.28
N GLY A 95 -0.62 34.14 31.86
CA GLY A 95 -0.41 35.46 32.45
C GLY A 95 -1.34 35.82 33.60
N GLU A 96 -1.85 34.81 34.29
CA GLU A 96 -2.91 34.99 35.26
C GLU A 96 -2.88 34.00 36.40
N ILE A 97 -3.35 34.46 37.55
CA ILE A 97 -3.48 33.63 38.73
C ILE A 97 -4.83 33.89 39.37
N PHE A 98 -5.59 32.82 39.59
CA PHE A 98 -6.85 32.91 40.30
C PHE A 98 -6.57 32.40 41.70
N LEU A 99 -7.01 33.14 42.70
CA LEU A 99 -6.89 32.74 44.10
C LEU A 99 -8.27 32.76 44.67
N ALA A 100 -8.60 31.72 45.43
CA ALA A 100 -9.92 31.61 46.04
C ALA A 100 -9.86 30.96 47.40
N LEU A 101 -10.56 31.52 48.37
CA LEU A 101 -10.60 30.98 49.71
C LEU A 101 -11.83 30.11 49.83
N ARG A 102 -11.69 28.89 50.36
CA ARG A 102 -12.82 27.95 50.35
C ARG A 102 -13.08 27.16 51.63
N ASP A 103 -14.36 26.89 51.92
CA ASP A 103 -14.80 25.88 52.89
C ASP A 103 -14.23 24.52 52.52
N LEU A 104 -13.95 23.68 53.53
CA LEU A 104 -13.57 22.29 53.25
C LEU A 104 -14.66 21.54 52.46
N SER A 105 -15.90 22.03 52.56
CA SER A 105 -16.99 21.54 51.71
C SER A 105 -16.74 21.91 50.25
N SER A 106 -15.85 22.89 50.06
CA SER A 106 -15.50 23.51 48.76
C SER A 106 -16.28 24.80 48.48
N LYS A 107 -17.13 25.20 49.44
CA LYS A 107 -17.89 26.44 49.32
C LYS A 107 -16.97 27.66 49.32
N LEU A 108 -17.10 28.46 48.26
CA LEU A 108 -16.35 29.70 48.05
C LEU A 108 -16.54 30.65 49.23
N VAL A 109 -15.45 31.32 49.61
CA VAL A 109 -15.48 32.35 50.65
C VAL A 109 -15.17 33.72 50.04
N VAL A 110 -14.03 33.80 49.34
CA VAL A 110 -13.72 34.92 48.46
C VAL A 110 -12.87 34.41 47.30
N GLU A 111 -12.78 35.23 46.26
CA GLU A 111 -12.24 34.82 44.99
C GLU A 111 -11.72 36.07 44.27
N GLU A 112 -10.43 36.06 43.96
CA GLU A 112 -9.82 37.17 43.24
C GLU A 112 -8.94 36.65 42.11
N SER A 113 -8.58 37.52 41.17
CA SER A 113 -7.64 37.18 40.12
C SER A 113 -6.65 38.31 39.89
N GLN A 114 -5.43 37.95 39.52
CA GLN A 114 -4.37 38.93 39.32
C GLN A 114 -3.65 38.75 37.98
N GLU A 115 -2.90 39.79 37.61
CA GLU A 115 -1.94 39.74 36.52
C GLU A 115 -0.69 38.91 36.96
N LEU A 116 -0.18 38.07 36.07
CA LEU A 116 1.05 37.31 36.35
C LEU A 116 1.95 37.26 35.10
N ALA A 117 2.45 38.43 34.68
CA ALA A 117 3.15 38.62 33.39
C ALA A 117 4.18 37.56 33.04
N LEU A 118 4.14 37.10 31.79
CA LEU A 118 4.94 35.95 31.34
C LEU A 118 6.46 36.14 31.53
N LYS A 119 6.91 37.40 31.48
CA LYS A 119 8.32 37.76 31.72
C LYS A 119 8.43 38.90 32.74
N ASP A 120 9.33 38.74 33.71
CA ASP A 120 9.49 39.71 34.81
C ASP A 120 10.91 39.69 35.45
N ASP A 121 11.13 40.63 36.38
CA ASP A 121 12.37 40.68 37.17
C ASP A 121 12.35 39.68 38.34
N LEU A 122 11.43 39.89 39.28
CA LEU A 122 11.20 38.93 40.35
C LEU A 122 10.79 37.60 39.73
N PRO A 123 11.53 36.51 40.03
CA PRO A 123 11.17 35.19 39.48
C PRO A 123 9.71 34.85 39.72
N LEU A 124 9.21 33.88 38.98
CA LEU A 124 7.80 33.58 39.02
C LEU A 124 7.36 33.15 40.43
N LEU A 125 8.17 32.28 41.02
CA LEU A 125 7.91 31.76 42.35
C LEU A 125 7.74 32.90 43.34
N ASP A 126 8.59 33.91 43.26
CA ASP A 126 8.45 35.08 44.13
C ASP A 126 7.09 35.72 43.91
N ARG A 127 6.85 36.21 42.70
CA ARG A 127 5.61 36.91 42.38
C ARG A 127 4.39 36.16 42.85
N ILE A 128 4.40 34.84 42.70
CA ILE A 128 3.31 34.00 43.18
C ILE A 128 3.18 34.11 44.69
N ILE A 129 4.26 33.77 45.40
CA ILE A 129 4.26 33.85 46.85
C ILE A 129 3.75 35.24 47.23
N SER A 130 4.35 36.25 46.62
CA SER A 130 3.98 37.65 46.83
C SER A 130 2.48 37.87 46.66
N HIS A 131 1.88 37.20 45.68
CA HIS A 131 0.45 37.34 45.43
C HIS A 131 -0.39 36.78 46.57
N ILE A 132 -0.06 35.55 46.97
CA ILE A 132 -0.70 34.91 48.13
C ILE A 132 -0.60 35.78 49.37
N ASP A 133 0.60 36.25 49.66
CA ASP A 133 0.79 37.13 50.81
C ASP A 133 -0.28 38.17 50.77
N GLN A 134 -0.36 38.87 49.64
CA GLN A 134 -1.30 39.96 49.48
C GLN A 134 -2.75 39.52 49.66
N PHE A 135 -3.10 38.37 49.12
CA PHE A 135 -4.44 37.80 49.31
C PHE A 135 -4.84 37.71 50.78
N PHE A 136 -3.98 37.13 51.61
CA PHE A 136 -4.28 37.02 53.04
C PHE A 136 -4.40 38.37 53.71
N ILE A 137 -3.41 39.23 53.46
CA ILE A 137 -3.41 40.61 53.97
C ILE A 137 -4.74 41.27 53.66
N ARG A 138 -5.21 41.08 52.43
CA ARG A 138 -6.45 41.69 51.95
C ARG A 138 -7.67 41.11 52.65
N HIS A 139 -7.83 39.80 52.56
CA HIS A 139 -9.05 39.17 53.06
C HIS A 139 -8.89 38.59 54.46
N GLN A 140 -8.25 39.35 55.35
CA GLN A 140 -7.91 38.84 56.68
C GLN A 140 -9.13 38.46 57.53
N LYS A 141 -10.06 39.43 57.66
CA LYS A 141 -11.24 39.24 58.52
C LYS A 141 -12.15 38.09 58.10
N LYS A 142 -12.01 37.62 56.87
CA LYS A 142 -12.83 36.51 56.36
C LYS A 142 -12.16 35.14 56.55
N LEU A 143 -10.86 35.13 56.82
CA LEU A 143 -10.11 33.90 57.04
C LEU A 143 -10.53 33.21 58.35
N GLU A 144 -10.56 31.87 58.33
CA GLU A 144 -10.72 31.10 59.54
C GLU A 144 -9.42 30.32 59.74
N ARG A 145 -9.48 28.99 59.85
CA ARG A 145 -8.25 28.18 59.88
C ARG A 145 -7.83 27.83 58.45
N LEU A 146 -6.56 28.07 58.14
CA LEU A 146 -6.01 27.65 56.85
C LEU A 146 -5.45 26.25 57.00
N THR A 147 -6.05 25.31 56.26
CA THR A 147 -5.67 23.92 56.35
C THR A 147 -4.56 23.61 55.37
N SER A 148 -4.69 24.16 54.16
CA SER A 148 -3.82 23.80 53.06
C SER A 148 -3.95 24.76 51.88
N ILE A 149 -3.11 24.61 50.87
CA ILE A 149 -3.23 25.37 49.66
C ILE A 149 -3.24 24.41 48.51
N ALA A 150 -4.29 24.42 47.71
CA ALA A 150 -4.35 23.60 46.52
C ALA A 150 -3.97 24.44 45.31
N ILE A 151 -3.05 23.95 44.48
CA ILE A 151 -2.68 24.66 43.25
C ILE A 151 -2.86 23.81 42.01
N THR A 152 -3.43 24.44 40.98
CA THR A 152 -3.83 23.83 39.74
C THR A 152 -3.29 24.63 38.58
N LEU A 153 -2.60 23.97 37.66
CA LEU A 153 -2.01 24.64 36.51
C LEU A 153 -1.62 23.67 35.39
N PRO A 154 -1.42 24.20 34.16
CA PRO A 154 -0.85 23.39 33.09
C PRO A 154 0.67 23.22 33.23
N GLY A 155 1.23 22.23 32.55
CA GLY A 155 2.66 21.94 32.60
C GLY A 155 2.98 20.54 33.08
N ILE A 156 4.26 20.26 33.26
CA ILE A 156 4.67 18.94 33.75
C ILE A 156 4.90 19.06 35.24
N ILE A 157 4.20 18.21 36.00
CA ILE A 157 4.17 18.38 37.46
C ILE A 157 4.57 17.15 38.28
N ASP A 158 5.54 17.36 39.15
CA ASP A 158 5.87 16.35 40.13
C ASP A 158 4.80 16.50 41.21
N THR A 159 3.67 15.85 41.00
CA THR A 159 2.54 15.94 41.91
C THR A 159 2.97 15.56 43.34
N GLU A 160 3.95 14.67 43.42
CA GLU A 160 4.54 14.22 44.68
C GLU A 160 5.31 15.34 45.47
N ASN A 161 6.16 16.08 44.77
CA ASN A 161 7.08 17.02 45.40
C ASN A 161 6.75 18.49 45.13
N GLY A 162 5.63 18.71 44.46
CA GLY A 162 5.21 20.05 44.05
C GLY A 162 6.23 20.73 43.16
N ILE A 163 7.05 19.94 42.49
CA ILE A 163 8.01 20.48 41.56
C ILE A 163 7.29 20.70 40.23
N VAL A 164 7.38 21.91 39.69
CA VAL A 164 6.96 22.14 38.32
C VAL A 164 8.18 22.02 37.44
N HIS A 165 8.21 20.98 36.63
CA HIS A 165 9.35 20.68 35.78
C HIS A 165 9.45 21.72 34.68
N ARG A 166 8.40 21.80 33.88
CA ARG A 166 8.29 22.79 32.82
C ARG A 166 6.83 23.23 32.88
N MSE A 167 6.50 24.32 32.19
CA MSE A 167 5.10 24.71 32.00
C MSE A 167 4.92 25.71 30.86
O MSE A 167 5.77 26.58 30.66
CB MSE A 167 4.50 25.24 33.29
CG MSE A 167 5.17 26.46 33.79
SE MSE A 167 3.97 27.38 34.98
CE MSE A 167 4.49 26.59 36.68
N PRO A 168 3.81 25.61 30.12
CA PRO A 168 3.72 26.25 28.81
C PRO A 168 4.02 27.75 28.77
N PHE A 169 3.33 28.54 29.58
CA PHE A 169 3.28 29.99 29.35
C PHE A 169 4.44 30.76 29.95
N TYR A 170 5.24 30.07 30.77
CA TYR A 170 6.40 30.65 31.42
C TYR A 170 7.60 29.79 31.11
N GLU A 171 8.21 30.05 29.95
CA GLU A 171 9.39 29.34 29.49
C GLU A 171 10.52 29.35 30.50
N ASP A 172 10.44 30.27 31.47
CA ASP A 172 11.50 30.45 32.44
C ASP A 172 11.39 29.50 33.61
N VAL A 173 10.27 28.76 33.69
CA VAL A 173 10.07 27.75 34.72
C VAL A 173 10.90 26.49 34.42
N LYS A 174 11.80 26.16 35.35
CA LYS A 174 12.53 24.91 35.32
C LYS A 174 12.69 24.40 36.74
N GLU A 175 12.18 23.20 37.00
CA GLU A 175 12.28 22.50 38.30
C GLU A 175 11.84 23.34 39.48
N MSE A 176 10.74 24.08 39.32
CA MSE A 176 10.32 25.05 40.32
C MSE A 176 9.65 24.37 41.52
O MSE A 176 8.58 23.79 41.39
CB MSE A 176 9.39 26.08 39.67
CG MSE A 176 8.92 27.16 40.61
SE MSE A 176 7.76 28.42 39.69
CE MSE A 176 6.15 27.29 39.41
N PRO A 177 10.29 24.45 42.71
CA PRO A 177 9.79 23.73 43.87
C PRO A 177 8.56 24.39 44.51
N LEU A 178 7.52 24.60 43.72
CA LEU A 178 6.32 25.31 44.15
C LEU A 178 5.76 24.76 45.46
N GLY A 179 5.57 23.44 45.51
CA GLY A 179 5.18 22.76 46.75
C GLY A 179 6.11 23.10 47.92
N GLU A 180 7.36 22.62 47.87
CA GLU A 180 8.34 22.89 48.91
C GLU A 180 8.33 24.35 49.36
N ALA A 181 8.61 25.28 48.44
CA ALA A 181 8.64 26.71 48.75
C ALA A 181 7.37 27.25 49.46
N LEU A 182 6.18 27.03 48.90
CA LEU A 182 4.95 27.48 49.55
C LEU A 182 4.69 26.87 50.90
N GLU A 183 5.12 25.64 51.13
CA GLU A 183 4.92 25.03 52.45
C GLU A 183 5.87 25.67 53.40
N GLN A 184 7.10 25.87 52.93
CA GLN A 184 8.14 26.49 53.71
C GLN A 184 7.73 27.92 54.02
N HIS A 185 7.12 28.59 53.05
CA HIS A 185 6.71 29.94 53.26
C HIS A 185 5.44 30.03 54.08
N THR A 186 4.50 29.10 53.89
CA THR A 186 3.24 29.20 54.63
C THR A 186 3.05 28.26 55.81
N GLY A 187 3.73 27.13 55.84
CA GLY A 187 3.61 26.21 56.99
C GLY A 187 2.38 25.33 56.88
N VAL A 188 1.61 25.57 55.82
CA VAL A 188 0.45 24.79 55.48
C VAL A 188 0.83 23.84 54.35
N PRO A 189 0.22 22.64 54.28
CA PRO A 189 0.46 21.69 53.17
C PRO A 189 0.05 22.27 51.82
N VAL A 190 0.76 21.88 50.77
CA VAL A 190 0.59 22.45 49.43
C VAL A 190 0.44 21.35 48.40
N TYR A 191 -0.77 21.23 47.86
CA TYR A 191 -1.11 20.21 46.91
C TYR A 191 -1.15 20.78 45.51
N ILE A 192 -0.35 20.21 44.62
CA ILE A 192 -0.28 20.68 43.23
C ILE A 192 -0.62 19.55 42.29
N GLN A 193 -1.21 19.93 41.16
CA GLN A 193 -1.80 18.99 40.26
C GLN A 193 -1.99 19.71 38.94
N HIS A 194 -2.14 18.96 37.86
CA HIS A 194 -2.39 19.51 36.52
C HIS A 194 -3.88 19.81 36.38
N ASP A 195 -4.22 20.89 35.67
CA ASP A 195 -5.62 21.25 35.40
C ASP A 195 -6.51 20.03 35.20
N ILE A 196 -6.19 19.28 34.17
CA ILE A 196 -7.00 18.20 33.69
C ILE A 196 -7.15 17.09 34.72
N SER A 197 -6.12 16.89 35.54
CA SER A 197 -6.12 15.88 36.57
C SER A 197 -7.02 16.32 37.70
N ALA A 198 -6.85 17.56 38.11
CA ALA A 198 -7.63 18.16 39.16
C ALA A 198 -9.09 18.14 38.70
N TRP A 199 -9.35 18.60 37.47
CA TRP A 199 -10.70 18.65 36.92
C TRP A 199 -11.31 17.26 36.90
N THR A 200 -10.55 16.29 36.43
CA THR A 200 -11.02 14.92 36.39
C THR A 200 -11.43 14.45 37.77
N MSE A 201 -10.68 14.83 38.80
CA MSE A 201 -11.01 14.41 40.17
C MSE A 201 -12.16 15.24 40.71
O MSE A 201 -12.87 14.82 41.62
CB MSE A 201 -9.81 14.56 41.10
CG MSE A 201 -8.53 13.77 40.73
SE MSE A 201 -6.98 14.69 41.68
CE MSE A 201 -7.05 13.82 43.50
N ALA A 202 -12.35 16.43 40.14
CA ALA A 202 -13.37 17.34 40.64
C ALA A 202 -14.74 16.92 40.13
N GLU A 203 -14.78 16.36 38.93
CA GLU A 203 -16.02 15.86 38.38
C GLU A 203 -16.39 14.58 39.08
N ALA A 204 -15.40 13.77 39.45
CA ALA A 204 -15.67 12.54 40.18
C ALA A 204 -16.07 12.83 41.60
N LEU A 205 -15.69 13.97 42.12
CA LEU A 205 -16.08 14.26 43.50
C LEU A 205 -17.33 15.13 43.62
N PHE A 206 -17.45 16.16 42.77
CA PHE A 206 -18.53 17.13 42.88
C PHE A 206 -19.33 17.24 41.63
N GLY A 207 -18.99 16.44 40.63
CA GLY A 207 -19.49 16.71 39.31
C GLY A 207 -20.13 15.55 38.65
N ALA A 208 -19.92 15.50 37.33
CA ALA A 208 -20.68 14.69 36.41
C ALA A 208 -20.38 13.22 36.49
N SER A 209 -19.29 12.85 37.16
CA SER A 209 -18.91 11.47 37.26
C SER A 209 -18.95 10.93 38.68
N ARG A 210 -19.54 11.67 39.62
CA ARG A 210 -19.73 11.15 40.96
C ARG A 210 -20.33 9.77 40.89
N GLY A 211 -19.71 8.81 41.55
CA GLY A 211 -20.27 7.47 41.61
C GLY A 211 -19.49 6.49 40.75
N ALA A 212 -19.01 6.94 39.61
CA ALA A 212 -18.18 6.09 38.77
C ALA A 212 -16.81 5.85 39.40
N ARG A 213 -16.43 4.57 39.51
CA ARG A 213 -15.06 4.20 39.86
C ARG A 213 -14.17 4.25 38.61
N ASP A 214 -14.73 4.52 37.44
CA ASP A 214 -13.98 4.41 36.20
C ASP A 214 -14.49 5.39 35.15
N VAL A 215 -13.64 6.32 34.74
CA VAL A 215 -14.08 7.48 33.99
C VAL A 215 -12.97 7.90 33.07
N ILE A 216 -13.31 8.17 31.83
CA ILE A 216 -12.41 8.93 30.99
C ILE A 216 -12.95 10.34 30.86
N GLN A 217 -12.11 11.32 31.13
CA GLN A 217 -12.60 12.65 30.94
C GLN A 217 -11.73 13.28 29.87
N VAL A 218 -12.37 13.58 28.74
CA VAL A 218 -11.65 14.23 27.66
C VAL A 218 -11.85 15.72 27.69
N VAL A 219 -10.74 16.45 27.64
CA VAL A 219 -10.81 17.91 27.67
C VAL A 219 -10.41 18.49 26.31
N ILE A 220 -11.25 19.34 25.74
CA ILE A 220 -10.98 19.81 24.37
C ILE A 220 -11.16 21.29 24.31
N ASP A 221 -10.04 21.99 24.36
CA ASP A 221 -10.07 23.42 24.49
C ASP A 221 -8.95 23.92 23.58
N HIS A 222 -8.12 24.85 24.07
CA HIS A 222 -6.91 25.23 23.34
C HIS A 222 -5.95 24.04 23.24
N ASN A 223 -6.08 23.10 24.18
CA ASN A 223 -5.34 21.84 24.12
C ASN A 223 -6.29 20.65 24.19
N VAL A 224 -5.85 19.49 23.75
CA VAL A 224 -6.63 18.30 23.95
C VAL A 224 -5.92 17.43 24.99
N GLY A 225 -6.64 17.06 26.04
CA GLY A 225 -6.06 16.23 27.07
C GLY A 225 -7.12 15.28 27.57
N ALA A 226 -6.74 14.45 28.53
CA ALA A 226 -7.69 13.56 29.14
C ALA A 226 -7.19 13.15 30.49
N GLY A 227 -8.12 12.96 31.41
CA GLY A 227 -7.86 12.27 32.66
C GLY A 227 -8.65 10.98 32.64
N VAL A 228 -8.13 9.99 33.34
CA VAL A 228 -8.73 8.69 33.39
C VAL A 228 -8.67 8.29 34.85
N ILE A 229 -9.79 7.85 35.39
CA ILE A 229 -9.82 7.23 36.68
C ILE A 229 -10.14 5.79 36.37
N THR A 230 -9.31 4.85 36.81
CA THR A 230 -9.77 3.45 36.97
C THR A 230 -9.63 3.00 38.40
N ASP A 231 -10.61 2.21 38.85
CA ASP A 231 -10.72 1.86 40.25
C ASP A 231 -10.52 3.09 41.13
N GLY A 232 -11.43 4.04 41.02
CA GLY A 232 -11.36 5.28 41.79
C GLY A 232 -10.01 5.98 41.93
N HIS A 233 -9.05 5.62 41.09
CA HIS A 233 -7.70 6.17 41.14
C HIS A 233 -7.32 6.91 39.89
N LEU A 234 -6.72 8.07 40.06
CA LEU A 234 -6.23 8.80 38.91
C LEU A 234 -5.17 7.95 38.26
N LEU A 235 -5.26 7.80 36.95
CA LEU A 235 -4.22 7.12 36.20
C LEU A 235 -3.01 8.03 36.28
N HIS A 236 -1.83 7.43 36.46
CA HIS A 236 -0.58 8.20 36.46
C HIS A 236 -0.41 9.00 37.75
N ALA A 237 -1.27 8.74 38.73
CA ALA A 237 -1.13 9.30 40.07
C ALA A 237 0.31 9.23 40.53
N GLY A 238 0.99 8.13 40.20
CA GLY A 238 2.35 7.87 40.65
C GLY A 238 3.51 8.38 39.78
N SER A 239 3.22 9.31 38.86
CA SER A 239 4.26 9.93 38.05
C SER A 239 3.85 11.31 37.56
N SER A 240 4.69 11.91 36.72
CA SER A 240 4.38 13.23 36.20
C SER A 240 3.77 13.20 34.79
N SER A 241 3.53 12.01 34.25
CA SER A 241 3.03 11.90 32.88
C SER A 241 1.54 12.20 32.77
N LEU A 242 1.13 12.50 31.54
CA LEU A 242 -0.25 12.82 31.27
C LEU A 242 -0.78 11.85 30.25
N VAL A 243 -2.07 11.62 30.30
CA VAL A 243 -2.76 10.98 29.20
C VAL A 243 -2.72 11.94 28.03
N GLU A 244 -1.79 11.67 27.14
CA GLU A 244 -1.54 12.58 26.07
C GLU A 244 -2.38 12.15 24.86
N ILE A 245 -3.72 12.18 24.96
CA ILE A 245 -4.45 11.82 23.75
C ILE A 245 -4.22 12.79 22.62
N GLY A 246 -3.98 14.05 22.93
CA GLY A 246 -3.80 15.07 21.91
C GLY A 246 -2.84 14.63 20.82
N HIS A 247 -1.91 13.74 21.18
CA HIS A 247 -0.85 13.35 20.27
C HIS A 247 -0.99 11.99 19.65
N THR A 248 -2.18 11.39 19.81
CA THR A 248 -2.46 10.14 19.14
C THR A 248 -2.77 10.49 17.69
N GLN A 249 -2.28 9.66 16.77
CA GLN A 249 -2.47 9.93 15.39
C GLN A 249 -3.85 9.53 14.95
N VAL A 250 -4.59 10.52 14.45
CA VAL A 250 -5.92 10.31 13.91
C VAL A 250 -5.97 10.44 12.40
N ASP A 251 -4.85 10.85 11.80
CA ASP A 251 -4.77 11.16 10.36
C ASP A 251 -3.35 11.07 9.84
N PRO A 252 -3.02 9.91 9.24
CA PRO A 252 -1.66 9.64 8.76
C PRO A 252 -1.29 10.58 7.62
N TYR A 253 -2.27 11.26 7.02
CA TYR A 253 -1.98 12.29 5.99
C TYR A 253 -2.17 13.69 6.51
N GLY A 254 -2.38 13.84 7.80
CA GLY A 254 -2.61 15.16 8.38
C GLY A 254 -1.39 16.05 8.48
N LYS A 255 -1.57 17.17 9.16
CA LYS A 255 -0.59 18.21 9.24
C LYS A 255 0.36 18.01 10.40
N ARG A 256 1.53 18.63 10.31
CA ARG A 256 2.55 18.51 11.34
C ARG A 256 2.06 19.11 12.64
N CYS A 257 2.44 18.47 13.73
CA CYS A 257 2.04 18.87 15.07
C CYS A 257 3.28 19.49 15.66
N TYR A 258 3.13 20.29 16.73
CA TYR A 258 4.34 20.93 17.32
C TYR A 258 5.22 19.84 17.92
N CYS A 259 4.64 18.65 18.17
CA CYS A 259 5.40 17.52 18.70
C CYS A 259 6.36 16.97 17.65
N GLY A 260 6.10 17.26 16.39
CA GLY A 260 6.94 16.79 15.29
C GLY A 260 6.29 15.76 14.39
N ASN A 261 5.30 15.05 14.90
CA ASN A 261 4.61 14.01 14.14
C ASN A 261 3.44 14.55 13.35
N HIS A 262 2.80 13.72 12.54
CA HIS A 262 1.70 14.20 11.71
C HIS A 262 0.40 13.63 12.19
N GLY A 263 -0.65 14.43 12.04
CA GLY A 263 -1.98 13.92 12.21
C GLY A 263 -2.42 13.64 13.62
N CYS A 264 -1.74 14.29 14.58
CA CYS A 264 -2.15 14.26 16.00
C CYS A 264 -3.54 14.82 16.18
N LEU A 265 -4.35 14.15 17.00
CA LEU A 265 -5.64 14.66 17.44
C LEU A 265 -5.68 16.17 17.63
N GLU A 266 -4.68 16.72 18.30
CA GLU A 266 -4.69 18.13 18.64
C GLU A 266 -4.71 19.01 17.42
N THR A 267 -4.06 18.53 16.39
CA THR A 267 -3.99 19.08 15.06
C THR A 267 -5.37 19.37 14.49
N ILE A 268 -6.38 18.77 15.09
CA ILE A 268 -7.70 18.73 14.50
C ILE A 268 -8.80 19.00 15.50
N ALA A 269 -8.66 18.56 16.74
CA ALA A 269 -9.72 18.78 17.73
C ALA A 269 -9.45 20.01 18.60
N SER A 270 -8.22 20.49 18.70
CA SER A 270 -8.08 21.73 19.46
C SER A 270 -9.00 22.80 18.84
N VAL A 271 -9.80 23.41 19.70
CA VAL A 271 -10.60 24.55 19.33
C VAL A 271 -9.94 25.40 18.24
N ASP A 272 -8.63 25.59 18.35
CA ASP A 272 -7.96 26.47 17.41
C ASP A 272 -7.92 25.96 15.99
N SER A 273 -7.58 24.69 15.84
CA SER A 273 -7.54 24.04 14.53
C SER A 273 -8.94 23.95 13.98
N ILE A 274 -9.90 23.70 14.86
CA ILE A 274 -11.30 23.60 14.43
C ILE A 274 -11.70 24.89 13.76
N LEU A 275 -11.41 26.01 14.40
CA LEU A 275 -11.77 27.30 13.82
C LEU A 275 -10.92 27.56 12.60
N GLU A 276 -9.66 27.14 12.64
CA GLU A 276 -8.78 27.29 11.48
C GLU A 276 -9.38 26.64 10.27
N LEU A 277 -9.80 25.37 10.41
CA LEU A 277 -10.46 24.64 9.35
C LEU A 277 -11.80 25.24 8.92
N ALA A 278 -12.60 25.63 9.90
CA ALA A 278 -13.85 26.25 9.59
C ALA A 278 -13.60 27.46 8.71
N GLN A 279 -12.56 28.23 9.06
CA GLN A 279 -12.25 29.47 8.38
C GLN A 279 -11.92 29.16 6.94
N LEU A 280 -11.10 28.13 6.76
CA LEU A 280 -10.73 27.67 5.43
C LEU A 280 -11.92 27.30 4.55
N ARG A 281 -12.73 26.37 5.02
CA ARG A 281 -13.85 25.89 4.24
C ARG A 281 -15.01 26.88 4.10
N LEU A 282 -15.15 27.75 5.09
CA LEU A 282 -16.15 28.83 5.04
C LEU A 282 -15.81 29.70 3.86
N ASN A 283 -14.51 29.98 3.69
CA ASN A 283 -14.04 30.92 2.67
C ASN A 283 -14.54 30.61 1.25
N GLN A 284 -14.85 29.34 1.01
CA GLN A 284 -15.47 28.93 -0.26
C GLN A 284 -16.99 28.70 -0.13
N SER A 285 -17.45 28.32 1.06
CA SER A 285 -18.84 27.91 1.23
C SER A 285 -19.76 29.07 1.62
N MSE A 286 -19.90 30.07 0.74
CA MSE A 286 -20.73 31.27 1.02
C MSE A 286 -22.25 30.95 1.16
O MSE A 286 -23.12 31.67 0.64
CB MSE A 286 -20.41 32.45 0.06
CG MSE A 286 -20.57 32.18 -1.44
SE MSE A 286 -22.27 32.87 -2.27
CE MSE A 286 -21.66 34.71 -3.00
N SER A 287 -22.53 29.87 1.88
CA SER A 287 -23.88 29.38 2.21
C SER A 287 -23.91 29.25 3.72
N SER A 288 -22.69 29.18 4.29
CA SER A 288 -22.49 28.99 5.71
C SER A 288 -23.06 30.17 6.49
N MSE A 289 -23.90 29.85 7.47
CA MSE A 289 -24.46 30.85 8.39
C MSE A 289 -23.33 31.59 9.07
O MSE A 289 -23.44 32.79 9.40
CB MSE A 289 -25.28 30.17 9.47
CG MSE A 289 -25.85 28.80 9.12
SE MSE A 289 -27.29 28.43 10.35
CE MSE A 289 -28.36 30.26 10.09
N LEU A 290 -22.26 30.84 9.28
CA LEU A 290 -21.00 31.29 9.84
C LEU A 290 -20.37 32.50 9.14
N HIS A 291 -21.09 33.15 8.21
CA HIS A 291 -20.63 34.38 7.57
C HIS A 291 -21.11 35.66 8.25
N GLY A 292 -22.23 35.58 8.99
CA GLY A 292 -22.84 36.78 9.59
C GLY A 292 -22.12 37.29 10.83
N GLN A 293 -21.63 36.36 11.64
CA GLN A 293 -20.89 36.64 12.87
C GLN A 293 -19.36 36.48 12.61
N PRO A 294 -18.51 37.12 13.43
CA PRO A 294 -17.12 36.63 13.52
C PRO A 294 -17.07 35.15 13.95
N LEU A 295 -15.98 34.47 13.64
CA LEU A 295 -15.94 33.02 13.78
C LEU A 295 -15.48 32.53 15.16
N THR A 296 -16.44 32.24 16.02
CA THR A 296 -16.12 31.73 17.33
C THR A 296 -16.59 30.30 17.41
N VAL A 297 -16.07 29.57 18.40
CA VAL A 297 -16.51 28.21 18.65
C VAL A 297 -17.99 28.19 18.91
N ASP A 298 -18.48 29.25 19.55
CA ASP A 298 -19.90 29.26 19.85
C ASP A 298 -20.76 29.43 18.59
N SER A 299 -20.40 30.37 17.71
CA SER A 299 -21.15 30.57 16.48
C SER A 299 -21.11 29.30 15.64
N LEU A 300 -19.95 28.66 15.56
CA LEU A 300 -19.79 27.34 14.96
C LEU A 300 -20.81 26.33 15.51
N CYS A 301 -20.92 26.22 16.84
CA CYS A 301 -21.81 25.25 17.47
C CYS A 301 -23.26 25.67 17.33
N GLN A 302 -23.49 26.95 17.40
CA GLN A 302 -24.82 27.44 17.19
C GLN A 302 -25.29 27.01 15.78
N ALA A 303 -24.41 27.13 14.79
CA ALA A 303 -24.76 26.82 13.43
C ALA A 303 -24.88 25.30 13.19
N ALA A 304 -23.98 24.52 13.78
CA ALA A 304 -24.18 23.07 13.72
C ALA A 304 -25.58 22.68 14.22
N LEU A 305 -26.06 23.27 15.31
CA LEU A 305 -27.37 22.93 15.85
C LEU A 305 -28.52 23.43 14.98
N ARG A 306 -28.29 24.54 14.30
CA ARG A 306 -29.22 25.04 13.30
C ARG A 306 -29.09 24.23 12.00
N GLY A 307 -28.26 23.18 12.06
CA GLY A 307 -28.10 22.20 10.99
C GLY A 307 -27.30 22.69 9.78
N ASP A 308 -26.36 23.60 10.02
CA ASP A 308 -25.54 24.11 8.93
C ASP A 308 -24.65 22.97 8.47
N LEU A 309 -24.60 22.77 7.15
CA LEU A 309 -23.91 21.60 6.61
C LEU A 309 -22.44 21.61 6.95
N LEU A 310 -21.78 22.75 6.84
CA LEU A 310 -20.37 22.84 7.15
C LEU A 310 -20.13 22.67 8.62
N ALA A 311 -20.87 23.40 9.45
CA ALA A 311 -20.63 23.38 10.87
C ALA A 311 -20.86 21.97 11.36
N LYS A 312 -21.98 21.40 10.93
CA LYS A 312 -22.37 20.09 11.34
C LYS A 312 -21.36 19.10 10.83
N ASP A 313 -20.90 19.28 9.60
CA ASP A 313 -19.82 18.45 9.08
C ASP A 313 -18.59 18.53 9.96
N ILE A 314 -18.09 19.73 10.22
CA ILE A 314 -16.91 19.93 11.06
C ILE A 314 -17.07 19.30 12.45
N ILE A 315 -18.23 19.50 13.09
CA ILE A 315 -18.42 18.93 14.43
C ILE A 315 -18.42 17.40 14.38
N THR A 316 -19.22 16.85 13.47
CA THR A 316 -19.21 15.42 13.20
C THR A 316 -17.80 14.89 12.97
N GLY A 317 -17.04 15.62 12.13
CA GLY A 317 -15.67 15.28 11.78
C GLY A 317 -14.83 15.10 13.04
N VAL A 318 -14.91 16.11 13.92
CA VAL A 318 -14.16 16.09 15.15
C VAL A 318 -14.66 14.91 15.98
N GLY A 319 -15.96 14.70 16.01
CA GLY A 319 -16.51 13.62 16.82
C GLY A 319 -15.95 12.25 16.48
N ALA A 320 -15.87 11.93 15.19
CA ALA A 320 -15.44 10.62 14.75
C ALA A 320 -13.97 10.40 15.04
N HIS A 321 -13.19 11.47 14.97
CA HIS A 321 -11.81 11.34 15.35
C HIS A 321 -11.67 11.01 16.86
N VAL A 322 -12.27 11.82 17.71
CA VAL A 322 -12.26 11.60 19.12
C VAL A 322 -12.86 10.24 19.42
N GLY A 323 -13.99 9.96 18.77
CA GLY A 323 -14.70 8.70 18.88
C GLY A 323 -13.80 7.50 18.70
N ARG A 324 -12.94 7.57 17.69
CA ARG A 324 -12.05 6.47 17.46
C ARG A 324 -11.09 6.23 18.62
N ILE A 325 -10.56 7.30 19.19
CA ILE A 325 -9.59 7.16 20.26
C ILE A 325 -10.35 6.64 21.47
N LEU A 326 -11.52 7.20 21.70
CA LEU A 326 -12.29 6.82 22.82
C LEU A 326 -12.68 5.32 22.75
N ALA A 327 -12.87 4.82 21.54
CA ALA A 327 -13.19 3.43 21.37
C ALA A 327 -12.04 2.61 21.90
N ILE A 328 -10.82 3.01 21.54
CA ILE A 328 -9.62 2.33 22.01
C ILE A 328 -9.48 2.47 23.51
N MSE A 329 -9.78 3.63 24.04
CA MSE A 329 -9.69 3.82 25.46
C MSE A 329 -10.73 3.01 26.24
O MSE A 329 -10.46 2.53 27.34
CB MSE A 329 -9.76 5.28 25.81
CG MSE A 329 -8.63 6.00 25.10
SE MSE A 329 -8.48 7.85 25.63
CE MSE A 329 -7.53 7.59 27.35
N VAL A 330 -11.92 2.85 25.66
CA VAL A 330 -12.94 2.05 26.27
C VAL A 330 -12.41 0.60 26.41
N ASN A 331 -11.85 0.06 25.33
CA ASN A 331 -11.27 -1.28 25.35
C ASN A 331 -10.08 -1.39 26.29
N LEU A 332 -9.39 -0.28 26.49
CA LEU A 332 -8.34 -0.21 27.46
C LEU A 332 -8.82 -0.17 28.88
N PHE A 333 -9.92 0.50 29.16
CA PHE A 333 -10.21 0.99 30.50
C PHE A 333 -11.55 0.62 31.00
N ASN A 334 -12.49 0.47 30.08
CA ASN A 334 -13.88 0.10 30.37
C ASN A 334 -14.54 1.05 31.35
N PRO A 335 -14.61 2.33 31.00
CA PRO A 335 -15.12 3.23 31.99
C PRO A 335 -16.66 3.15 32.05
N GLN A 336 -17.25 3.75 33.09
CA GLN A 336 -18.68 3.82 33.15
C GLN A 336 -19.08 5.15 32.57
N LYS A 337 -18.18 6.11 32.61
CA LYS A 337 -18.59 7.41 32.12
C LYS A 337 -17.52 8.05 31.25
N ILE A 338 -17.98 8.69 30.19
CA ILE A 338 -17.08 9.50 29.40
C ILE A 338 -17.59 10.91 29.51
N LEU A 339 -16.72 11.78 29.99
CA LEU A 339 -17.04 13.19 30.13
C LEU A 339 -16.26 13.97 29.11
N ILE A 340 -16.93 14.86 28.38
CA ILE A 340 -16.21 15.77 27.52
C ILE A 340 -16.21 17.11 28.22
N GLY A 341 -15.03 17.68 28.40
CA GLY A 341 -14.94 19.03 28.95
C GLY A 341 -14.44 19.95 27.87
N SER A 342 -15.34 20.77 27.32
CA SER A 342 -15.03 21.55 26.12
C SER A 342 -16.09 22.60 25.83
N PRO A 343 -15.71 23.71 25.16
CA PRO A 343 -16.71 24.60 24.58
C PRO A 343 -17.60 23.86 23.57
N LEU A 344 -17.08 22.81 22.96
CA LEU A 344 -17.83 22.03 22.00
C LEU A 344 -19.01 21.33 22.62
N SER A 345 -19.05 21.23 23.94
CA SER A 345 -20.23 20.65 24.62
C SER A 345 -21.52 21.40 24.30
N LYS A 346 -21.40 22.62 23.80
CA LYS A 346 -22.58 23.33 23.32
C LYS A 346 -23.20 22.56 22.15
N ALA A 347 -22.36 21.86 21.38
CA ALA A 347 -22.87 21.05 20.30
C ALA A 347 -23.12 19.61 20.74
N ALA A 348 -23.40 19.40 22.02
CA ALA A 348 -23.52 18.02 22.52
C ALA A 348 -24.52 17.13 21.73
N ASP A 349 -25.71 17.67 21.41
CA ASP A 349 -26.73 17.00 20.60
C ASP A 349 -26.19 16.42 19.30
N ILE A 350 -25.12 17.02 18.80
CA ILE A 350 -24.38 16.53 17.64
C ILE A 350 -23.07 15.77 18.00
N LEU A 351 -22.19 16.39 18.78
CA LEU A 351 -20.91 15.78 19.10
C LEU A 351 -21.07 14.42 19.79
N PHE A 352 -21.96 14.34 20.79
CA PHE A 352 -22.03 13.15 21.65
C PHE A 352 -22.55 11.91 20.95
N PRO A 353 -23.68 12.01 20.22
CA PRO A 353 -24.11 10.83 19.48
C PRO A 353 -23.05 10.30 18.52
N VAL A 354 -22.23 11.18 17.95
CA VAL A 354 -21.23 10.75 17.00
C VAL A 354 -20.14 10.00 17.77
N ILE A 355 -19.83 10.48 18.96
CA ILE A 355 -18.84 9.83 19.78
C ILE A 355 -19.41 8.51 20.26
N SER A 356 -20.66 8.50 20.71
CA SER A 356 -21.26 7.27 21.19
C SER A 356 -21.28 6.22 20.13
N ASP A 357 -21.49 6.64 18.90
CA ASP A 357 -21.67 5.67 17.84
C ASP A 357 -20.35 5.05 17.45
N SER A 358 -19.30 5.85 17.46
CA SER A 358 -17.96 5.33 17.31
C SER A 358 -17.68 4.24 18.34
N ILE A 359 -17.87 4.55 19.63
CA ILE A 359 -17.59 3.61 20.66
C ILE A 359 -18.36 2.33 20.37
N ARG A 360 -19.65 2.46 20.12
CA ARG A 360 -20.49 1.29 19.82
C ARG A 360 -20.06 0.53 18.59
N GLN A 361 -19.53 1.22 17.59
CA GLN A 361 -19.06 0.58 16.37
C GLN A 361 -17.77 -0.13 16.62
N GLN A 362 -16.90 0.51 17.39
CA GLN A 362 -15.51 0.14 17.37
C GLN A 362 -14.98 -0.62 18.58
N ALA A 363 -15.68 -0.57 19.69
CA ALA A 363 -15.14 -1.13 20.92
C ALA A 363 -15.87 -2.38 21.27
N LEU A 364 -15.39 -3.08 22.30
CA LEU A 364 -15.94 -4.39 22.71
C LEU A 364 -17.39 -4.23 23.12
N PRO A 365 -18.34 -4.88 22.43
CA PRO A 365 -19.76 -4.79 22.80
C PRO A 365 -20.00 -4.79 24.30
N ALA A 366 -19.40 -5.73 25.04
CA ALA A 366 -19.58 -5.78 26.48
C ALA A 366 -19.26 -4.45 27.12
N TYR A 367 -18.26 -3.77 26.61
CA TYR A 367 -17.88 -2.50 27.15
C TYR A 367 -18.65 -1.33 26.53
N SER A 368 -19.16 -1.49 25.31
CA SER A 368 -19.81 -0.36 24.66
C SER A 368 -21.28 -0.25 25.01
N GLN A 369 -21.81 -1.31 25.62
CA GLN A 369 -23.24 -1.50 25.81
C GLN A 369 -23.95 -0.40 26.58
N HIS A 370 -23.47 -0.03 27.76
CA HIS A 370 -24.26 0.92 28.54
C HIS A 370 -23.54 2.21 28.91
N ILE A 371 -22.75 2.72 27.97
CA ILE A 371 -21.81 3.75 28.29
C ILE A 371 -22.33 5.10 27.93
N SER A 372 -22.18 6.05 28.84
CA SER A 372 -22.74 7.37 28.66
C SER A 372 -21.64 8.38 28.37
N VAL A 373 -21.80 9.04 27.22
CA VAL A 373 -20.95 10.14 26.87
C VAL A 373 -21.75 11.38 27.25
N GLU A 374 -21.42 11.94 28.41
CA GLU A 374 -22.10 13.14 28.89
C GLU A 374 -21.10 14.31 29.04
N SER A 375 -21.62 15.51 29.23
CA SER A 375 -20.79 16.68 29.37
C SER A 375 -20.27 16.82 30.79
N THR A 376 -19.10 17.40 30.90
CA THR A 376 -18.46 17.74 32.14
C THR A 376 -19.41 18.67 32.89
N GLN A 377 -19.50 18.58 34.21
CA GLN A 377 -20.45 19.42 34.94
C GLN A 377 -19.95 20.87 35.13
N PHE A 378 -18.63 21.00 35.24
CA PHE A 378 -17.96 22.28 35.38
C PHE A 378 -17.21 22.58 34.11
N SER A 379 -16.97 23.86 33.82
CA SER A 379 -16.14 24.18 32.68
C SER A 379 -14.67 24.33 33.10
N ASN A 380 -14.41 24.12 34.37
CA ASN A 380 -13.16 24.54 34.97
C ASN A 380 -12.68 25.93 34.47
N GLN A 381 -13.50 26.93 34.76
CA GLN A 381 -13.05 28.29 34.93
C GLN A 381 -12.61 28.32 36.36
N GLY A 382 -11.79 29.30 36.74
CA GLY A 382 -11.33 29.39 38.12
C GLY A 382 -11.02 28.08 38.86
N THR A 383 -11.27 28.10 40.16
CA THR A 383 -10.64 27.20 41.12
C THR A 383 -11.51 26.08 41.67
N MSE A 384 -12.59 25.77 40.97
CA MSE A 384 -13.54 24.76 41.45
C MSE A 384 -12.91 23.36 41.55
O MSE A 384 -13.54 22.41 42.01
CB MSE A 384 -14.84 24.76 40.60
CG MSE A 384 -14.66 24.66 39.08
SE MSE A 384 -15.98 25.71 37.99
CE MSE A 384 -17.56 25.70 39.20
N ALA A 385 -11.63 23.28 41.17
CA ALA A 385 -10.91 22.02 41.03
C ALA A 385 -9.94 21.76 42.18
N GLY A 386 -9.18 22.78 42.57
CA GLY A 386 -8.38 22.73 43.78
C GLY A 386 -9.15 21.96 44.85
N ALA A 387 -10.42 22.32 45.03
CA ALA A 387 -11.32 21.61 45.91
C ALA A 387 -11.08 20.10 45.95
N ALA A 388 -10.84 19.50 44.78
CA ALA A 388 -10.71 18.05 44.71
C ALA A 388 -9.40 17.61 45.35
N LEU A 389 -8.37 18.43 45.14
CA LEU A 389 -7.07 18.15 45.73
C LEU A 389 -7.13 18.07 47.24
N VAL A 390 -7.77 19.07 47.87
CA VAL A 390 -7.93 19.10 49.32
C VAL A 390 -8.77 17.93 49.82
N LYS A 391 -9.97 17.77 49.26
CA LYS A 391 -10.85 16.64 49.58
C LYS A 391 -10.14 15.30 49.53
N ASP A 392 -9.29 15.12 48.51
CA ASP A 392 -8.49 13.91 48.36
C ASP A 392 -7.51 13.72 49.52
N ALA A 393 -6.81 14.80 49.88
CA ALA A 393 -5.88 14.78 50.98
C ALA A 393 -6.63 14.56 52.30
N MSE A 394 -7.91 14.95 52.33
CA MSE A 394 -8.79 14.70 53.48
C MSE A 394 -9.30 13.26 53.57
O MSE A 394 -9.83 12.83 54.60
CB MSE A 394 -9.98 15.67 53.44
CG MSE A 394 -9.67 17.08 53.88
SE MSE A 394 -8.86 17.05 55.66
CE MSE A 394 -10.48 16.92 56.72
N TYR A 395 -9.14 12.52 52.48
CA TYR A 395 -9.74 11.21 52.31
C TYR A 395 -8.69 10.12 52.38
N ASN A 396 -7.46 10.43 51.97
CA ASN A 396 -6.33 9.53 52.18
C ASN A 396 -5.78 9.72 53.59
N GLY A 397 -6.28 10.75 54.26
CA GLY A 397 -6.01 10.98 55.67
C GLY A 397 -4.73 11.73 55.97
N SER A 398 -4.03 12.16 54.92
CA SER A 398 -2.75 12.86 55.07
C SER A 398 -2.96 14.25 55.69
N LEU A 399 -3.88 15.00 55.11
CA LEU A 399 -4.28 16.29 55.65
C LEU A 399 -4.92 16.09 57.00
N LEU A 400 -5.67 15.00 57.15
CA LEU A 400 -6.37 14.67 58.41
C LEU A 400 -5.44 14.47 59.60
N ILE A 401 -4.41 13.65 59.39
CA ILE A 401 -3.31 13.50 60.34
C ILE A 401 -2.67 14.87 60.65
N ARG A 402 -2.34 15.65 59.62
CA ARG A 402 -1.80 17.01 59.82
C ARG A 402 -2.76 17.85 60.67
N LEU A 403 -4.05 17.75 60.37
CA LEU A 403 -5.06 18.57 61.05
C LEU A 403 -5.35 18.16 62.50
N LEU A 404 -4.97 16.95 62.86
CA LEU A 404 -5.08 16.49 64.24
C LEU A 404 -3.76 16.73 65.00
N GLN A 405 -2.91 17.55 64.38
CA GLN A 405 -1.62 18.00 64.95
C GLN A 405 -1.78 19.09 66.02
N GLY A 406 -2.66 20.05 65.77
CA GLY A 406 -2.95 21.12 66.73
C GLY A 406 -2.39 22.47 66.32
N GLN B 12 -8.56 -9.15 56.64
CA GLN B 12 -8.13 -8.60 55.32
C GLN B 12 -6.74 -7.99 55.45
N ILE B 13 -6.57 -7.21 56.50
CA ILE B 13 -5.26 -6.72 56.89
C ILE B 13 -4.32 -7.91 57.12
N LYS B 14 -4.82 -8.91 57.85
CA LYS B 14 -4.16 -10.19 58.01
C LYS B 14 -3.79 -10.75 56.64
N GLN B 15 -4.72 -10.72 55.70
CA GLN B 15 -4.48 -11.33 54.38
C GLN B 15 -3.26 -10.75 53.67
N THR B 16 -3.23 -9.43 53.49
CA THR B 16 -2.08 -8.77 52.90
C THR B 16 -0.77 -9.13 53.62
N ASN B 17 -0.73 -8.88 54.91
CA ASN B 17 0.47 -9.13 55.70
C ASN B 17 1.06 -10.51 55.52
N ALA B 18 0.23 -11.54 55.66
CA ALA B 18 0.67 -12.91 55.46
C ALA B 18 1.27 -13.06 54.07
N GLY B 19 0.55 -12.55 53.08
CA GLY B 19 1.04 -12.67 51.72
C GLY B 19 2.34 -11.94 51.49
N ALA B 20 2.45 -10.74 52.04
CA ALA B 20 3.68 -9.96 51.93
C ALA B 20 4.83 -10.67 52.59
N VAL B 21 4.54 -11.44 53.64
CA VAL B 21 5.59 -12.13 54.35
C VAL B 21 5.92 -13.41 53.62
N TYR B 22 4.90 -14.03 53.04
CA TYR B 22 5.14 -15.22 52.24
C TYR B 22 6.00 -14.91 51.06
N ARG B 23 5.65 -13.84 50.35
CA ARG B 23 6.41 -13.33 49.23
C ARG B 23 7.89 -13.28 49.60
N LEU B 24 8.19 -12.66 50.73
CA LEU B 24 9.58 -12.49 51.16
C LEU B 24 10.27 -13.81 51.39
N ILE B 25 9.68 -14.68 52.19
CA ILE B 25 10.23 -16.01 52.39
C ILE B 25 10.49 -16.69 51.03
N ASP B 26 9.47 -16.63 50.17
CA ASP B 26 9.58 -17.23 48.85
C ASP B 26 10.79 -16.64 48.10
N GLN B 27 10.92 -15.33 48.15
CA GLN B 27 11.88 -14.64 47.32
C GLN B 27 13.26 -14.61 47.93
N LEU B 28 13.34 -14.49 49.25
CA LEU B 28 14.60 -14.28 49.91
C LEU B 28 15.06 -15.44 50.79
N GLY B 29 14.19 -16.39 51.07
CA GLY B 29 14.53 -17.52 51.93
C GLY B 29 15.76 -18.28 51.43
N PRO B 30 16.63 -18.77 52.35
CA PRO B 30 16.65 -18.57 53.80
C PRO B 30 16.68 -17.11 54.20
N VAL B 31 15.75 -16.74 55.08
CA VAL B 31 15.63 -15.38 55.58
C VAL B 31 15.11 -15.42 57.03
N SER B 32 15.48 -14.43 57.84
CA SER B 32 15.17 -14.47 59.24
C SER B 32 13.87 -13.76 59.60
N ARG B 33 13.29 -14.17 60.73
CA ARG B 33 12.16 -13.47 61.33
C ARG B 33 12.44 -11.99 61.56
N ILE B 34 13.66 -11.70 62.03
CA ILE B 34 14.09 -10.33 62.24
C ILE B 34 14.10 -9.53 60.95
N ASP B 35 14.58 -10.13 59.85
CA ASP B 35 14.68 -9.48 58.55
C ASP B 35 13.32 -9.23 57.93
N LEU B 36 12.45 -10.23 58.01
CA LEU B 36 11.08 -10.12 57.53
C LEU B 36 10.43 -8.94 58.18
N SER B 37 10.73 -8.76 59.46
CA SER B 37 10.17 -7.66 60.24
C SER B 37 10.44 -6.30 59.60
N ARG B 38 11.69 -6.02 59.23
CA ARG B 38 12.01 -4.73 58.65
C ARG B 38 11.52 -4.65 57.21
N LEU B 39 11.73 -5.71 56.45
CA LEU B 39 11.38 -5.71 55.03
C LEU B 39 9.88 -5.62 54.79
N ALA B 40 9.10 -6.34 55.60
CA ALA B 40 7.64 -6.26 55.52
C ALA B 40 7.07 -5.11 56.32
N GLN B 41 7.93 -4.38 57.02
CA GLN B 41 7.52 -3.31 57.92
C GLN B 41 6.37 -3.77 58.83
N LEU B 42 6.68 -4.74 59.67
CA LEU B 42 5.71 -5.33 60.56
C LEU B 42 6.39 -5.72 61.87
N ALA B 43 5.72 -5.42 62.98
CA ALA B 43 6.18 -5.78 64.31
C ALA B 43 6.73 -7.21 64.33
N PRO B 44 7.89 -7.39 64.96
CA PRO B 44 8.41 -8.74 65.17
C PRO B 44 7.32 -9.72 65.65
N ALA B 45 6.43 -9.23 66.53
CA ALA B 45 5.31 -10.01 67.06
C ALA B 45 4.38 -10.48 65.94
N SER B 46 3.98 -9.58 65.05
CA SER B 46 3.20 -9.97 63.87
C SER B 46 3.99 -11.02 63.09
N ILE B 47 5.24 -10.72 62.76
CA ILE B 47 6.05 -11.69 62.04
C ILE B 47 6.05 -13.03 62.76
N THR B 48 6.31 -13.04 64.06
CA THR B 48 6.29 -14.30 64.78
C THR B 48 4.99 -15.06 64.52
N LYS B 49 3.86 -14.37 64.68
CA LYS B 49 2.54 -14.97 64.60
C LYS B 49 2.30 -15.55 63.22
N ILE B 50 2.48 -14.70 62.22
CA ILE B 50 2.27 -15.09 60.85
C ILE B 50 3.17 -16.29 60.51
N VAL B 51 4.44 -16.21 60.87
CA VAL B 51 5.41 -17.25 60.54
C VAL B 51 5.10 -18.58 61.23
N HIS B 52 4.59 -18.49 62.45
CA HIS B 52 4.29 -19.67 63.22
C HIS B 52 3.06 -20.41 62.66
N GLU B 53 2.11 -19.65 62.13
CA GLU B 53 0.99 -20.29 61.49
C GLU B 53 1.52 -21.01 60.27
N MSE B 54 2.42 -20.33 59.56
CA MSE B 54 3.01 -20.89 58.35
C MSE B 54 3.82 -22.13 58.63
O MSE B 54 3.78 -23.07 57.84
CB MSE B 54 3.84 -19.83 57.64
CG MSE B 54 3.08 -19.16 56.54
SE MSE B 54 3.77 -17.46 55.84
CE MSE B 54 5.57 -17.47 56.44
N LEU B 55 4.50 -22.16 59.76
CA LEU B 55 5.27 -23.33 60.12
C LEU B 55 4.35 -24.48 60.47
N GLU B 56 3.32 -24.18 61.25
CA GLU B 56 2.33 -25.19 61.67
C GLU B 56 1.50 -25.75 60.51
N ALA B 57 1.54 -25.10 59.36
CA ALA B 57 0.80 -25.58 58.18
C ALA B 57 1.73 -26.25 57.16
N HIS B 58 3.03 -26.15 57.39
CA HIS B 58 4.09 -26.66 56.51
C HIS B 58 4.09 -25.93 55.19
N LEU B 59 3.74 -24.65 55.27
CA LEU B 59 3.86 -23.75 54.15
C LEU B 59 5.25 -23.21 54.11
N VAL B 60 5.98 -23.45 55.20
CA VAL B 60 7.25 -22.80 55.45
C VAL B 60 8.09 -23.69 56.34
N GLN B 61 9.39 -23.71 56.08
CA GLN B 61 10.30 -24.56 56.80
C GLN B 61 11.45 -23.73 57.34
N GLU B 62 12.10 -24.26 58.39
CA GLU B 62 13.27 -23.65 58.97
C GLU B 62 14.53 -24.38 58.54
N LEU B 63 15.69 -23.73 58.75
CA LEU B 63 17.02 -24.31 58.53
C LEU B 63 17.98 -23.67 59.51
N GLY B 77 17.01 -19.62 59.52
CA GLY B 77 16.29 -18.90 58.48
C GLY B 77 15.05 -19.59 57.92
N LEU B 78 14.11 -18.79 57.42
CA LEU B 78 12.85 -19.26 56.85
C LEU B 78 12.89 -19.54 55.34
N VAL B 79 12.12 -20.54 54.92
CA VAL B 79 12.12 -21.01 53.56
C VAL B 79 10.77 -21.63 53.28
N VAL B 80 10.37 -21.60 52.04
CA VAL B 80 9.07 -22.11 51.66
C VAL B 80 9.12 -23.64 51.58
N GLU B 81 7.97 -24.28 51.82
CA GLU B 81 7.84 -25.71 51.64
C GLU B 81 6.89 -25.90 50.48
N THR B 82 7.41 -26.37 49.35
CA THR B 82 6.60 -26.42 48.14
C THR B 82 6.13 -27.79 47.71
N GLU B 83 6.88 -28.85 48.00
CA GLU B 83 6.57 -30.21 47.53
C GLU B 83 5.19 -30.71 47.91
N ALA B 84 4.89 -30.67 49.20
CA ALA B 84 3.60 -31.09 49.74
C ALA B 84 2.37 -30.36 49.18
N TRP B 85 2.57 -29.28 48.42
CA TRP B 85 1.46 -28.46 47.96
C TRP B 85 1.36 -28.43 46.46
N HIS B 86 0.24 -28.88 45.91
CA HIS B 86 0.08 -28.92 44.46
C HIS B 86 -0.93 -27.90 43.95
N TYR B 87 -0.88 -27.62 42.66
CA TYR B 87 -2.02 -27.03 41.96
C TYR B 87 -2.21 -27.60 40.55
N LEU B 88 -3.44 -27.45 40.03
CA LEU B 88 -3.74 -27.80 38.66
C LEU B 88 -3.61 -26.54 37.82
N SER B 89 -2.81 -26.54 36.76
CA SER B 89 -3.06 -25.44 35.87
C SER B 89 -3.67 -26.00 34.64
N LEU B 90 -4.78 -25.42 34.25
CA LEU B 90 -5.42 -25.74 33.02
C LEU B 90 -5.05 -24.67 32.01
N ARG B 91 -4.83 -25.08 30.79
CA ARG B 91 -4.94 -24.12 29.75
C ARG B 91 -5.91 -24.65 28.70
N ILE B 92 -6.75 -23.76 28.18
CA ILE B 92 -7.64 -24.13 27.10
C ILE B 92 -7.29 -23.33 25.87
N SER B 93 -7.26 -24.00 24.73
CA SER B 93 -7.04 -23.33 23.46
C SER B 93 -7.79 -24.12 22.42
N ARG B 94 -7.63 -23.75 21.15
CA ARG B 94 -8.43 -24.29 20.06
C ARG B 94 -8.41 -25.81 20.08
N GLY B 95 -9.54 -26.38 20.50
CA GLY B 95 -9.74 -27.82 20.52
C GLY B 95 -8.81 -28.59 21.41
N GLU B 96 -8.28 -27.95 22.45
CA GLU B 96 -7.36 -28.63 23.34
C GLU B 96 -7.39 -28.08 24.75
N ILE B 97 -7.34 -29.01 25.70
CA ILE B 97 -7.12 -28.67 27.07
C ILE B 97 -5.77 -29.24 27.53
N PHE B 98 -4.94 -28.38 28.10
CA PHE B 98 -3.74 -28.80 28.82
C PHE B 98 -3.96 -28.81 30.34
N LEU B 99 -3.56 -29.90 30.96
CA LEU B 99 -3.63 -30.04 32.40
C LEU B 99 -2.24 -30.32 32.94
N ALA B 100 -1.88 -29.68 34.03
CA ALA B 100 -0.63 -30.00 34.66
C ALA B 100 -0.80 -29.96 36.16
N LEU B 101 -0.37 -31.03 36.83
CA LEU B 101 -0.19 -31.01 38.27
C LEU B 101 1.18 -30.40 38.55
N ARG B 102 1.23 -29.38 39.40
CA ARG B 102 2.48 -28.74 39.74
C ARG B 102 2.61 -28.40 41.25
N ASP B 103 3.81 -28.53 41.82
CA ASP B 103 4.23 -27.92 43.08
C ASP B 103 3.95 -26.44 43.12
N LEU B 104 3.82 -25.90 44.33
CA LEU B 104 3.88 -24.46 44.52
C LEU B 104 5.16 -23.81 44.03
N SER B 105 6.22 -24.58 43.78
CA SER B 105 7.44 -24.01 43.17
C SER B 105 7.19 -23.87 41.68
N SER B 106 6.12 -24.52 41.22
CA SER B 106 5.70 -24.65 39.80
C SER B 106 6.30 -25.89 39.13
N LYS B 107 7.19 -26.57 39.83
CA LYS B 107 7.70 -27.85 39.35
C LYS B 107 6.56 -28.80 38.93
N LEU B 108 6.76 -29.45 37.80
CA LEU B 108 5.77 -30.28 37.18
C LEU B 108 5.77 -31.64 37.82
N VAL B 109 4.59 -32.10 38.19
CA VAL B 109 4.40 -33.49 38.59
C VAL B 109 3.98 -34.32 37.37
N VAL B 110 2.81 -34.01 36.79
CA VAL B 110 2.32 -34.64 35.55
C VAL B 110 1.56 -33.66 34.67
N GLU B 111 1.68 -33.87 33.37
CA GLU B 111 1.17 -33.02 32.33
C GLU B 111 0.40 -33.95 31.43
N GLU B 112 -0.80 -33.55 31.02
CA GLU B 112 -1.54 -34.17 29.92
C GLU B 112 -2.06 -33.09 29.00
N SER B 113 -2.33 -33.46 27.75
CA SER B 113 -3.21 -32.65 26.90
C SER B 113 -4.26 -33.53 26.25
N GLN B 114 -5.43 -32.97 26.02
CA GLN B 114 -6.55 -33.72 25.54
C GLN B 114 -7.34 -32.90 24.55
N GLU B 115 -7.93 -33.62 23.60
CA GLU B 115 -9.01 -33.15 22.75
C GLU B 115 -10.07 -32.45 23.55
N LEU B 116 -10.43 -31.24 23.13
CA LEU B 116 -11.66 -30.62 23.55
C LEU B 116 -12.41 -30.29 22.29
N ALA B 117 -13.08 -31.27 21.71
CA ALA B 117 -13.83 -31.04 20.47
C ALA B 117 -14.60 -29.72 20.52
N LEU B 118 -14.69 -29.04 19.38
CA LEU B 118 -15.31 -27.72 19.35
C LEU B 118 -16.82 -27.83 19.50
N LYS B 119 -17.43 -28.77 18.76
CA LYS B 119 -18.86 -29.03 18.86
C LYS B 119 -19.09 -30.39 19.50
N ASP B 120 -19.99 -30.43 20.49
CA ASP B 120 -20.36 -31.69 21.17
C ASP B 120 -21.75 -31.55 21.83
N ASP B 121 -22.41 -32.68 22.10
CA ASP B 121 -23.65 -32.73 22.90
C ASP B 121 -23.51 -31.94 24.22
N LEU B 122 -22.52 -32.29 25.02
CA LEU B 122 -22.39 -31.75 26.36
C LEU B 122 -21.85 -30.34 26.34
N PRO B 123 -22.35 -29.49 27.26
CA PRO B 123 -21.78 -28.16 27.44
C PRO B 123 -20.28 -28.24 27.68
N LEU B 124 -19.56 -27.25 27.16
CA LEU B 124 -18.11 -27.19 27.33
C LEU B 124 -17.72 -27.26 28.79
N LEU B 125 -18.47 -26.56 29.64
CA LEU B 125 -18.26 -26.58 31.07
C LEU B 125 -18.13 -27.98 31.62
N ASP B 126 -19.09 -28.85 31.29
CA ASP B 126 -19.06 -30.22 31.77
C ASP B 126 -17.87 -30.94 31.18
N ARG B 127 -17.80 -31.01 29.86
CA ARG B 127 -16.66 -31.61 29.21
C ARG B 127 -15.38 -31.23 29.93
N ILE B 128 -15.26 -29.97 30.34
CA ILE B 128 -14.08 -29.56 31.10
C ILE B 128 -14.00 -30.29 32.45
N ILE B 129 -15.05 -30.21 33.25
CA ILE B 129 -15.02 -30.85 34.54
C ILE B 129 -14.61 -32.34 34.36
N SER B 130 -15.20 -32.95 33.35
CA SER B 130 -14.96 -34.33 32.99
C SER B 130 -13.46 -34.62 32.80
N HIS B 131 -12.76 -33.71 32.12
CA HIS B 131 -11.36 -33.90 31.84
C HIS B 131 -10.58 -33.80 33.13
N ILE B 132 -10.97 -32.85 33.98
CA ILE B 132 -10.31 -32.65 35.25
C ILE B 132 -10.48 -33.91 36.10
N ASP B 133 -11.71 -34.37 36.25
CA ASP B 133 -11.96 -35.55 37.04
C ASP B 133 -11.07 -36.69 36.57
N GLN B 134 -11.01 -36.90 35.25
CA GLN B 134 -10.20 -37.99 34.69
C GLN B 134 -8.75 -37.89 35.08
N PHE B 135 -8.23 -36.68 34.99
CA PHE B 135 -6.90 -36.37 35.43
C PHE B 135 -6.64 -36.80 36.89
N PHE B 136 -7.39 -36.25 37.85
CA PHE B 136 -7.25 -36.69 39.24
C PHE B 136 -7.36 -38.20 39.41
N ILE B 137 -8.31 -38.83 38.73
CA ILE B 137 -8.45 -40.27 38.80
C ILE B 137 -7.18 -40.93 38.29
N ARG B 138 -6.63 -40.42 37.20
CA ARG B 138 -5.48 -41.07 36.59
C ARG B 138 -4.26 -40.92 37.47
N HIS B 139 -4.02 -39.69 37.90
CA HIS B 139 -2.80 -39.34 38.59
C HIS B 139 -3.05 -39.10 40.05
N GLN B 140 -4.06 -39.81 40.57
CA GLN B 140 -4.48 -39.63 41.95
C GLN B 140 -3.34 -39.90 42.91
N LYS B 141 -2.45 -40.80 42.53
CA LYS B 141 -1.36 -41.24 43.41
C LYS B 141 -0.20 -40.25 43.51
N LYS B 142 -0.15 -39.31 42.59
CA LYS B 142 0.91 -38.31 42.58
C LYS B 142 0.49 -37.07 43.34
N LEU B 143 -0.80 -37.02 43.71
CA LEU B 143 -1.39 -35.84 44.30
C LEU B 143 -0.97 -35.65 45.76
N GLU B 144 -0.51 -34.45 46.06
CA GLU B 144 -0.23 -34.01 47.41
C GLU B 144 -1.42 -33.09 47.77
N ARG B 145 -1.30 -32.12 48.68
CA ARG B 145 -2.49 -31.27 48.93
C ARG B 145 -2.78 -30.41 47.73
N LEU B 146 -4.00 -30.52 47.22
CA LEU B 146 -4.43 -29.65 46.11
C LEU B 146 -4.86 -28.31 46.66
N THR B 147 -4.19 -27.26 46.25
CA THR B 147 -4.49 -25.95 46.76
C THR B 147 -5.45 -25.14 45.91
N SER B 148 -5.53 -25.40 44.62
CA SER B 148 -6.24 -24.47 43.76
C SER B 148 -6.13 -24.88 42.33
N ILE B 149 -6.95 -24.28 41.49
CA ILE B 149 -6.81 -24.48 40.07
C ILE B 149 -6.43 -23.16 39.43
N ALA B 150 -5.46 -23.13 38.54
CA ALA B 150 -5.17 -21.89 37.77
C ALA B 150 -5.57 -22.21 36.36
N ILE B 151 -6.43 -21.40 35.79
CA ILE B 151 -6.90 -21.62 34.42
C ILE B 151 -6.50 -20.44 33.52
N THR B 152 -6.17 -20.73 32.28
CA THR B 152 -5.74 -19.68 31.39
C THR B 152 -6.41 -19.92 30.08
N LEU B 153 -7.24 -18.98 29.63
CA LEU B 153 -7.98 -19.27 28.41
C LEU B 153 -8.12 -18.05 27.57
N PRO B 154 -8.47 -18.23 26.29
CA PRO B 154 -8.78 -17.10 25.47
C PRO B 154 -10.24 -16.74 25.69
N GLY B 155 -10.61 -15.55 25.25
CA GLY B 155 -11.99 -15.11 25.38
C GLY B 155 -12.14 -13.76 26.01
N ILE B 156 -13.34 -13.53 26.53
CA ILE B 156 -13.65 -12.34 27.26
C ILE B 156 -14.00 -12.82 28.64
N ILE B 157 -13.17 -12.40 29.57
CA ILE B 157 -13.08 -13.04 30.84
C ILE B 157 -13.22 -12.04 31.94
N ASP B 158 -14.15 -12.35 32.83
CA ASP B 158 -14.29 -11.72 34.12
C ASP B 158 -13.41 -12.54 35.06
N THR B 159 -12.20 -12.07 35.33
CA THR B 159 -11.30 -12.81 36.21
C THR B 159 -11.68 -12.63 37.70
N GLU B 160 -12.54 -11.68 38.00
CA GLU B 160 -12.99 -11.51 39.36
C GLU B 160 -13.81 -12.74 39.70
N ASN B 161 -14.88 -12.96 38.93
CA ASN B 161 -15.85 -14.01 39.18
C ASN B 161 -15.59 -15.32 38.42
N GLY B 162 -14.57 -15.34 37.56
CA GLY B 162 -14.28 -16.50 36.71
C GLY B 162 -15.38 -16.79 35.71
N ILE B 163 -16.00 -15.75 35.15
CA ILE B 163 -17.01 -15.96 34.11
C ILE B 163 -16.42 -15.73 32.70
N VAL B 164 -16.59 -16.73 31.84
CA VAL B 164 -16.21 -16.62 30.44
C VAL B 164 -17.43 -16.10 29.69
N HIS B 165 -17.34 -14.86 29.23
CA HIS B 165 -18.51 -14.24 28.64
C HIS B 165 -18.76 -14.85 27.27
N ARG B 166 -17.78 -14.67 26.40
CA ARG B 166 -17.74 -15.27 25.08
C ARG B 166 -16.31 -15.75 24.93
N MSE B 167 -16.06 -16.70 24.03
CA MSE B 167 -14.69 -17.15 23.82
C MSE B 167 -14.55 -17.64 22.41
O MSE B 167 -15.54 -17.86 21.74
CB MSE B 167 -14.25 -18.20 24.84
CG MSE B 167 -14.97 -19.49 24.76
SE MSE B 167 -13.90 -20.78 25.73
CE MSE B 167 -14.84 -20.79 27.42
N PRO B 168 -13.29 -17.73 21.92
CA PRO B 168 -13.10 -17.89 20.49
C PRO B 168 -13.55 -19.16 19.78
N PHE B 169 -13.29 -20.36 20.27
CA PHE B 169 -13.50 -21.43 19.27
C PHE B 169 -14.72 -22.27 19.53
N TYR B 170 -15.19 -22.18 20.76
CA TYR B 170 -16.39 -22.84 21.21
C TYR B 170 -17.52 -21.83 21.14
N GLU B 171 -18.10 -21.68 19.96
CA GLU B 171 -19.23 -20.75 19.73
C GLU B 171 -20.34 -20.84 20.79
N ASP B 172 -20.54 -22.06 21.34
CA ASP B 172 -21.57 -22.36 22.32
C ASP B 172 -21.46 -21.61 23.64
N VAL B 173 -20.28 -21.11 23.98
CA VAL B 173 -20.02 -20.51 25.29
C VAL B 173 -20.59 -19.10 25.48
N LYS B 174 -21.55 -18.97 26.39
CA LYS B 174 -22.08 -17.66 26.79
C LYS B 174 -22.17 -17.59 28.31
N GLU B 175 -21.69 -16.50 28.88
CA GLU B 175 -21.61 -16.31 30.34
C GLU B 175 -21.35 -17.60 31.15
N MSE B 176 -20.32 -18.33 30.76
CA MSE B 176 -19.97 -19.59 31.40
C MSE B 176 -19.33 -19.39 32.79
O MSE B 176 -18.25 -18.80 32.90
CB MSE B 176 -19.06 -20.41 30.50
CG MSE B 176 -18.76 -21.77 31.05
SE MSE B 176 -17.55 -22.74 29.88
CE MSE B 176 -15.83 -21.92 30.25
N PRO B 177 -19.99 -19.90 33.84
CA PRO B 177 -19.49 -19.73 35.18
C PRO B 177 -18.33 -20.69 35.47
N LEU B 178 -17.30 -20.66 34.63
CA LEU B 178 -16.15 -21.56 34.79
C LEU B 178 -15.62 -21.61 36.23
N GLY B 179 -15.29 -20.45 36.77
CA GLY B 179 -14.72 -20.39 38.12
C GLY B 179 -15.62 -20.99 39.19
N GLU B 180 -16.88 -20.53 39.25
CA GLU B 180 -17.80 -21.00 40.28
C GLU B 180 -18.12 -22.49 40.21
N ALA B 181 -18.39 -23.01 39.02
CA ALA B 181 -18.68 -24.41 38.84
C ALA B 181 -17.49 -25.25 39.28
N LEU B 182 -16.29 -24.80 38.99
CA LEU B 182 -15.14 -25.57 39.40
C LEU B 182 -14.83 -25.51 40.88
N GLU B 183 -15.17 -24.41 41.55
CA GLU B 183 -14.91 -24.30 42.97
C GLU B 183 -15.92 -25.18 43.66
N GLN B 184 -17.17 -25.01 43.23
CA GLN B 184 -18.27 -25.82 43.71
C GLN B 184 -17.85 -27.27 43.63
N HIS B 185 -17.35 -27.66 42.47
CA HIS B 185 -16.98 -29.04 42.19
C HIS B 185 -15.73 -29.57 42.90
N THR B 186 -14.61 -28.84 42.83
CA THR B 186 -13.38 -29.33 43.43
C THR B 186 -13.21 -28.97 44.90
N GLY B 187 -14.04 -28.04 45.39
CA GLY B 187 -13.84 -27.45 46.73
C GLY B 187 -12.53 -26.64 46.90
N VAL B 188 -12.03 -26.06 45.83
CA VAL B 188 -10.74 -25.43 45.89
C VAL B 188 -10.81 -24.10 45.13
N PRO B 189 -10.09 -23.07 45.56
CA PRO B 189 -10.12 -21.79 44.79
C PRO B 189 -9.81 -21.94 43.30
N VAL B 190 -10.64 -21.34 42.45
CA VAL B 190 -10.29 -21.28 41.05
C VAL B 190 -9.77 -19.90 40.55
N TYR B 191 -8.53 -19.84 40.10
CA TYR B 191 -8.00 -18.60 39.56
C TYR B 191 -7.98 -18.68 38.06
N ILE B 192 -8.79 -17.84 37.42
CA ILE B 192 -8.98 -17.86 36.00
C ILE B 192 -8.45 -16.55 35.44
N GLN B 193 -7.71 -16.63 34.36
CA GLN B 193 -7.16 -15.44 33.84
C GLN B 193 -7.15 -15.62 32.32
N HIS B 194 -7.12 -14.50 31.60
CA HIS B 194 -6.97 -14.53 30.17
C HIS B 194 -5.54 -14.95 29.88
N ASP B 195 -5.27 -15.49 28.69
CA ASP B 195 -3.90 -15.90 28.35
C ASP B 195 -3.01 -14.69 28.48
N ILE B 196 -3.49 -13.55 27.98
CA ILE B 196 -2.63 -12.39 27.87
C ILE B 196 -2.38 -11.80 29.25
N SER B 197 -3.39 -11.79 30.11
CA SER B 197 -3.13 -11.15 31.36
C SER B 197 -2.21 -12.07 32.16
N ALA B 198 -2.48 -13.39 32.09
CA ALA B 198 -1.65 -14.42 32.75
C ALA B 198 -0.19 -14.25 32.36
N TRP B 199 0.04 -14.02 31.07
CA TRP B 199 1.38 -13.94 30.54
C TRP B 199 2.01 -12.65 31.03
N THR B 200 1.22 -11.58 31.06
CA THR B 200 1.73 -10.29 31.53
C THR B 200 2.21 -10.42 32.98
N MSE B 201 1.40 -11.07 33.81
CA MSE B 201 1.75 -11.37 35.19
C MSE B 201 2.98 -12.24 35.32
O MSE B 201 3.79 -12.05 36.24
CB MSE B 201 0.59 -12.03 35.91
CG MSE B 201 -0.68 -11.23 35.88
SE MSE B 201 -2.15 -12.31 36.59
CE MSE B 201 -1.50 -12.60 38.44
N ALA B 202 3.14 -13.21 34.43
CA ALA B 202 4.34 -14.05 34.47
C ALA B 202 5.58 -13.26 34.18
N GLU B 203 5.50 -12.34 33.21
CA GLU B 203 6.64 -11.58 32.81
C GLU B 203 6.90 -10.60 33.92
N ALA B 204 5.85 -10.07 34.54
CA ALA B 204 5.99 -9.19 35.71
C ALA B 204 6.72 -9.87 36.86
N LEU B 205 6.24 -11.05 37.29
CA LEU B 205 6.87 -11.77 38.42
C LEU B 205 8.23 -12.41 38.08
N PHE B 206 8.30 -13.13 36.98
CA PHE B 206 9.45 -13.95 36.71
C PHE B 206 10.20 -13.43 35.53
N GLY B 207 9.57 -12.59 34.74
CA GLY B 207 10.13 -12.34 33.43
C GLY B 207 10.79 -11.03 33.23
N ALA B 208 10.59 -10.53 32.02
CA ALA B 208 11.31 -9.43 31.43
C ALA B 208 10.89 -8.10 31.98
N SER B 209 9.85 -8.09 32.79
CA SER B 209 9.28 -6.86 33.33
C SER B 209 9.26 -6.82 34.89
N ARG B 210 10.03 -7.69 35.51
CA ARG B 210 10.27 -7.57 36.94
C ARG B 210 10.79 -6.19 37.29
N GLY B 211 10.24 -5.63 38.38
CA GLY B 211 10.62 -4.34 38.91
C GLY B 211 10.60 -3.23 37.89
N ALA B 212 9.64 -3.31 36.97
CA ALA B 212 9.38 -2.25 36.02
C ALA B 212 8.08 -1.57 36.42
N ARG B 213 7.99 -0.25 36.30
CA ARG B 213 6.84 0.50 36.80
C ARG B 213 5.80 0.63 35.67
N ASP B 214 6.30 0.86 34.47
CA ASP B 214 5.46 1.20 33.36
C ASP B 214 5.88 0.40 32.14
N VAL B 215 5.11 -0.64 31.88
CA VAL B 215 5.35 -1.57 30.80
C VAL B 215 4.06 -1.73 30.00
N ILE B 216 4.17 -1.93 28.68
CA ILE B 216 3.03 -2.47 27.93
C ILE B 216 3.51 -3.74 27.28
N GLN B 217 2.82 -4.85 27.57
CA GLN B 217 3.11 -6.12 26.95
C GLN B 217 2.06 -6.42 25.88
N VAL B 218 2.52 -6.59 24.65
CA VAL B 218 1.64 -6.90 23.56
C VAL B 218 1.78 -8.35 23.24
N VAL B 219 0.66 -8.98 22.93
CA VAL B 219 0.78 -10.37 22.63
C VAL B 219 0.14 -10.58 21.29
N ILE B 220 0.90 -11.18 20.37
CA ILE B 220 0.41 -11.53 19.05
C ILE B 220 0.56 -13.04 18.92
N ASP B 221 -0.58 -13.72 18.95
CA ASP B 221 -0.69 -15.12 19.30
C ASP B 221 -1.91 -15.59 18.56
N HIS B 222 -2.49 -16.64 19.10
CA HIS B 222 -3.85 -16.96 18.77
C HIS B 222 -4.76 -15.81 19.23
N ASN B 223 -4.32 -15.07 20.25
CA ASN B 223 -4.97 -13.85 20.67
C ASN B 223 -4.13 -12.62 20.27
N VAL B 224 -4.78 -11.46 20.09
CA VAL B 224 -4.06 -10.21 20.04
C VAL B 224 -4.52 -9.37 21.21
N GLY B 225 -3.58 -8.79 21.97
CA GLY B 225 -3.94 -7.95 23.09
C GLY B 225 -2.75 -7.50 23.88
N ALA B 226 -3.00 -6.95 25.06
CA ALA B 226 -1.96 -6.32 25.83
C ALA B 226 -2.28 -6.41 27.30
N GLY B 227 -1.25 -6.45 28.12
CA GLY B 227 -1.43 -6.17 29.54
C GLY B 227 -0.71 -4.88 29.77
N VAL B 228 -1.10 -4.11 30.79
CA VAL B 228 -0.38 -2.89 31.08
C VAL B 228 0.03 -2.87 32.50
N ILE B 229 1.24 -2.43 32.76
CA ILE B 229 1.65 -2.15 34.12
C ILE B 229 1.92 -0.67 34.20
N THR B 230 1.20 -0.02 35.11
CA THR B 230 1.37 1.40 35.35
C THR B 230 1.70 1.60 36.79
N ASP B 231 2.58 2.55 37.06
CA ASP B 231 3.02 2.85 38.41
C ASP B 231 3.26 1.58 39.20
N GLY B 232 3.80 0.56 38.54
CA GLY B 232 4.12 -0.70 39.18
C GLY B 232 2.96 -1.64 39.38
N HIS B 233 1.77 -1.27 38.91
CA HIS B 233 0.63 -2.13 39.13
C HIS B 233 -0.03 -2.60 37.84
N LEU B 234 -0.45 -3.87 37.82
CA LEU B 234 -1.13 -4.48 36.66
C LEU B 234 -2.50 -3.85 36.48
N LEU B 235 -2.67 -3.10 35.41
CA LEU B 235 -3.94 -2.50 35.12
C LEU B 235 -5.04 -3.55 35.18
N HIS B 236 -6.14 -3.22 35.86
CA HIS B 236 -7.29 -4.11 36.00
C HIS B 236 -7.07 -5.32 36.92
N ALA B 237 -5.84 -5.49 37.39
CA ALA B 237 -5.56 -6.57 38.32
C ALA B 237 -6.77 -6.87 39.22
N GLY B 238 -7.23 -8.11 39.15
CA GLY B 238 -8.29 -8.62 40.00
C GLY B 238 -9.60 -7.84 39.89
N SER B 239 -9.89 -7.33 38.70
CA SER B 239 -11.20 -6.73 38.48
C SER B 239 -11.82 -7.64 37.45
N SER B 240 -13.09 -7.36 37.14
CA SER B 240 -13.83 -8.17 36.17
C SER B 240 -13.79 -7.63 34.75
N SER B 241 -12.84 -6.75 34.46
CA SER B 241 -12.65 -6.26 33.10
C SER B 241 -11.17 -6.33 32.74
N LEU B 242 -10.86 -6.57 31.48
CA LEU B 242 -9.48 -6.67 31.06
C LEU B 242 -9.18 -5.61 30.02
N VAL B 243 -7.89 -5.46 29.71
CA VAL B 243 -7.51 -4.69 28.57
C VAL B 243 -7.93 -5.52 27.38
N GLU B 244 -8.66 -4.91 26.46
CA GLU B 244 -9.30 -5.67 25.41
C GLU B 244 -9.11 -4.98 24.06
N ILE B 245 -7.87 -4.55 23.80
CA ILE B 245 -7.55 -3.90 22.55
C ILE B 245 -7.67 -4.79 21.33
N GLY B 246 -7.73 -6.08 21.49
CA GLY B 246 -7.76 -6.96 20.32
C GLY B 246 -9.10 -6.80 19.64
N HIS B 247 -10.06 -6.28 20.41
CA HIS B 247 -11.40 -6.05 19.91
C HIS B 247 -11.69 -4.60 19.63
N THR B 248 -10.67 -3.84 19.23
CA THR B 248 -10.93 -2.53 18.67
C THR B 248 -11.04 -2.72 17.15
N GLN B 249 -12.17 -2.37 16.59
CA GLN B 249 -12.40 -2.61 15.19
C GLN B 249 -11.40 -1.88 14.30
N VAL B 250 -10.73 -2.59 13.39
CA VAL B 250 -9.87 -1.93 12.41
C VAL B 250 -10.44 -2.08 11.02
N ASP B 251 -11.26 -3.11 10.81
CA ASP B 251 -11.97 -3.21 9.53
C ASP B 251 -13.48 -3.22 9.71
N PRO B 252 -14.14 -2.10 9.36
CA PRO B 252 -15.60 -2.00 9.42
C PRO B 252 -16.32 -3.07 8.57
N TYR B 253 -15.60 -3.77 7.71
CA TYR B 253 -16.17 -4.79 6.85
C TYR B 253 -15.59 -6.19 7.07
N GLY B 254 -14.77 -6.33 8.10
CA GLY B 254 -14.11 -7.59 8.39
C GLY B 254 -15.00 -8.72 8.91
N LYS B 255 -14.37 -9.84 9.23
CA LYS B 255 -15.04 -11.05 9.63
C LYS B 255 -15.55 -10.93 11.04
N ARG B 256 -16.62 -11.65 11.32
CA ARG B 256 -17.24 -11.67 12.64
C ARG B 256 -16.26 -12.18 13.67
N CYS B 257 -16.19 -11.48 14.80
CA CYS B 257 -15.40 -11.86 15.95
C CYS B 257 -16.29 -12.46 17.02
N TYR B 258 -15.74 -13.32 17.88
CA TYR B 258 -16.54 -13.97 18.92
C TYR B 258 -17.01 -12.97 19.97
N CYS B 259 -16.34 -11.82 20.07
CA CYS B 259 -16.79 -10.73 20.95
C CYS B 259 -18.16 -10.20 20.54
N GLY B 260 -18.54 -10.42 19.30
CA GLY B 260 -19.86 -10.04 18.84
C GLY B 260 -19.79 -8.89 17.89
N ASN B 261 -18.58 -8.38 17.66
CA ASN B 261 -18.35 -7.34 16.69
C ASN B 261 -17.72 -7.99 15.45
N HIS B 262 -17.32 -7.18 14.48
CA HIS B 262 -16.57 -7.68 13.37
C HIS B 262 -15.41 -6.76 13.10
N GLY B 263 -14.38 -7.30 12.48
CA GLY B 263 -13.27 -6.50 12.02
C GLY B 263 -12.32 -6.11 13.12
N CYS B 264 -12.45 -6.76 14.27
CA CYS B 264 -11.56 -6.51 15.41
C CYS B 264 -10.14 -6.72 15.01
N LEU B 265 -9.23 -5.99 15.64
CA LEU B 265 -7.82 -6.23 15.46
C LEU B 265 -7.47 -7.73 15.46
N GLU B 266 -8.04 -8.48 16.42
CA GLU B 266 -7.68 -9.90 16.61
C GLU B 266 -8.01 -10.69 15.35
N THR B 267 -9.10 -10.30 14.72
CA THR B 267 -9.50 -10.78 13.41
C THR B 267 -8.47 -10.64 12.29
N ILE B 268 -7.59 -9.67 12.40
CA ILE B 268 -6.64 -9.36 11.36
C ILE B 268 -5.25 -9.74 11.77
N ALA B 269 -4.93 -9.68 13.04
CA ALA B 269 -3.55 -9.80 13.44
C ALA B 269 -3.26 -11.06 14.28
N SER B 270 -4.29 -11.79 14.67
CA SER B 270 -4.03 -13.01 15.37
C SER B 270 -3.15 -13.91 14.49
N VAL B 271 -2.39 -14.82 15.10
CA VAL B 271 -1.49 -15.67 14.28
C VAL B 271 -2.29 -16.48 13.27
N ASP B 272 -3.50 -16.88 13.65
CA ASP B 272 -4.33 -17.73 12.79
C ASP B 272 -4.80 -16.89 11.64
N SER B 273 -5.04 -15.61 11.88
CA SER B 273 -5.58 -14.83 10.78
C SER B 273 -4.51 -14.42 9.78
N ILE B 274 -3.32 -14.15 10.30
CA ILE B 274 -2.16 -13.89 9.48
C ILE B 274 -1.94 -15.06 8.54
N LEU B 275 -2.05 -16.28 9.07
CA LEU B 275 -1.73 -17.47 8.32
C LEU B 275 -2.80 -17.81 7.30
N GLU B 276 -4.06 -17.48 7.60
CA GLU B 276 -5.14 -17.65 6.61
C GLU B 276 -4.86 -16.73 5.46
N LEU B 277 -4.52 -15.50 5.81
CA LEU B 277 -4.19 -14.48 4.84
C LEU B 277 -2.97 -14.87 4.02
N ALA B 278 -1.91 -15.29 4.68
CA ALA B 278 -0.73 -15.71 3.97
C ALA B 278 -1.13 -16.77 2.96
N GLN B 279 -1.84 -17.78 3.41
CA GLN B 279 -2.32 -18.84 2.53
C GLN B 279 -3.00 -18.27 1.28
N LEU B 280 -3.95 -17.35 1.45
CA LEU B 280 -4.66 -16.77 0.33
C LEU B 280 -3.72 -16.02 -0.62
N ARG B 281 -2.82 -15.22 -0.06
CA ARG B 281 -1.78 -14.54 -0.83
C ARG B 281 -0.82 -15.51 -1.50
N LEU B 282 -0.51 -16.61 -0.81
CA LEU B 282 0.40 -17.61 -1.32
C LEU B 282 -0.20 -18.22 -2.57
N ASN B 283 -1.53 -18.35 -2.57
CA ASN B 283 -2.25 -18.95 -3.70
C ASN B 283 -2.14 -18.17 -4.99
N GLN B 284 -1.90 -16.87 -4.90
CA GLN B 284 -1.75 -16.03 -6.08
C GLN B 284 -0.28 -15.84 -6.43
N SER B 285 0.58 -16.27 -5.52
CA SER B 285 2.01 -16.23 -5.76
C SER B 285 2.47 -17.57 -6.35
N MSE B 286 3.50 -17.51 -7.18
CA MSE B 286 4.20 -18.69 -7.64
C MSE B 286 5.67 -18.42 -7.42
O MSE B 286 6.54 -19.15 -7.89
CB MSE B 286 3.93 -18.91 -9.12
CG MSE B 286 2.53 -19.41 -9.43
SE MSE B 286 2.17 -19.18 -11.34
CE MSE B 286 3.27 -20.66 -12.09
N SER B 287 5.94 -17.33 -6.68
CA SER B 287 7.27 -16.77 -6.52
C SER B 287 7.80 -16.99 -5.11
N SER B 288 6.89 -17.14 -4.16
CA SER B 288 7.23 -17.17 -2.76
C SER B 288 7.89 -18.46 -2.30
N MSE B 289 8.86 -18.32 -1.40
CA MSE B 289 9.53 -19.46 -0.79
C MSE B 289 8.63 -20.25 0.15
O MSE B 289 8.88 -21.42 0.44
CB MSE B 289 10.74 -19.01 0.02
CG MSE B 289 11.66 -18.01 -0.64
SE MSE B 289 13.04 -17.69 0.70
CE MSE B 289 14.63 -18.58 -0.27
N LEU B 290 7.58 -19.59 0.65
CA LEU B 290 6.60 -20.24 1.51
C LEU B 290 5.93 -21.44 0.84
N HIS B 291 6.26 -21.66 -0.43
CA HIS B 291 5.77 -22.82 -1.15
C HIS B 291 6.56 -24.09 -0.82
N GLY B 292 7.67 -23.95 -0.09
CA GLY B 292 8.57 -25.08 0.15
C GLY B 292 8.17 -26.04 1.27
N GLN B 293 7.38 -25.55 2.21
CA GLN B 293 6.99 -26.29 3.42
C GLN B 293 5.52 -25.96 3.69
N PRO B 294 4.80 -26.83 4.45
CA PRO B 294 3.55 -26.35 5.02
C PRO B 294 3.74 -25.00 5.71
N LEU B 295 2.68 -24.21 5.74
CA LEU B 295 2.77 -22.85 6.16
C LEU B 295 2.58 -22.76 7.66
N THR B 296 3.60 -22.28 8.36
CA THR B 296 3.55 -22.15 9.80
C THR B 296 4.22 -20.85 10.16
N VAL B 297 3.90 -20.30 11.33
CA VAL B 297 4.55 -19.09 11.77
C VAL B 297 6.04 -19.22 11.60
N ASP B 298 6.55 -20.42 11.86
CA ASP B 298 7.97 -20.64 11.76
C ASP B 298 8.45 -20.50 10.32
N SER B 299 7.75 -21.11 9.38
CA SER B 299 8.13 -20.98 7.97
C SER B 299 7.87 -19.55 7.52
N LEU B 300 6.81 -18.93 8.01
CA LEU B 300 6.55 -17.53 7.72
C LEU B 300 7.75 -16.68 8.10
N CYS B 301 8.24 -16.88 9.32
CA CYS B 301 9.31 -16.08 9.87
C CYS B 301 10.63 -16.45 9.22
N GLN B 302 10.83 -17.74 8.99
CA GLN B 302 12.02 -18.20 8.32
C GLN B 302 12.14 -17.52 6.97
N ALA B 303 11.09 -17.61 6.16
CA ALA B 303 11.06 -17.00 4.82
C ALA B 303 11.27 -15.49 4.85
N ALA B 304 10.64 -14.81 5.79
CA ALA B 304 10.82 -13.37 5.85
C ALA B 304 12.27 -13.02 6.17
N LEU B 305 12.84 -13.69 7.16
CA LEU B 305 14.26 -13.47 7.50
C LEU B 305 15.22 -13.71 6.34
N ARG B 306 14.79 -14.41 5.30
CA ARG B 306 15.64 -14.60 4.11
C ARG B 306 15.43 -13.52 3.06
N GLY B 307 14.35 -12.75 3.21
CA GLY B 307 14.04 -11.70 2.24
C GLY B 307 12.95 -12.07 1.25
N ASP B 308 12.13 -13.07 1.61
CA ASP B 308 11.00 -13.42 0.80
C ASP B 308 10.07 -12.26 0.92
N LEU B 309 9.83 -11.57 -0.19
CA LEU B 309 9.01 -10.38 -0.13
C LEU B 309 7.59 -10.66 0.35
N LEU B 310 6.96 -11.77 -0.06
CA LEU B 310 5.62 -12.08 0.46
C LEU B 310 5.64 -12.21 1.98
N ALA B 311 6.60 -12.97 2.49
CA ALA B 311 6.63 -13.25 3.91
C ALA B 311 6.84 -11.95 4.67
N LYS B 312 7.81 -11.16 4.17
CA LYS B 312 8.20 -9.90 4.79
C LYS B 312 7.02 -8.98 4.78
N ASP B 313 6.40 -8.83 3.64
CA ASP B 313 5.21 -8.02 3.58
C ASP B 313 4.19 -8.40 4.64
N ILE B 314 3.88 -9.68 4.77
CA ILE B 314 2.91 -10.11 5.76
C ILE B 314 3.32 -9.63 7.15
N ILE B 315 4.56 -9.92 7.56
CA ILE B 315 5.00 -9.54 8.90
C ILE B 315 4.99 -8.02 9.09
N THR B 316 5.53 -7.31 8.10
CA THR B 316 5.39 -5.86 8.07
C THR B 316 3.96 -5.38 8.31
N GLY B 317 2.99 -6.00 7.63
CA GLY B 317 1.60 -5.69 7.82
C GLY B 317 1.17 -5.78 9.26
N VAL B 318 1.34 -6.94 9.88
CA VAL B 318 1.03 -7.08 11.29
C VAL B 318 1.75 -6.00 12.10
N GLY B 319 3.01 -5.77 11.79
CA GLY B 319 3.78 -4.73 12.46
C GLY B 319 3.00 -3.42 12.43
N ALA B 320 2.58 -3.00 11.24
CA ALA B 320 1.90 -1.73 11.10
C ALA B 320 0.65 -1.67 11.97
N HIS B 321 -0.16 -2.73 11.98
CA HIS B 321 -1.40 -2.69 12.75
C HIS B 321 -1.11 -2.55 14.24
N VAL B 322 -0.21 -3.40 14.75
CA VAL B 322 0.13 -3.47 16.15
C VAL B 322 0.89 -2.23 16.63
N GLY B 323 1.90 -1.84 15.86
CA GLY B 323 2.50 -0.53 15.98
C GLY B 323 1.45 0.57 16.16
N ARG B 324 0.43 0.56 15.31
CA ARG B 324 -0.50 1.67 15.35
C ARG B 324 -1.18 1.77 16.70
N ILE B 325 -1.71 0.62 17.16
CA ILE B 325 -2.43 0.58 18.41
C ILE B 325 -1.48 0.78 19.56
N LEU B 326 -0.31 0.16 19.50
CA LEU B 326 0.68 0.34 20.52
C LEU B 326 1.09 1.83 20.62
N ALA B 327 1.16 2.53 19.47
CA ALA B 327 1.47 3.93 19.51
C ALA B 327 0.44 4.70 20.32
N ILE B 328 -0.82 4.32 20.22
CA ILE B 328 -1.86 5.02 20.94
C ILE B 328 -1.63 4.76 22.42
N MSE B 329 -1.48 3.50 22.75
CA MSE B 329 -1.18 3.12 24.12
C MSE B 329 0.03 3.83 24.73
O MSE B 329 0.01 4.17 25.90
CB MSE B 329 -1.07 1.62 24.20
CG MSE B 329 -2.35 0.97 23.75
SE MSE B 329 -2.05 -0.95 23.95
CE MSE B 329 -1.98 -1.08 25.93
N VAL B 330 1.06 4.09 23.91
CA VAL B 330 2.24 4.81 24.40
C VAL B 330 1.86 6.22 24.80
N ASN B 331 1.10 6.92 23.97
CA ASN B 331 0.65 8.26 24.30
C ASN B 331 -0.16 8.32 25.61
N LEU B 332 -0.88 7.24 25.92
CA LEU B 332 -1.68 7.24 27.11
C LEU B 332 -0.92 6.81 28.37
N PHE B 333 -0.02 5.85 28.25
CA PHE B 333 0.58 5.21 29.40
C PHE B 333 2.02 5.58 29.66
N ASN B 334 2.69 6.13 28.65
CA ASN B 334 4.10 6.44 28.76
C ASN B 334 4.89 5.33 29.45
N PRO B 335 5.04 4.17 28.79
CA PRO B 335 5.81 3.09 29.37
C PRO B 335 7.30 3.21 29.14
N GLN B 336 8.08 2.59 30.04
CA GLN B 336 9.53 2.43 29.86
C GLN B 336 9.94 1.26 28.94
N LYS B 337 9.16 0.19 28.88
CA LYS B 337 9.53 -0.95 28.03
C LYS B 337 8.28 -1.37 27.31
N ILE B 338 8.44 -1.85 26.09
CA ILE B 338 7.39 -2.54 25.40
C ILE B 338 7.83 -3.97 25.19
N LEU B 339 7.05 -4.94 25.65
CA LEU B 339 7.40 -6.32 25.46
C LEU B 339 6.49 -6.92 24.44
N ILE B 340 7.06 -7.50 23.39
CA ILE B 340 6.26 -8.18 22.39
C ILE B 340 6.36 -9.64 22.76
N GLY B 341 5.22 -10.28 22.98
CA GLY B 341 5.23 -11.70 23.25
C GLY B 341 4.49 -12.33 22.10
N SER B 342 5.16 -13.17 21.32
CA SER B 342 4.60 -13.66 20.09
C SER B 342 5.53 -14.58 19.39
N PRO B 343 4.99 -15.61 18.72
CA PRO B 343 5.78 -16.43 17.79
C PRO B 343 6.46 -15.58 16.71
N LEU B 344 5.80 -14.52 16.24
CA LEU B 344 6.42 -13.61 15.25
C LEU B 344 7.71 -12.98 15.71
N SER B 345 8.04 -13.05 16.98
CA SER B 345 9.30 -12.48 17.42
C SER B 345 10.54 -13.33 16.96
N LYS B 346 10.29 -14.56 16.49
CA LYS B 346 11.25 -15.29 15.64
C LYS B 346 11.72 -14.32 14.56
N ALA B 347 10.79 -13.55 14.01
CA ALA B 347 11.17 -12.52 13.03
C ALA B 347 11.35 -11.17 13.70
N ALA B 348 11.85 -11.14 14.94
CA ALA B 348 12.09 -9.85 15.62
C ALA B 348 12.72 -8.79 14.69
N ASP B 349 13.72 -9.19 13.91
CA ASP B 349 14.48 -8.22 13.14
C ASP B 349 13.70 -7.53 12.00
N ILE B 350 12.50 -7.99 11.72
CA ILE B 350 11.62 -7.29 10.80
C ILE B 350 10.49 -6.62 11.61
N LEU B 351 9.87 -7.42 12.48
CA LEU B 351 8.71 -7.01 13.22
C LEU B 351 9.00 -5.82 14.12
N PHE B 352 10.01 -5.94 14.98
CA PHE B 352 10.27 -4.93 15.98
C PHE B 352 10.55 -3.54 15.39
N PRO B 353 11.44 -3.44 14.37
CA PRO B 353 11.62 -2.08 13.88
C PRO B 353 10.32 -1.46 13.37
N VAL B 354 9.39 -2.27 12.87
CA VAL B 354 8.16 -1.69 12.29
C VAL B 354 7.28 -1.10 13.42
N ILE B 355 7.13 -1.88 14.47
CA ILE B 355 6.52 -1.44 15.70
C ILE B 355 7.24 -0.16 16.16
N SER B 356 8.54 -0.25 16.49
CA SER B 356 9.38 0.94 16.75
C SER B 356 9.09 2.17 15.89
N ASP B 357 9.01 1.98 14.58
CA ASP B 357 8.81 3.07 13.68
C ASP B 357 7.43 3.67 13.88
N SER B 358 6.42 2.81 14.11
CA SER B 358 5.09 3.34 14.32
C SER B 358 5.08 4.23 15.56
N ILE B 359 5.56 3.65 16.66
CA ILE B 359 5.61 4.32 17.94
C ILE B 359 6.38 5.63 17.84
N ARG B 360 7.48 5.66 17.08
CA ARG B 360 8.25 6.89 16.96
C ARG B 360 7.52 7.93 16.14
N GLN B 361 6.89 7.49 15.05
CA GLN B 361 6.17 8.39 14.16
C GLN B 361 4.80 8.77 14.68
N GLN B 362 4.30 8.06 15.67
CA GLN B 362 2.90 8.16 16.04
C GLN B 362 2.61 8.43 17.53
N ALA B 363 3.64 8.44 18.37
CA ALA B 363 3.48 8.86 19.77
C ALA B 363 4.34 10.08 20.01
N LEU B 364 4.06 10.82 21.10
CA LEU B 364 4.84 11.97 21.54
C LEU B 364 6.33 11.62 21.54
N PRO B 365 7.15 12.31 20.73
CA PRO B 365 8.60 12.11 20.81
C PRO B 365 9.15 11.98 22.23
N ALA B 366 8.76 12.90 23.11
CA ALA B 366 9.16 12.84 24.51
C ALA B 366 8.79 11.53 25.19
N TYR B 367 7.71 10.86 24.78
CA TYR B 367 7.41 9.54 25.31
C TYR B 367 8.01 8.42 24.48
N SER B 368 8.23 8.70 23.19
CA SER B 368 8.60 7.66 22.21
C SER B 368 10.09 7.59 21.94
N GLN B 369 10.81 8.53 22.54
CA GLN B 369 12.23 8.76 22.30
C GLN B 369 13.14 7.56 22.69
N HIS B 370 13.10 7.11 23.96
CA HIS B 370 14.07 6.11 24.40
C HIS B 370 13.41 4.76 24.74
N ILE B 371 12.50 4.36 23.87
CA ILE B 371 11.67 3.19 24.11
C ILE B 371 12.25 1.98 23.37
N SER B 372 12.52 0.92 24.12
CA SER B 372 12.95 -0.31 23.50
C SER B 372 11.73 -1.22 23.25
N VAL B 373 11.57 -1.61 22.01
CA VAL B 373 10.71 -2.72 21.70
C VAL B 373 11.51 -4.01 21.92
N GLU B 374 11.14 -4.77 22.91
CA GLU B 374 11.91 -5.98 23.20
C GLU B 374 10.99 -7.15 23.31
N SER B 375 11.53 -8.31 23.03
CA SER B 375 10.76 -9.49 23.18
C SER B 375 10.57 -9.87 24.62
N THR B 376 9.58 -10.71 24.80
CA THR B 376 9.17 -11.26 26.03
C THR B 376 10.22 -12.27 26.48
N GLN B 377 10.40 -12.47 27.78
CA GLN B 377 11.34 -13.49 28.21
C GLN B 377 10.82 -14.91 27.97
N PHE B 378 9.50 -15.09 28.12
CA PHE B 378 8.94 -16.44 28.00
C PHE B 378 8.17 -16.60 26.73
N SER B 379 8.00 -17.82 26.28
CA SER B 379 7.21 -18.04 25.06
C SER B 379 5.78 -18.46 25.43
N ASN B 380 5.52 -18.57 26.73
CA ASN B 380 4.19 -18.93 27.23
C ASN B 380 3.57 -20.20 26.64
N GLN B 381 4.38 -21.23 26.47
CA GLN B 381 3.89 -22.50 26.00
C GLN B 381 3.27 -23.29 27.15
N GLY B 382 2.28 -24.13 26.84
CA GLY B 382 1.67 -25.01 27.81
C GLY B 382 1.07 -24.21 28.93
N THR B 383 1.17 -24.75 30.14
CA THR B 383 0.58 -24.15 31.34
C THR B 383 1.57 -23.32 32.18
N MSE B 384 2.67 -22.89 31.56
CA MSE B 384 3.68 -22.20 32.33
C MSE B 384 3.18 -20.97 33.07
O MSE B 384 3.79 -20.58 34.04
CB MSE B 384 4.85 -21.82 31.45
CG MSE B 384 4.55 -20.57 30.67
SE MSE B 384 6.13 -19.51 30.36
CE MSE B 384 6.75 -20.90 28.81
N ALA B 385 2.12 -20.32 32.61
CA ALA B 385 1.74 -19.05 33.21
C ALA B 385 0.97 -19.30 34.49
N GLY B 386 0.31 -20.44 34.61
CA GLY B 386 -0.43 -20.76 35.80
C GLY B 386 0.30 -20.39 37.08
N ALA B 387 1.61 -20.65 37.12
CA ALA B 387 2.47 -20.26 38.24
C ALA B 387 2.27 -18.81 38.61
N ALA B 388 2.00 -17.96 37.63
CA ALA B 388 1.87 -16.57 38.00
C ALA B 388 0.53 -16.38 38.68
N LEU B 389 -0.48 -17.15 38.31
CA LEU B 389 -1.76 -17.01 38.98
C LEU B 389 -1.64 -17.42 40.43
N VAL B 390 -0.92 -18.52 40.67
CA VAL B 390 -0.83 -19.06 42.00
C VAL B 390 0.03 -18.16 42.88
N LYS B 391 1.26 -17.90 42.45
CA LYS B 391 2.14 -17.07 43.24
C LYS B 391 1.43 -15.78 43.54
N ASP B 392 0.68 -15.28 42.57
CA ASP B 392 -0.08 -14.06 42.77
C ASP B 392 -1.06 -14.18 43.92
N ALA B 393 -1.69 -15.33 44.02
CA ALA B 393 -2.68 -15.60 45.05
C ALA B 393 -2.03 -15.86 46.41
N MSE B 394 -0.81 -16.38 46.39
CA MSE B 394 -0.01 -16.55 47.59
C MSE B 394 0.43 -15.20 48.14
O MSE B 394 0.45 -14.97 49.35
CB MSE B 394 1.24 -17.38 47.28
CG MSE B 394 0.93 -18.81 46.87
SE MSE B 394 0.02 -19.68 48.36
CE MSE B 394 1.54 -20.26 49.48
N TYR B 395 0.79 -14.33 47.20
CA TYR B 395 1.44 -13.06 47.49
C TYR B 395 0.44 -12.05 48.00
N ASN B 396 -0.72 -11.97 47.34
CA ASN B 396 -1.75 -11.08 47.83
C ASN B 396 -2.44 -11.71 49.03
N GLY B 397 -2.00 -12.94 49.37
CA GLY B 397 -2.39 -13.64 50.58
C GLY B 397 -3.71 -14.38 50.51
N SER B 398 -4.47 -14.21 49.42
CA SER B 398 -5.80 -14.82 49.37
C SER B 398 -5.72 -16.35 49.49
N LEU B 399 -5.00 -16.99 48.58
CA LEU B 399 -4.77 -18.43 48.70
C LEU B 399 -4.12 -18.78 50.03
N LEU B 400 -3.22 -17.91 50.49
CA LEU B 400 -2.50 -18.18 51.71
C LEU B 400 -3.45 -18.43 52.90
N ILE B 401 -4.39 -17.50 53.13
CA ILE B 401 -5.40 -17.66 54.17
C ILE B 401 -6.24 -18.92 53.91
N ARG B 402 -6.66 -19.14 52.67
CA ARG B 402 -7.45 -20.34 52.40
C ARG B 402 -6.64 -21.56 52.84
N LEU B 403 -5.34 -21.53 52.58
CA LEU B 403 -4.47 -22.63 52.98
C LEU B 403 -4.32 -22.79 54.49
N LEU B 404 -4.24 -21.67 55.21
CA LEU B 404 -4.09 -21.68 56.66
C LEU B 404 -5.33 -22.22 57.42
N GLN B 405 -6.35 -22.65 56.69
CA GLN B 405 -7.50 -23.38 57.27
C GLN B 405 -7.13 -24.78 57.77
N GLY B 406 -6.44 -25.55 56.92
CA GLY B 406 -5.80 -26.82 57.35
C GLY B 406 -6.74 -28.07 57.53
N GLN C 12 19.72 0.40 -56.35
CA GLN C 12 19.02 0.68 -55.06
C GLN C 12 17.55 0.20 -55.09
N ILE C 13 16.73 0.86 -55.90
CA ILE C 13 15.31 0.52 -56.04
C ILE C 13 15.16 -0.73 -56.94
N LYS C 14 16.28 -1.07 -57.62
CA LYS C 14 16.45 -2.34 -58.32
C LYS C 14 16.21 -3.52 -57.38
N GLN C 15 16.56 -3.33 -56.10
CA GLN C 15 16.32 -4.35 -55.09
C GLN C 15 14.83 -4.52 -54.82
N THR C 16 14.26 -3.56 -54.08
CA THR C 16 12.85 -3.55 -53.71
C THR C 16 11.97 -4.17 -54.81
N ASN C 17 12.10 -3.59 -56.02
CA ASN C 17 11.43 -4.09 -57.23
C ASN C 17 11.55 -5.60 -57.47
N ALA C 18 12.82 -6.06 -57.57
CA ALA C 18 13.13 -7.48 -57.85
C ALA C 18 12.59 -8.42 -56.81
N GLY C 19 12.76 -8.04 -55.54
CA GLY C 19 12.33 -8.87 -54.42
C GLY C 19 10.84 -9.08 -54.48
N ALA C 20 10.10 -7.98 -54.40
CA ALA C 20 8.64 -8.04 -54.59
C ALA C 20 8.24 -8.95 -55.76
N VAL C 21 9.10 -9.01 -56.80
CA VAL C 21 8.82 -9.83 -57.97
C VAL C 21 9.01 -11.31 -57.66
N TYR C 22 10.16 -11.63 -57.07
CA TYR C 22 10.44 -12.98 -56.62
C TYR C 22 9.38 -13.44 -55.62
N ARG C 23 9.02 -12.54 -54.70
CA ARG C 23 8.08 -12.81 -53.61
C ARG C 23 6.82 -13.48 -54.11
N LEU C 24 6.34 -12.95 -55.25
CA LEU C 24 5.09 -13.39 -55.85
C LEU C 24 5.27 -14.69 -56.63
N ILE C 25 6.43 -14.84 -57.27
CA ILE C 25 6.71 -16.02 -58.09
C ILE C 25 6.88 -17.22 -57.18
N ASP C 26 7.25 -16.93 -55.94
CA ASP C 26 7.48 -17.91 -54.91
C ASP C 26 6.19 -18.25 -54.16
N GLN C 27 5.32 -17.26 -54.00
CA GLN C 27 4.07 -17.42 -53.25
C GLN C 27 2.86 -17.76 -54.13
N LEU C 28 2.90 -17.35 -55.40
CA LEU C 28 1.74 -17.53 -56.27
C LEU C 28 2.00 -18.40 -57.51
N GLY C 29 3.28 -18.67 -57.78
CA GLY C 29 3.69 -19.44 -58.96
C GLY C 29 3.27 -20.89 -58.92
N PRO C 30 2.84 -21.45 -60.07
CA PRO C 30 2.74 -20.86 -61.42
C PRO C 30 1.95 -19.54 -61.51
N VAL C 31 2.54 -18.55 -62.17
CA VAL C 31 1.98 -17.20 -62.25
C VAL C 31 2.58 -16.51 -63.49
N SER C 32 1.74 -15.73 -64.20
CA SER C 32 2.18 -15.09 -65.43
C SER C 32 2.60 -13.61 -65.21
N ARG C 33 3.57 -13.21 -66.14
CA ARG C 33 4.12 -11.87 -66.12
C ARG C 33 3.08 -10.75 -66.03
N ILE C 34 1.96 -10.88 -66.78
CA ILE C 34 0.85 -9.92 -66.71
C ILE C 34 0.31 -9.77 -65.29
N ASP C 35 0.22 -10.92 -64.59
CA ASP C 35 -0.20 -10.91 -63.19
C ASP C 35 0.82 -10.17 -62.32
N LEU C 36 2.10 -10.37 -62.61
CA LEU C 36 3.17 -9.72 -61.83
C LEU C 36 3.17 -8.23 -62.11
N SER C 37 2.84 -7.87 -63.35
CA SER C 37 2.79 -6.47 -63.73
C SER C 37 1.77 -5.73 -62.86
N ARG C 38 0.58 -6.35 -62.71
CA ARG C 38 -0.47 -5.71 -61.90
C ARG C 38 -0.30 -5.89 -60.38
N LEU C 39 0.13 -7.12 -59.98
CA LEU C 39 0.24 -7.37 -58.53
C LEU C 39 1.48 -6.71 -57.92
N ALA C 40 2.59 -6.61 -58.70
CA ALA C 40 3.83 -5.95 -58.21
C ALA C 40 3.86 -4.45 -58.51
N GLN C 41 2.91 -3.98 -59.31
CA GLN C 41 2.83 -2.54 -59.64
C GLN C 41 4.14 -2.00 -60.20
N LEU C 42 4.53 -2.66 -61.34
CA LEU C 42 5.64 -2.25 -62.19
C LEU C 42 5.19 -2.27 -63.66
N ALA C 43 6.01 -1.67 -64.53
CA ALA C 43 5.79 -1.74 -65.97
C ALA C 43 5.87 -3.18 -66.47
N PRO C 44 5.11 -3.51 -67.53
CA PRO C 44 5.36 -4.81 -68.17
C PRO C 44 6.90 -5.04 -68.31
N ALA C 45 7.37 -3.94 -69.21
CA ALA C 45 8.81 -3.87 -69.53
C ALA C 45 9.69 -4.12 -68.32
N SER C 46 9.30 -3.53 -67.16
CA SER C 46 10.05 -3.75 -65.92
C SER C 46 10.11 -5.24 -65.56
N ILE C 47 8.92 -5.92 -65.60
CA ILE C 47 8.86 -7.36 -65.31
C ILE C 47 9.62 -8.24 -66.34
N THR C 48 9.60 -7.85 -67.63
CA THR C 48 10.34 -8.59 -68.67
C THR C 48 11.83 -8.57 -68.36
N LYS C 49 12.32 -7.38 -68.02
CA LYS C 49 13.70 -7.17 -67.59
C LYS C 49 14.02 -8.11 -66.42
N ILE C 50 13.21 -8.02 -65.37
CA ILE C 50 13.49 -8.68 -64.11
C ILE C 50 13.35 -10.19 -64.17
N VAL C 51 12.32 -10.68 -64.86
CA VAL C 51 12.16 -12.12 -65.00
C VAL C 51 13.27 -12.72 -65.86
N HIS C 52 13.66 -11.99 -66.92
CA HIS C 52 14.66 -12.47 -67.87
C HIS C 52 16.00 -12.81 -67.20
N GLU C 53 16.45 -11.94 -66.30
CA GLU C 53 17.71 -12.15 -65.60
C GLU C 53 17.61 -13.28 -64.59
N MSE C 54 16.41 -13.49 -64.05
CA MSE C 54 16.16 -14.57 -63.11
C MSE C 54 16.17 -15.92 -63.80
O MSE C 54 16.64 -16.92 -63.25
CB MSE C 54 14.84 -14.35 -62.38
CG MSE C 54 14.85 -13.15 -61.49
SE MSE C 54 13.23 -13.01 -60.43
CE MSE C 54 11.97 -12.64 -61.82
N LEU C 55 15.63 -15.92 -65.02
CA LEU C 55 15.68 -17.09 -65.87
C LEU C 55 17.13 -17.38 -66.23
N GLU C 56 17.86 -16.32 -66.61
CA GLU C 56 19.28 -16.41 -66.92
C GLU C 56 20.10 -16.95 -65.74
N ALA C 57 19.81 -16.43 -64.55
CA ALA C 57 20.51 -16.87 -63.34
C ALA C 57 19.96 -18.21 -62.79
N HIS C 58 18.86 -18.68 -63.38
CA HIS C 58 18.19 -19.94 -62.97
C HIS C 58 17.53 -19.87 -61.58
N LEU C 59 17.08 -18.68 -61.21
CA LEU C 59 16.37 -18.46 -59.95
C LEU C 59 14.90 -18.76 -60.11
N VAL C 60 14.45 -18.66 -61.36
CA VAL C 60 13.07 -18.86 -61.72
C VAL C 60 13.03 -19.72 -62.97
N GLN C 61 11.90 -20.39 -63.17
CA GLN C 61 11.73 -21.31 -64.28
C GLN C 61 10.32 -21.23 -64.88
N GLU C 62 10.23 -21.22 -66.20
CA GLU C 62 8.94 -21.16 -66.88
C GLU C 62 8.19 -22.49 -66.78
N LEU C 63 6.87 -22.45 -67.00
CA LEU C 63 6.03 -23.65 -67.08
C LEU C 63 4.87 -23.46 -68.07
N GLY C 77 3.65 -19.63 -68.01
CA GLY C 77 3.97 -18.40 -66.94
C GLY C 77 5.35 -18.68 -66.28
N LEU C 78 5.39 -18.45 -64.95
CA LEU C 78 6.62 -18.61 -64.13
C LEU C 78 6.36 -19.30 -62.80
N VAL C 79 7.36 -20.07 -62.37
CA VAL C 79 7.45 -20.61 -61.01
C VAL C 79 8.94 -20.48 -60.62
N VAL C 80 9.14 -20.69 -59.28
CA VAL C 80 10.44 -20.45 -58.68
C VAL C 80 11.35 -21.67 -58.87
N GLU C 81 12.65 -21.44 -58.97
CA GLU C 81 13.64 -22.53 -59.10
C GLU C 81 14.51 -22.59 -57.84
N THR C 82 14.41 -23.70 -57.10
CA THR C 82 15.03 -23.79 -55.76
C THR C 82 16.21 -24.75 -55.55
N GLU C 83 16.25 -25.87 -56.27
CA GLU C 83 17.17 -26.95 -55.92
C GLU C 83 18.63 -26.58 -56.01
N ALA C 84 19.02 -25.96 -57.12
CA ALA C 84 20.44 -25.62 -57.33
C ALA C 84 20.95 -24.56 -56.35
N TRP C 85 20.10 -24.13 -55.43
CA TRP C 85 20.45 -23.04 -54.56
C TRP C 85 20.34 -23.43 -53.10
N HIS C 86 21.42 -23.20 -52.37
CA HIS C 86 21.49 -23.59 -51.00
C HIS C 86 21.89 -22.43 -50.11
N TYR C 87 21.37 -22.44 -48.89
CA TYR C 87 21.92 -21.59 -47.82
C TYR C 87 22.30 -22.44 -46.61
N LEU C 88 23.24 -21.95 -45.82
CA LEU C 88 23.65 -22.69 -44.63
C LEU C 88 22.92 -22.05 -43.47
N SER C 89 22.26 -22.87 -42.65
CA SER C 89 21.54 -22.30 -41.55
C SER C 89 22.08 -22.81 -40.22
N LEU C 90 22.52 -21.87 -39.39
CA LEU C 90 23.13 -22.14 -38.09
C LEU C 90 22.20 -21.66 -37.00
N ARG C 91 22.12 -22.41 -35.93
CA ARG C 91 21.47 -21.92 -34.73
C ARG C 91 22.35 -22.28 -33.51
N ILE C 92 22.62 -21.27 -32.69
CA ILE C 92 23.43 -21.47 -31.50
C ILE C 92 22.54 -21.45 -30.27
N SER C 93 22.58 -22.50 -29.48
CA SER C 93 21.86 -22.47 -28.21
C SER C 93 22.79 -22.80 -27.07
N ARG C 94 22.22 -23.17 -25.92
CA ARG C 94 22.95 -23.52 -24.72
C ARG C 94 23.78 -24.76 -24.97
N GLY C 95 25.06 -24.56 -25.23
CA GLY C 95 25.98 -25.66 -25.40
C GLY C 95 25.83 -26.48 -26.67
N GLU C 96 25.21 -25.90 -27.70
CA GLU C 96 25.02 -26.60 -28.95
C GLU C 96 24.95 -25.69 -30.17
N ILE C 97 25.46 -26.18 -31.27
CA ILE C 97 25.28 -25.51 -32.52
C ILE C 97 24.59 -26.52 -33.42
N PHE C 98 23.57 -26.05 -34.13
CA PHE C 98 22.88 -26.84 -35.13
C PHE C 98 23.30 -26.27 -36.44
N LEU C 99 23.83 -27.10 -37.33
CA LEU C 99 24.07 -26.67 -38.71
C LEU C 99 23.23 -27.50 -39.65
N ALA C 100 22.55 -26.84 -40.58
CA ALA C 100 21.77 -27.54 -41.62
C ALA C 100 21.97 -26.96 -43.02
N LEU C 101 22.01 -27.83 -44.02
CA LEU C 101 22.15 -27.35 -45.37
C LEU C 101 20.79 -27.44 -45.98
N ARG C 102 20.29 -26.32 -46.47
CA ARG C 102 18.93 -26.24 -46.94
C ARG C 102 18.80 -25.67 -48.34
N ASP C 103 17.73 -26.08 -49.03
CA ASP C 103 17.18 -25.45 -50.26
C ASP C 103 16.84 -24.01 -50.00
N LEU C 104 16.84 -23.19 -51.05
CA LEU C 104 16.18 -21.89 -51.01
C LEU C 104 14.70 -22.05 -50.71
N SER C 105 14.15 -23.23 -50.96
CA SER C 105 12.75 -23.48 -50.61
C SER C 105 12.66 -23.68 -49.11
N SER C 106 13.78 -24.08 -48.52
CA SER C 106 13.95 -24.39 -47.10
C SER C 106 14.10 -25.90 -46.88
N LYS C 107 13.85 -26.70 -47.91
CA LYS C 107 13.97 -28.16 -47.82
C LYS C 107 15.37 -28.56 -47.33
N LEU C 108 15.38 -29.53 -46.41
CA LEU C 108 16.59 -29.95 -45.73
C LEU C 108 17.43 -30.81 -46.63
N VAL C 109 18.73 -30.59 -46.62
CA VAL C 109 19.67 -31.44 -47.35
C VAL C 109 20.45 -32.26 -46.33
N VAL C 110 21.24 -31.59 -45.48
CA VAL C 110 21.84 -32.22 -44.29
C VAL C 110 21.64 -31.41 -43.02
N GLU C 111 21.54 -32.13 -41.89
CA GLU C 111 21.35 -31.58 -40.55
C GLU C 111 22.51 -32.11 -39.72
N GLU C 112 23.01 -31.33 -38.78
CA GLU C 112 24.04 -31.79 -37.85
C GLU C 112 23.83 -30.97 -36.63
N SER C 113 24.31 -31.47 -35.49
CA SER C 113 24.54 -30.59 -34.35
C SER C 113 25.81 -30.96 -33.57
N GLN C 114 26.44 -29.95 -32.99
CA GLN C 114 27.67 -30.16 -32.24
C GLN C 114 27.58 -29.57 -30.86
N GLU C 115 28.36 -30.14 -29.94
CA GLU C 115 28.62 -29.62 -28.61
C GLU C 115 29.22 -28.23 -28.78
N LEU C 116 28.76 -27.27 -27.98
CA LEU C 116 29.41 -25.95 -27.93
C LEU C 116 29.71 -25.57 -26.51
N ALA C 117 30.69 -26.26 -25.91
CA ALA C 117 31.06 -26.08 -24.51
C ALA C 117 30.91 -24.65 -24.03
N LEU C 118 30.20 -24.49 -22.93
CA LEU C 118 29.91 -23.18 -22.35
C LEU C 118 31.18 -22.47 -21.89
N LYS C 119 32.17 -23.24 -21.46
CA LYS C 119 33.45 -22.67 -21.12
C LYS C 119 34.54 -23.55 -21.68
N ASP C 120 35.04 -23.18 -22.85
CA ASP C 120 36.21 -23.83 -23.40
C ASP C 120 37.35 -22.81 -23.48
N ASP C 121 38.51 -23.25 -23.96
CA ASP C 121 39.68 -22.37 -24.02
C ASP C 121 39.61 -21.42 -25.23
N LEU C 122 39.17 -21.94 -26.38
CA LEU C 122 39.20 -21.18 -27.61
C LEU C 122 38.00 -20.25 -27.74
N PRO C 123 38.23 -18.98 -28.09
CA PRO C 123 37.13 -18.05 -28.28
C PRO C 123 35.95 -18.69 -29.04
N LEU C 124 34.74 -18.28 -28.75
CA LEU C 124 33.58 -18.90 -29.38
C LEU C 124 33.55 -18.72 -30.90
N LEU C 125 34.06 -17.59 -31.40
CA LEU C 125 34.07 -17.36 -32.84
C LEU C 125 34.81 -18.50 -33.51
N ASP C 126 35.99 -18.78 -32.99
CA ASP C 126 36.83 -19.84 -33.48
C ASP C 126 36.12 -21.21 -33.47
N ARG C 127 35.47 -21.57 -32.36
CA ARG C 127 34.82 -22.87 -32.32
C ARG C 127 33.69 -22.93 -33.36
N ILE C 128 32.90 -21.86 -33.44
CA ILE C 128 31.91 -21.77 -34.50
C ILE C 128 32.59 -22.02 -35.85
N ILE C 129 33.63 -21.24 -36.18
CA ILE C 129 34.29 -21.37 -37.48
C ILE C 129 34.85 -22.78 -37.69
N SER C 130 35.39 -23.36 -36.64
CA SER C 130 35.78 -24.74 -36.61
C SER C 130 34.66 -25.69 -37.09
N HIS C 131 33.46 -25.58 -36.53
CA HIS C 131 32.38 -26.46 -36.96
C HIS C 131 31.95 -26.17 -38.38
N ILE C 132 31.89 -24.90 -38.76
CA ILE C 132 31.58 -24.60 -40.15
C ILE C 132 32.60 -25.29 -41.04
N ASP C 133 33.88 -25.09 -40.77
CA ASP C 133 34.89 -25.68 -41.63
C ASP C 133 34.64 -27.16 -41.81
N GLN C 134 34.43 -27.85 -40.70
CA GLN C 134 34.26 -29.30 -40.73
C GLN C 134 32.99 -29.69 -41.49
N PHE C 135 31.95 -28.87 -41.35
CA PHE C 135 30.76 -29.05 -42.13
C PHE C 135 31.04 -28.98 -43.63
N PHE C 136 31.90 -28.06 -44.03
CA PHE C 136 32.18 -27.86 -45.45
C PHE C 136 33.13 -28.91 -45.97
N ILE C 137 33.95 -29.48 -45.11
CA ILE C 137 34.76 -30.57 -45.57
C ILE C 137 33.86 -31.81 -45.79
N ARG C 138 33.03 -32.13 -44.81
CA ARG C 138 32.20 -33.33 -44.93
C ARG C 138 31.19 -33.22 -46.05
N HIS C 139 30.57 -32.07 -46.19
CA HIS C 139 29.45 -31.93 -47.06
C HIS C 139 29.77 -31.11 -48.29
N GLN C 140 31.05 -31.10 -48.65
CA GLN C 140 31.50 -30.45 -49.89
C GLN C 140 30.68 -30.85 -51.11
N LYS C 141 30.37 -32.14 -51.26
CA LYS C 141 29.65 -32.56 -52.45
C LYS C 141 28.17 -32.16 -52.39
N LYS C 142 27.55 -32.26 -51.21
CA LYS C 142 26.14 -31.90 -51.05
C LYS C 142 25.98 -30.41 -51.24
N LEU C 143 27.09 -29.71 -51.36
CA LEU C 143 26.99 -28.30 -51.63
C LEU C 143 26.49 -28.03 -53.02
N GLU C 144 25.72 -26.96 -53.17
CA GLU C 144 25.42 -26.51 -54.52
C GLU C 144 26.08 -25.16 -54.70
N ARG C 145 25.27 -24.14 -54.92
CA ARG C 145 25.75 -22.80 -54.76
C ARG C 145 25.27 -22.39 -53.40
N LEU C 146 26.20 -22.41 -52.46
CA LEU C 146 25.96 -21.75 -51.20
C LEU C 146 25.73 -20.28 -51.51
N THR C 147 24.54 -19.80 -51.16
CA THR C 147 24.12 -18.44 -51.45
C THR C 147 24.40 -17.52 -50.27
N SER C 148 24.43 -18.12 -49.08
CA SER C 148 24.36 -17.35 -47.85
C SER C 148 24.31 -18.24 -46.63
N ILE C 149 24.66 -17.64 -45.50
CA ILE C 149 24.55 -18.28 -44.19
C ILE C 149 23.49 -17.53 -43.41
N ALA C 150 22.59 -18.28 -42.80
CA ALA C 150 21.61 -17.69 -41.88
C ALA C 150 21.93 -18.21 -40.48
N ILE C 151 22.25 -17.31 -39.57
CA ILE C 151 22.50 -17.68 -38.18
C ILE C 151 21.38 -17.21 -37.28
N THR C 152 21.08 -18.03 -36.28
CA THR C 152 20.11 -17.71 -35.27
C THR C 152 20.70 -18.00 -33.90
N LEU C 153 20.65 -17.01 -33.02
CA LEU C 153 21.20 -17.15 -31.68
C LEU C 153 20.52 -16.20 -30.75
N PRO C 154 20.47 -16.58 -29.45
CA PRO C 154 20.06 -15.65 -28.42
C PRO C 154 21.20 -14.67 -28.17
N GLY C 155 20.89 -13.53 -27.59
CA GLY C 155 21.89 -12.51 -27.33
C GLY C 155 21.44 -11.17 -27.84
N ILE C 156 22.19 -10.13 -27.53
CA ILE C 156 21.89 -8.82 -28.05
C ILE C 156 22.64 -8.69 -29.39
N ILE C 157 21.89 -8.49 -30.46
CA ILE C 157 22.46 -8.61 -31.79
C ILE C 157 22.26 -7.38 -32.63
N ASP C 158 23.37 -6.81 -33.08
CA ASP C 158 23.37 -5.90 -34.21
C ASP C 158 23.07 -6.74 -35.45
N THR C 159 21.80 -6.84 -35.84
CA THR C 159 21.45 -7.61 -37.06
C THR C 159 22.02 -6.96 -38.29
N GLU C 160 22.02 -5.63 -38.33
CA GLU C 160 22.55 -4.87 -39.45
C GLU C 160 23.93 -5.35 -39.93
N ASN C 161 24.95 -5.31 -39.07
CA ASN C 161 26.33 -5.74 -39.45
C ASN C 161 26.65 -7.11 -38.92
N GLY C 162 25.74 -7.70 -38.15
CA GLY C 162 25.95 -9.06 -37.64
C GLY C 162 27.04 -9.16 -36.58
N ILE C 163 27.07 -8.18 -35.68
CA ILE C 163 27.93 -8.24 -34.52
C ILE C 163 27.10 -8.71 -33.34
N VAL C 164 27.54 -9.76 -32.66
CA VAL C 164 26.90 -10.12 -31.40
C VAL C 164 27.55 -9.37 -30.27
N HIS C 165 26.74 -8.52 -29.63
CA HIS C 165 27.19 -7.69 -28.56
C HIS C 165 27.44 -8.49 -27.28
N ARG C 166 26.43 -9.20 -26.81
CA ARG C 166 26.52 -9.99 -25.58
C ARG C 166 25.61 -11.17 -25.83
N MSE C 167 25.72 -12.26 -25.08
CA MSE C 167 24.78 -13.37 -25.25
C MSE C 167 24.71 -14.32 -24.07
O MSE C 167 25.72 -14.74 -23.55
CB MSE C 167 25.05 -14.14 -26.55
CG MSE C 167 26.16 -15.16 -26.49
SE MSE C 167 26.17 -16.26 -28.13
CE MSE C 167 26.73 -14.92 -29.43
N PRO C 168 23.49 -14.69 -23.66
CA PRO C 168 23.25 -15.39 -22.40
C PRO C 168 24.36 -16.36 -21.96
N PHE C 169 24.51 -17.49 -22.65
CA PHE C 169 25.23 -18.62 -22.05
C PHE C 169 26.75 -18.54 -22.15
N TYR C 170 27.21 -17.83 -23.18
CA TYR C 170 28.61 -17.70 -23.48
C TYR C 170 29.11 -16.37 -22.92
N GLU C 171 29.54 -16.43 -21.65
CA GLU C 171 29.95 -15.24 -20.90
C GLU C 171 31.05 -14.49 -21.63
N ASP C 172 31.85 -15.24 -22.38
CA ASP C 172 33.01 -14.70 -23.07
C ASP C 172 32.68 -13.74 -24.19
N VAL C 173 31.49 -13.88 -24.75
CA VAL C 173 31.14 -13.18 -25.97
C VAL C 173 30.94 -11.69 -25.75
N LYS C 174 31.76 -10.90 -26.43
CA LYS C 174 31.68 -9.46 -26.38
C LYS C 174 32.06 -8.88 -27.74
N GLU C 175 31.13 -8.14 -28.33
CA GLU C 175 31.28 -7.52 -29.66
C GLU C 175 31.92 -8.48 -30.65
N MSE C 176 31.27 -9.63 -30.83
CA MSE C 176 31.74 -10.67 -31.74
C MSE C 176 31.38 -10.33 -33.20
O MSE C 176 30.21 -10.23 -33.54
CB MSE C 176 31.13 -12.00 -31.30
CG MSE C 176 31.78 -13.23 -31.91
SE MSE C 176 30.96 -14.96 -31.30
CE MSE C 176 29.09 -14.73 -31.99
N PRO C 177 32.40 -10.13 -34.07
CA PRO C 177 32.16 -9.83 -35.48
C PRO C 177 31.65 -11.04 -36.31
N LEU C 178 30.71 -11.80 -35.75
CA LEU C 178 30.33 -13.08 -36.33
C LEU C 178 30.09 -12.96 -37.82
N GLY C 179 29.17 -12.05 -38.16
CA GLY C 179 28.75 -11.83 -39.53
C GLY C 179 29.92 -11.59 -40.44
N GLU C 180 30.78 -10.65 -40.04
CA GLU C 180 31.96 -10.31 -40.81
C GLU C 180 32.97 -11.46 -40.91
N ALA C 181 33.30 -12.10 -39.79
CA ALA C 181 34.27 -13.20 -39.80
C ALA C 181 33.85 -14.31 -40.74
N LEU C 182 32.56 -14.60 -40.74
CA LEU C 182 32.05 -15.70 -41.53
C LEU C 182 31.99 -15.33 -42.99
N GLU C 183 31.68 -14.06 -43.27
CA GLU C 183 31.67 -13.57 -44.64
C GLU C 183 33.07 -13.57 -45.21
N GLN C 184 34.03 -13.13 -44.41
CA GLN C 184 35.42 -12.97 -44.85
C GLN C 184 36.12 -14.30 -44.99
N HIS C 185 35.35 -15.36 -45.19
CA HIS C 185 35.81 -16.69 -44.88
C HIS C 185 35.05 -17.74 -45.66
N THR C 186 33.75 -17.47 -45.84
CA THR C 186 32.93 -18.18 -46.82
C THR C 186 32.72 -17.39 -48.12
N GLY C 187 32.88 -16.08 -48.06
CA GLY C 187 32.71 -15.19 -49.23
C GLY C 187 31.26 -14.91 -49.56
N VAL C 188 30.39 -15.19 -48.62
CA VAL C 188 28.96 -15.33 -48.84
C VAL C 188 28.25 -14.44 -47.80
N PRO C 189 27.06 -13.87 -48.13
CA PRO C 189 26.44 -13.01 -47.12
C PRO C 189 25.98 -13.82 -45.92
N VAL C 190 25.97 -13.16 -44.77
CA VAL C 190 25.62 -13.85 -43.55
C VAL C 190 24.58 -13.01 -42.84
N TYR C 191 23.44 -13.63 -42.58
CA TYR C 191 22.34 -12.98 -41.93
C TYR C 191 22.19 -13.55 -40.56
N ILE C 192 22.30 -12.68 -39.57
CA ILE C 192 22.19 -13.03 -38.17
C ILE C 192 20.95 -12.38 -37.58
N GLN C 193 20.21 -13.15 -36.78
CA GLN C 193 18.98 -12.68 -36.18
C GLN C 193 18.84 -13.26 -34.80
N HIS C 194 18.05 -12.61 -33.94
CA HIS C 194 17.76 -13.17 -32.64
C HIS C 194 16.88 -14.40 -32.81
N ASP C 195 17.13 -15.42 -32.02
CA ASP C 195 16.31 -16.63 -32.01
C ASP C 195 14.84 -16.30 -32.23
N ILE C 196 14.29 -15.44 -31.36
CA ILE C 196 12.87 -15.17 -31.32
C ILE C 196 12.37 -14.39 -32.51
N SER C 197 13.16 -13.41 -32.95
CA SER C 197 12.81 -12.67 -34.15
C SER C 197 12.71 -13.60 -35.34
N ALA C 198 13.69 -14.48 -35.49
CA ALA C 198 13.74 -15.37 -36.65
C ALA C 198 12.50 -16.25 -36.65
N TRP C 199 12.20 -16.81 -35.49
CA TRP C 199 11.07 -17.69 -35.32
C TRP C 199 9.79 -16.95 -35.61
N THR C 200 9.71 -15.70 -35.15
CA THR C 200 8.53 -14.89 -35.35
C THR C 200 8.32 -14.60 -36.84
N MSE C 201 9.40 -14.42 -37.57
CA MSE C 201 9.30 -14.24 -39.01
C MSE C 201 9.01 -15.56 -39.69
O MSE C 201 8.22 -15.60 -40.63
CB MSE C 201 10.56 -13.63 -39.58
CG MSE C 201 11.01 -12.33 -38.93
SE MSE C 201 12.97 -12.04 -39.27
CE MSE C 201 13.02 -12.36 -41.30
N ALA C 202 9.65 -16.63 -39.22
CA ALA C 202 9.38 -17.99 -39.72
C ALA C 202 7.90 -18.32 -39.67
N GLU C 203 7.23 -17.90 -38.60
CA GLU C 203 5.83 -18.22 -38.42
C GLU C 203 4.93 -17.37 -39.32
N ALA C 204 5.40 -16.19 -39.70
CA ALA C 204 4.64 -15.28 -40.54
C ALA C 204 4.74 -15.62 -42.03
N LEU C 205 5.79 -16.34 -42.41
CA LEU C 205 5.97 -16.75 -43.80
C LEU C 205 5.54 -18.18 -44.00
N PHE C 206 5.94 -19.05 -43.10
CA PHE C 206 5.72 -20.48 -43.25
C PHE C 206 4.69 -21.02 -42.29
N GLY C 207 4.43 -20.31 -41.21
CA GLY C 207 3.78 -20.96 -40.08
C GLY C 207 2.34 -20.67 -39.74
N ALA C 208 2.11 -20.46 -38.44
CA ALA C 208 0.80 -20.40 -37.87
C ALA C 208 0.22 -19.03 -38.01
N SER C 209 1.03 -18.09 -38.47
CA SER C 209 0.59 -16.71 -38.64
C SER C 209 0.78 -16.20 -40.06
N ARG C 210 0.84 -17.11 -41.04
CA ARG C 210 0.85 -16.72 -42.43
C ARG C 210 -0.27 -15.74 -42.71
N GLY C 211 0.08 -14.62 -43.33
CA GLY C 211 -0.89 -13.64 -43.82
C GLY C 211 -1.51 -12.69 -42.80
N ALA C 212 -0.85 -12.51 -41.65
CA ALA C 212 -1.29 -11.55 -40.64
C ALA C 212 -0.41 -10.32 -40.66
N ARG C 213 -0.99 -9.16 -40.42
CA ARG C 213 -0.22 -7.93 -40.43
C ARG C 213 0.36 -7.65 -39.06
N ASP C 214 -0.31 -8.17 -38.03
CA ASP C 214 -0.05 -7.84 -36.63
C ASP C 214 -0.13 -9.10 -35.77
N VAL C 215 0.99 -9.48 -35.18
CA VAL C 215 1.10 -10.70 -34.39
C VAL C 215 1.94 -10.46 -33.16
N ILE C 216 1.53 -11.07 -32.05
CA ILE C 216 2.42 -11.19 -30.92
C ILE C 216 2.75 -12.65 -30.77
N GLN C 217 4.04 -12.98 -30.86
CA GLN C 217 4.48 -14.33 -30.64
C GLN C 217 5.23 -14.43 -29.35
N VAL C 218 4.65 -15.15 -28.39
CA VAL C 218 5.27 -15.34 -27.10
C VAL C 218 6.09 -16.62 -27.14
N VAL C 219 7.28 -16.57 -26.58
CA VAL C 219 8.12 -17.75 -26.48
C VAL C 219 8.34 -18.03 -25.01
N ILE C 220 7.94 -19.22 -24.58
CA ILE C 220 8.14 -19.65 -23.21
C ILE C 220 8.93 -20.93 -23.26
N ASP C 221 10.20 -20.84 -22.90
CA ASP C 221 11.11 -21.97 -22.98
C ASP C 221 11.94 -21.97 -21.69
N HIS C 222 13.24 -22.24 -21.79
CA HIS C 222 14.14 -21.95 -20.69
C HIS C 222 14.27 -20.43 -20.60
N ASN C 223 13.57 -19.73 -21.48
CA ASN C 223 13.64 -18.29 -21.59
C ASN C 223 12.38 -17.70 -22.18
N VAL C 224 11.97 -16.55 -21.64
CA VAL C 224 10.74 -15.88 -22.08
C VAL C 224 11.08 -14.66 -22.94
N GLY C 225 10.51 -14.63 -24.14
CA GLY C 225 10.69 -13.51 -25.05
C GLY C 225 9.47 -13.42 -25.93
N ALA C 226 9.48 -12.45 -26.84
CA ALA C 226 8.32 -12.19 -27.66
C ALA C 226 8.72 -11.50 -28.95
N GLY C 227 8.10 -11.90 -30.04
CA GLY C 227 8.26 -11.21 -31.29
C GLY C 227 6.96 -10.50 -31.53
N VAL C 228 7.05 -9.30 -32.06
CA VAL C 228 5.87 -8.55 -32.44
C VAL C 228 5.97 -8.14 -33.90
N ILE C 229 4.89 -8.38 -34.63
CA ILE C 229 4.76 -7.85 -35.98
C ILE C 229 3.59 -6.90 -35.97
N THR C 230 3.83 -5.62 -36.29
CA THR C 230 2.76 -4.67 -36.58
C THR C 230 2.93 -4.10 -37.97
N ASP C 231 1.81 -3.92 -38.66
CA ASP C 231 1.79 -3.48 -40.07
C ASP C 231 2.74 -4.34 -40.91
N GLY C 232 2.71 -5.65 -40.69
CA GLY C 232 3.55 -6.60 -41.42
C GLY C 232 5.05 -6.41 -41.22
N HIS C 233 5.43 -5.57 -40.26
CA HIS C 233 6.84 -5.29 -39.99
C HIS C 233 7.21 -5.70 -38.60
N LEU C 234 8.39 -6.30 -38.48
CA LEU C 234 8.81 -6.85 -37.20
C LEU C 234 9.33 -5.71 -36.34
N LEU C 235 8.73 -5.57 -35.17
CA LEU C 235 9.10 -4.54 -34.22
C LEU C 235 10.62 -4.62 -33.95
N HIS C 236 11.26 -3.47 -33.79
CA HIS C 236 12.71 -3.36 -33.57
C HIS C 236 13.64 -3.82 -34.71
N ALA C 237 13.08 -4.21 -35.86
CA ALA C 237 13.91 -4.58 -37.01
C ALA C 237 15.11 -3.64 -37.17
N GLY C 238 14.85 -2.34 -37.00
CA GLY C 238 15.88 -1.31 -37.13
C GLY C 238 16.65 -0.95 -35.86
N SER C 239 16.85 -1.94 -34.97
CA SER C 239 17.71 -1.79 -33.79
C SER C 239 18.05 -3.16 -33.18
N SER C 240 19.06 -3.19 -32.32
CA SER C 240 19.47 -4.43 -31.69
C SER C 240 18.64 -4.73 -30.43
N SER C 241 17.70 -3.86 -30.09
CA SER C 241 16.87 -4.05 -28.88
C SER C 241 15.78 -5.10 -29.10
N LEU C 242 15.29 -5.69 -28.01
CA LEU C 242 14.31 -6.78 -28.07
C LEU C 242 13.02 -6.46 -27.32
N VAL C 243 11.94 -7.14 -27.69
CA VAL C 243 10.68 -7.04 -26.94
C VAL C 243 10.80 -7.88 -25.69
N GLU C 244 11.17 -7.24 -24.61
CA GLU C 244 11.66 -7.94 -23.46
C GLU C 244 10.55 -8.20 -22.44
N ILE C 245 9.54 -9.00 -22.81
CA ILE C 245 8.43 -9.28 -21.88
C ILE C 245 8.79 -10.13 -20.69
N GLY C 246 9.80 -10.96 -20.82
CA GLY C 246 10.28 -11.73 -19.68
C GLY C 246 10.64 -10.91 -18.45
N HIS C 247 10.83 -9.60 -18.66
CA HIS C 247 11.25 -8.72 -17.58
C HIS C 247 10.24 -7.66 -17.26
N THR C 248 9.00 -7.94 -17.65
CA THR C 248 7.89 -7.17 -17.21
C THR C 248 7.53 -7.77 -15.87
N GLN C 249 7.22 -6.93 -14.90
CA GLN C 249 6.86 -7.41 -13.60
C GLN C 249 5.42 -7.93 -13.51
N VAL C 250 5.28 -9.20 -13.18
CA VAL C 250 4.00 -9.82 -12.88
C VAL C 250 3.78 -9.95 -11.38
N ASP C 251 4.85 -9.86 -10.58
CA ASP C 251 4.74 -10.04 -9.13
C ASP C 251 5.61 -9.10 -8.30
N PRO C 252 5.00 -8.08 -7.67
CA PRO C 252 5.79 -7.10 -6.92
C PRO C 252 6.59 -7.77 -5.78
N TYR C 253 6.13 -8.96 -5.40
CA TYR C 253 6.63 -9.72 -4.26
C TYR C 253 7.48 -10.95 -4.65
N GLY C 254 7.83 -11.08 -5.91
CA GLY C 254 8.52 -12.29 -6.36
C GLY C 254 10.03 -12.32 -6.25
N LYS C 255 10.62 -13.42 -6.75
CA LYS C 255 12.07 -13.67 -6.67
C LYS C 255 12.82 -12.57 -7.39
N ARG C 256 14.06 -12.34 -6.98
CA ARG C 256 14.96 -11.48 -7.74
C ARG C 256 15.32 -12.21 -9.02
N CYS C 257 15.17 -11.53 -10.13
CA CYS C 257 15.50 -12.08 -11.42
C CYS C 257 16.95 -11.71 -11.72
N TYR C 258 17.62 -12.45 -12.60
CA TYR C 258 19.04 -12.21 -12.88
C TYR C 258 19.30 -10.79 -13.37
N CYS C 259 18.24 -10.15 -13.84
CA CYS C 259 18.33 -8.81 -14.37
C CYS C 259 18.49 -7.78 -13.28
N GLY C 260 18.19 -8.18 -12.03
CA GLY C 260 18.29 -7.30 -10.87
C GLY C 260 16.97 -6.91 -10.21
N ASN C 261 15.88 -6.83 -10.97
CA ASN C 261 14.57 -6.53 -10.36
C ASN C 261 13.93 -7.76 -9.74
N HIS C 262 12.71 -7.61 -9.25
CA HIS C 262 11.94 -8.72 -8.70
C HIS C 262 10.67 -8.99 -9.53
N GLY C 263 10.23 -10.22 -9.56
CA GLY C 263 8.91 -10.53 -10.09
C GLY C 263 8.76 -10.39 -11.59
N CYS C 264 9.87 -10.50 -12.31
CA CYS C 264 9.87 -10.62 -13.77
C CYS C 264 9.15 -11.88 -14.18
N LEU C 265 8.45 -11.80 -15.32
CA LEU C 265 7.79 -12.95 -15.95
C LEU C 265 8.67 -14.20 -16.07
N GLU C 266 9.96 -14.04 -16.36
CA GLU C 266 10.83 -15.21 -16.50
C GLU C 266 10.95 -15.99 -15.19
N THR C 267 11.00 -15.23 -14.10
CA THR C 267 10.98 -15.72 -12.75
C THR C 267 9.85 -16.72 -12.51
N ILE C 268 8.79 -16.62 -13.31
CA ILE C 268 7.57 -17.35 -13.04
C ILE C 268 7.18 -18.28 -14.17
N ALA C 269 7.61 -17.95 -15.38
CA ALA C 269 7.11 -18.64 -16.56
C ALA C 269 8.18 -19.42 -17.29
N SER C 270 9.45 -19.12 -17.04
CA SER C 270 10.50 -19.90 -17.67
C SER C 270 10.23 -21.33 -17.22
N VAL C 271 10.15 -22.23 -18.19
CA VAL C 271 9.88 -23.64 -17.91
C VAL C 271 10.67 -24.14 -16.68
N ASP C 272 11.92 -23.72 -16.57
CA ASP C 272 12.76 -24.14 -15.47
C ASP C 272 12.17 -23.68 -14.14
N SER C 273 11.74 -22.43 -14.09
CA SER C 273 11.17 -21.90 -12.88
C SER C 273 9.81 -22.54 -12.60
N ILE C 274 9.12 -22.96 -13.66
CA ILE C 274 7.86 -23.66 -13.49
C ILE C 274 8.12 -25.02 -12.85
N LEU C 275 9.10 -25.74 -13.39
CA LEU C 275 9.50 -27.04 -12.83
C LEU C 275 9.98 -26.93 -11.38
N GLU C 276 10.74 -25.88 -11.07
CA GLU C 276 11.24 -25.67 -9.71
C GLU C 276 10.11 -25.44 -8.72
N LEU C 277 9.09 -24.72 -9.18
CA LEU C 277 7.89 -24.47 -8.38
C LEU C 277 7.13 -25.77 -8.14
N ALA C 278 6.97 -26.55 -9.21
CA ALA C 278 6.31 -27.83 -9.10
C ALA C 278 7.07 -28.70 -8.11
N GLN C 279 8.39 -28.79 -8.27
CA GLN C 279 9.21 -29.61 -7.37
C GLN C 279 8.99 -29.23 -5.90
N LEU C 280 8.64 -27.97 -5.67
CA LEU C 280 8.32 -27.53 -4.32
C LEU C 280 6.89 -27.89 -3.94
N ARG C 281 5.92 -27.34 -4.67
CA ARG C 281 4.50 -27.50 -4.35
C ARG C 281 4.08 -28.95 -4.37
N LEU C 282 4.80 -29.71 -5.19
CA LEU C 282 4.64 -31.15 -5.32
C LEU C 282 5.10 -31.86 -4.05
N ASN C 283 6.28 -31.49 -3.55
CA ASN C 283 6.87 -32.13 -2.36
C ASN C 283 5.94 -32.21 -1.15
N GLN C 284 4.95 -31.31 -1.11
CA GLN C 284 3.93 -31.32 -0.06
C GLN C 284 2.53 -31.70 -0.57
N SER C 285 2.42 -32.04 -1.85
CA SER C 285 1.13 -32.56 -2.35
C SER C 285 1.13 -34.09 -2.21
N MSE C 286 0.24 -34.58 -1.34
CA MSE C 286 0.13 -36.02 -1.12
C MSE C 286 -0.78 -36.79 -2.13
O MSE C 286 -0.52 -37.70 -2.67
CB MSE C 286 -0.31 -36.27 0.37
CG MSE C 286 0.92 -36.56 1.25
SE MSE C 286 2.16 -37.72 0.19
CE MSE C 286 3.44 -36.30 -0.48
N SER C 287 -1.60 -35.77 -2.78
CA SER C 287 -2.60 -36.14 -3.77
C SER C 287 -2.00 -36.31 -5.16
N SER C 288 -1.09 -35.39 -5.54
CA SER C 288 -0.70 -35.21 -6.94
C SER C 288 -0.15 -36.46 -7.60
N MSE C 289 -0.61 -36.72 -8.82
CA MSE C 289 -0.18 -37.86 -9.61
C MSE C 289 1.13 -37.56 -10.35
O MSE C 289 1.62 -38.39 -11.14
CB MSE C 289 -1.26 -38.25 -10.61
CG MSE C 289 -1.98 -37.01 -11.21
SE MSE C 289 -2.67 -37.36 -13.00
CE MSE C 289 -4.06 -38.91 -12.53
N LEU C 290 1.68 -36.37 -10.10
CA LEU C 290 3.00 -36.02 -10.61
C LEU C 290 4.10 -36.78 -9.88
N HIS C 291 3.71 -37.53 -8.85
CA HIS C 291 4.66 -38.31 -8.07
C HIS C 291 5.09 -39.59 -8.77
N GLY C 292 4.20 -40.10 -9.66
CA GLY C 292 4.41 -41.38 -10.35
C GLY C 292 5.61 -41.52 -11.28
N GLN C 293 6.15 -40.37 -11.72
CA GLN C 293 7.30 -40.33 -12.63
C GLN C 293 8.16 -39.09 -12.35
N PRO C 294 9.40 -39.06 -12.88
CA PRO C 294 10.25 -37.84 -12.95
C PRO C 294 9.48 -36.55 -13.26
N LEU C 295 10.10 -35.41 -12.95
CA LEU C 295 9.45 -34.13 -13.12
C LEU C 295 9.87 -33.45 -14.43
N THR C 296 9.04 -33.61 -15.45
CA THR C 296 9.33 -33.01 -16.75
C THR C 296 8.23 -32.08 -17.19
N VAL C 297 8.60 -31.12 -18.03
CA VAL C 297 7.62 -30.23 -18.66
C VAL C 297 6.48 -31.06 -19.16
N ASP C 298 6.85 -32.25 -19.61
CA ASP C 298 5.94 -33.13 -20.26
C ASP C 298 4.98 -33.79 -19.27
N SER C 299 5.53 -34.44 -18.24
CA SER C 299 4.69 -35.02 -17.18
C SER C 299 3.73 -33.95 -16.65
N LEU C 300 4.27 -32.75 -16.43
CA LEU C 300 3.50 -31.59 -15.96
C LEU C 300 2.27 -31.33 -16.82
N CYS C 301 2.49 -31.18 -18.13
CA CYS C 301 1.42 -30.97 -19.10
C CYS C 301 0.42 -32.12 -19.16
N GLN C 302 0.92 -33.34 -19.10
CA GLN C 302 0.08 -34.51 -19.14
C GLN C 302 -0.85 -34.51 -17.93
N ALA C 303 -0.26 -34.43 -16.74
CA ALA C 303 -1.01 -34.43 -15.49
C ALA C 303 -2.09 -33.36 -15.50
N ALA C 304 -1.76 -32.17 -16.02
CA ALA C 304 -2.72 -31.08 -16.12
C ALA C 304 -3.93 -31.44 -16.99
N LEU C 305 -3.65 -32.05 -18.15
CA LEU C 305 -4.70 -32.43 -19.12
C LEU C 305 -5.70 -33.44 -18.60
N ARG C 306 -5.22 -34.31 -17.67
CA ARG C 306 -6.06 -35.35 -17.06
C ARG C 306 -7.07 -34.76 -16.06
N GLY C 307 -6.59 -33.73 -15.29
CA GLY C 307 -7.43 -33.08 -14.28
C GLY C 307 -6.72 -32.90 -12.93
N ASP C 308 -5.43 -33.35 -12.91
CA ASP C 308 -4.64 -33.21 -11.65
C ASP C 308 -4.52 -31.74 -11.23
N LEU C 309 -5.03 -31.45 -10.03
CA LEU C 309 -5.24 -30.08 -9.57
C LEU C 309 -3.96 -29.28 -9.45
N LEU C 310 -2.89 -29.94 -8.99
CA LEU C 310 -1.60 -29.32 -8.76
C LEU C 310 -0.96 -28.80 -10.04
N ALA C 311 -0.80 -29.70 -11.01
CA ALA C 311 -0.32 -29.34 -12.34
C ALA C 311 -1.28 -28.32 -12.95
N LYS C 312 -2.55 -28.71 -13.11
CA LYS C 312 -3.57 -27.88 -13.75
C LYS C 312 -3.60 -26.45 -13.20
N ASP C 313 -3.43 -26.33 -11.90
CA ASP C 313 -3.41 -25.03 -11.24
C ASP C 313 -2.09 -24.30 -11.47
N ILE C 314 -0.99 -25.04 -11.58
CA ILE C 314 0.30 -24.43 -11.92
C ILE C 314 0.24 -23.83 -13.33
N ILE C 315 -0.27 -24.63 -14.27
CA ILE C 315 -0.42 -24.15 -15.64
C ILE C 315 -1.40 -22.98 -15.68
N THR C 316 -2.56 -23.13 -15.03
CA THR C 316 -3.49 -22.03 -14.93
C THR C 316 -2.77 -20.79 -14.39
N GLY C 317 -1.83 -21.03 -13.46
CA GLY C 317 -1.01 -19.97 -12.89
C GLY C 317 -0.20 -19.25 -13.94
N VAL C 318 0.48 -20.02 -14.78
CA VAL C 318 1.38 -19.45 -15.78
C VAL C 318 0.60 -18.65 -16.80
N GLY C 319 -0.50 -19.21 -17.27
CA GLY C 319 -1.31 -18.52 -18.24
C GLY C 319 -1.95 -17.24 -17.73
N ALA C 320 -2.13 -17.14 -16.43
CA ALA C 320 -2.79 -15.97 -15.83
C ALA C 320 -1.86 -14.75 -15.80
N HIS C 321 -0.58 -15.01 -15.55
CA HIS C 321 0.42 -13.96 -15.59
C HIS C 321 0.75 -13.59 -17.02
N VAL C 322 1.03 -14.60 -17.82
CA VAL C 322 1.26 -14.37 -19.24
C VAL C 322 0.07 -13.62 -19.83
N GLY C 323 -1.14 -14.07 -19.49
CA GLY C 323 -2.38 -13.45 -19.96
C GLY C 323 -2.44 -11.98 -19.64
N ARG C 324 -2.12 -11.62 -18.40
CA ARG C 324 -2.06 -10.21 -18.03
C ARG C 324 -1.15 -9.42 -18.99
N ILE C 325 0.09 -9.87 -19.17
CA ILE C 325 1.02 -9.13 -20.02
C ILE C 325 0.55 -9.14 -21.48
N LEU C 326 0.13 -10.30 -21.96
CA LEU C 326 -0.46 -10.37 -23.29
C LEU C 326 -1.60 -9.38 -23.44
N ALA C 327 -2.44 -9.23 -22.42
CA ALA C 327 -3.58 -8.34 -22.51
C ALA C 327 -3.14 -6.90 -22.70
N ILE C 328 -2.10 -6.52 -21.99
CA ILE C 328 -1.57 -5.17 -22.12
C ILE C 328 -1.12 -4.94 -23.55
N MSE C 329 -0.29 -5.85 -24.04
CA MSE C 329 0.15 -5.82 -25.41
C MSE C 329 -0.97 -5.70 -26.40
O MSE C 329 -0.92 -4.87 -27.31
CB MSE C 329 0.97 -7.05 -25.69
CG MSE C 329 2.15 -7.12 -24.77
SE MSE C 329 3.40 -8.53 -25.24
CE MSE C 329 3.93 -7.95 -27.07
N VAL C 330 -2.00 -6.52 -26.23
CA VAL C 330 -3.15 -6.44 -27.10
C VAL C 330 -3.69 -5.01 -27.16
N ASN C 331 -3.77 -4.37 -26.00
CA ASN C 331 -4.16 -2.98 -25.94
C ASN C 331 -3.25 -2.10 -26.78
N LEU C 332 -1.95 -2.35 -26.70
CA LEU C 332 -0.95 -1.56 -27.42
C LEU C 332 -0.90 -1.83 -28.91
N PHE C 333 -0.98 -3.11 -29.29
CA PHE C 333 -0.64 -3.52 -30.67
C PHE C 333 -1.81 -3.94 -31.48
N ASN C 334 -2.83 -4.48 -30.82
CA ASN C 334 -4.03 -4.96 -31.49
C ASN C 334 -3.70 -6.03 -32.52
N PRO C 335 -3.22 -7.19 -32.06
CA PRO C 335 -2.87 -8.21 -33.04
C PRO C 335 -4.08 -8.99 -33.56
N GLN C 336 -3.96 -9.57 -34.74
CA GLN C 336 -4.95 -10.51 -35.23
C GLN C 336 -4.73 -11.87 -34.60
N LYS C 337 -3.47 -12.17 -34.28
CA LYS C 337 -3.08 -13.50 -33.80
C LYS C 337 -2.04 -13.40 -32.71
N ILE C 338 -2.16 -14.32 -31.76
CA ILE C 338 -1.20 -14.44 -30.71
C ILE C 338 -0.74 -15.88 -30.76
N LEU C 339 0.54 -16.07 -31.06
CA LEU C 339 1.11 -17.39 -31.11
C LEU C 339 1.90 -17.61 -29.85
N ILE C 340 1.70 -18.79 -29.26
CA ILE C 340 2.47 -19.21 -28.12
C ILE C 340 3.41 -20.34 -28.54
N GLY C 341 4.70 -20.07 -28.44
CA GLY C 341 5.74 -20.99 -28.87
C GLY C 341 6.41 -21.60 -27.66
N SER C 342 5.90 -22.74 -27.21
CA SER C 342 6.31 -23.29 -25.94
C SER C 342 6.09 -24.78 -25.92
N PRO C 343 6.94 -25.52 -25.17
CA PRO C 343 6.58 -26.91 -24.82
C PRO C 343 5.27 -26.94 -24.05
N LEU C 344 4.91 -25.83 -23.41
CA LEU C 344 3.66 -25.72 -22.68
C LEU C 344 2.43 -25.81 -23.57
N SER C 345 2.62 -25.71 -24.88
CA SER C 345 1.50 -25.89 -25.78
C SER C 345 0.89 -27.29 -25.72
N LYS C 346 1.64 -28.27 -25.19
CA LYS C 346 1.09 -29.62 -25.00
C LYS C 346 -0.20 -29.51 -24.16
N ALA C 347 -0.28 -28.45 -23.34
CA ALA C 347 -1.49 -28.14 -22.59
C ALA C 347 -2.19 -26.87 -23.09
N ALA C 348 -2.22 -26.69 -24.41
CA ALA C 348 -3.02 -25.65 -25.06
C ALA C 348 -4.46 -25.67 -24.53
N ASP C 349 -5.06 -26.85 -24.43
CA ASP C 349 -6.45 -26.99 -24.02
C ASP C 349 -6.78 -26.30 -22.70
N ILE C 350 -5.77 -26.13 -21.85
CA ILE C 350 -5.93 -25.48 -20.55
C ILE C 350 -5.32 -24.08 -20.55
N LEU C 351 -4.11 -23.98 -21.10
CA LEU C 351 -3.36 -22.73 -21.07
C LEU C 351 -4.07 -21.65 -21.89
N PHE C 352 -4.39 -21.99 -23.14
CA PHE C 352 -4.98 -21.04 -24.07
C PHE C 352 -6.29 -20.38 -23.64
N PRO C 353 -7.26 -21.16 -23.11
CA PRO C 353 -8.42 -20.43 -22.59
C PRO C 353 -8.00 -19.44 -21.51
N VAL C 354 -7.15 -19.86 -20.56
CA VAL C 354 -6.70 -18.97 -19.48
C VAL C 354 -6.16 -17.63 -20.05
N ILE C 355 -5.19 -17.71 -20.96
CA ILE C 355 -4.72 -16.53 -21.65
C ILE C 355 -5.88 -15.74 -22.29
N SER C 356 -6.66 -16.40 -23.15
CA SER C 356 -7.85 -15.77 -23.78
C SER C 356 -8.77 -15.05 -22.78
N ASP C 357 -9.09 -15.72 -21.69
CA ASP C 357 -9.87 -15.12 -20.62
C ASP C 357 -9.23 -13.84 -20.11
N SER C 358 -7.93 -13.90 -19.82
CA SER C 358 -7.20 -12.72 -19.36
C SER C 358 -7.37 -11.61 -20.39
N ILE C 359 -7.06 -11.92 -21.65
CA ILE C 359 -7.15 -10.93 -22.71
C ILE C 359 -8.56 -10.37 -22.81
N ARG C 360 -9.57 -11.22 -22.93
CA ARG C 360 -10.97 -10.77 -22.95
C ARG C 360 -11.33 -9.89 -21.76
N GLN C 361 -10.92 -10.32 -20.57
CA GLN C 361 -11.20 -9.58 -19.35
C GLN C 361 -10.42 -8.28 -19.24
N GLN C 362 -9.29 -8.18 -19.93
CA GLN C 362 -8.37 -7.06 -19.68
C GLN C 362 -8.02 -6.13 -20.84
N ALA C 363 -8.41 -6.47 -22.06
CA ALA C 363 -8.13 -5.56 -23.15
C ALA C 363 -9.41 -5.02 -23.75
N LEU C 364 -9.32 -3.80 -24.26
CA LEU C 364 -10.38 -3.18 -24.99
C LEU C 364 -11.20 -4.22 -25.76
N PRO C 365 -12.50 -4.37 -25.42
CA PRO C 365 -13.34 -5.35 -26.10
C PRO C 365 -13.21 -5.28 -27.61
N ALA C 366 -13.13 -4.07 -28.15
CA ALA C 366 -12.97 -3.85 -29.59
C ALA C 366 -11.77 -4.59 -30.18
N TYR C 367 -10.76 -4.87 -29.35
CA TYR C 367 -9.51 -5.50 -29.76
C TYR C 367 -9.47 -6.97 -29.36
N SER C 368 -10.32 -7.36 -28.43
CA SER C 368 -10.25 -8.69 -27.84
C SER C 368 -11.30 -9.62 -28.44
N GLN C 369 -12.22 -9.03 -29.20
CA GLN C 369 -13.41 -9.68 -29.73
C GLN C 369 -13.10 -11.01 -30.42
N HIS C 370 -12.30 -10.97 -31.48
CA HIS C 370 -12.11 -12.15 -32.31
C HIS C 370 -10.68 -12.66 -32.31
N ILE C 371 -9.88 -12.16 -31.36
CA ILE C 371 -8.48 -12.56 -31.21
C ILE C 371 -8.39 -14.00 -30.76
N SER C 372 -7.64 -14.79 -31.52
CA SER C 372 -7.43 -16.18 -31.17
C SER C 372 -6.01 -16.40 -30.67
N VAL C 373 -5.93 -17.00 -29.49
CA VAL C 373 -4.68 -17.44 -28.93
C VAL C 373 -4.45 -18.83 -29.43
N GLU C 374 -3.40 -19.02 -30.22
CA GLU C 374 -3.13 -20.32 -30.83
C GLU C 374 -1.68 -20.76 -30.72
N SER C 375 -1.46 -22.04 -30.97
CA SER C 375 -0.16 -22.62 -30.85
C SER C 375 0.69 -22.15 -32.02
N THR C 376 2.00 -22.14 -31.82
CA THR C 376 2.96 -21.96 -32.87
C THR C 376 2.81 -23.20 -33.76
N GLN C 377 3.12 -23.07 -35.04
CA GLN C 377 2.99 -24.22 -35.92
C GLN C 377 4.26 -25.05 -35.89
N PHE C 378 5.40 -24.37 -35.72
CA PHE C 378 6.68 -25.04 -35.74
C PHE C 378 7.39 -24.75 -34.45
N SER C 379 7.74 -25.81 -33.73
CA SER C 379 8.29 -25.69 -32.36
C SER C 379 9.74 -25.17 -32.26
N ASN C 380 10.29 -24.73 -33.39
CA ASN C 380 11.69 -24.28 -33.47
C ASN C 380 12.70 -25.11 -32.68
N GLN C 381 12.77 -26.39 -33.01
CA GLN C 381 13.94 -27.20 -32.72
C GLN C 381 14.73 -27.01 -33.99
N GLY C 382 16.05 -27.15 -33.90
CA GLY C 382 16.92 -27.02 -35.07
C GLY C 382 16.81 -25.71 -35.81
N THR C 383 17.09 -25.76 -37.10
CA THR C 383 17.33 -24.55 -37.88
C THR C 383 16.12 -24.05 -38.68
N MSE C 384 14.94 -24.61 -38.41
CA MSE C 384 13.73 -24.38 -39.23
C MSE C 384 13.40 -22.89 -39.49
O MSE C 384 12.59 -22.56 -40.36
CB MSE C 384 12.50 -25.21 -38.72
CG MSE C 384 12.13 -25.13 -37.20
SE MSE C 384 11.03 -26.64 -36.29
CE MSE C 384 10.03 -27.43 -37.81
N ALA C 385 14.11 -22.01 -38.77
CA ALA C 385 13.83 -20.57 -38.70
C ALA C 385 14.78 -19.73 -39.52
N GLY C 386 16.01 -20.21 -39.70
CA GLY C 386 16.98 -19.61 -40.62
C GLY C 386 16.34 -19.27 -41.96
N ALA C 387 15.53 -20.22 -42.46
CA ALA C 387 14.70 -20.03 -43.65
C ALA C 387 14.13 -18.63 -43.79
N ALA C 388 13.57 -18.10 -42.71
CA ALA C 388 12.92 -16.81 -42.75
C ALA C 388 13.89 -15.71 -43.10
N LEU C 389 15.12 -15.79 -42.59
CA LEU C 389 16.15 -14.79 -42.88
C LEU C 389 16.48 -14.74 -44.35
N VAL C 390 16.77 -15.90 -44.94
CA VAL C 390 17.06 -16.02 -46.35
C VAL C 390 15.87 -15.59 -47.23
N LYS C 391 14.68 -16.12 -46.94
CA LYS C 391 13.51 -15.64 -47.64
C LYS C 391 13.41 -14.13 -47.56
N ASP C 392 13.72 -13.58 -46.38
CA ASP C 392 13.64 -12.14 -46.16
C ASP C 392 14.64 -11.42 -47.05
N ALA C 393 15.85 -11.99 -47.14
CA ALA C 393 16.92 -11.44 -47.96
C ALA C 393 16.56 -11.53 -49.44
N MSE C 394 15.74 -12.52 -49.78
CA MSE C 394 15.23 -12.68 -51.14
C MSE C 394 14.16 -11.65 -51.41
O MSE C 394 14.10 -11.12 -52.52
CB MSE C 394 14.63 -14.08 -51.35
CG MSE C 394 15.63 -15.22 -51.47
SE MSE C 394 17.11 -14.97 -52.75
CE MSE C 394 16.13 -15.14 -54.51
N TYR C 395 13.29 -11.40 -50.43
CA TYR C 395 12.08 -10.60 -50.67
C TYR C 395 12.32 -9.10 -50.67
N ASN C 396 13.24 -8.63 -49.83
CA ASN C 396 13.67 -7.23 -49.96
C ASN C 396 14.59 -7.10 -51.17
N GLY C 397 15.27 -8.19 -51.51
CA GLY C 397 15.96 -8.27 -52.78
C GLY C 397 17.46 -8.24 -52.70
N SER C 398 18.01 -8.09 -51.48
CA SER C 398 19.48 -7.98 -51.28
C SER C 398 20.23 -9.23 -51.77
N LEU C 399 19.75 -10.40 -51.33
CA LEU C 399 20.31 -11.68 -51.74
C LEU C 399 20.10 -11.87 -53.24
N LEU C 400 18.86 -11.65 -53.68
CA LEU C 400 18.48 -11.77 -55.08
C LEU C 400 19.45 -11.05 -56.03
N ILE C 401 19.70 -9.76 -55.78
CA ILE C 401 20.60 -8.96 -56.62
C ILE C 401 22.01 -9.53 -56.55
N ARG C 402 22.44 -9.86 -55.33
CA ARG C 402 23.70 -10.54 -55.12
C ARG C 402 23.75 -11.77 -56.01
N LEU C 403 22.63 -12.51 -56.04
CA LEU C 403 22.53 -13.74 -56.82
C LEU C 403 22.54 -13.59 -58.33
N LEU C 404 21.93 -12.52 -58.84
CA LEU C 404 21.91 -12.28 -60.28
C LEU C 404 23.25 -11.70 -60.77
N GLN C 405 24.35 -12.38 -60.46
CA GLN C 405 25.71 -11.86 -60.72
C GLN C 405 26.61 -12.74 -61.62
N GLY C 406 27.57 -13.44 -61.01
CA GLY C 406 28.53 -14.25 -61.76
C GLY C 406 28.47 -15.73 -61.42
N GLN D 12 -3.47 4.14 -59.60
CA GLN D 12 -3.12 2.75 -59.19
C GLN D 12 -1.67 2.44 -59.55
N ILE D 13 -1.42 2.13 -60.81
CA ILE D 13 -0.08 1.84 -61.32
C ILE D 13 0.68 3.17 -61.48
N LYS D 14 0.05 4.14 -62.16
CA LYS D 14 0.64 5.45 -62.40
C LYS D 14 0.69 6.27 -61.10
N GLN D 15 0.12 5.72 -60.04
CA GLN D 15 0.10 6.37 -58.73
C GLN D 15 1.42 6.18 -57.97
N THR D 16 1.91 4.94 -57.92
CA THR D 16 3.19 4.59 -57.29
C THR D 16 4.34 5.36 -57.93
N ASN D 17 4.37 5.35 -59.26
CA ASN D 17 5.46 5.95 -60.03
C ASN D 17 5.60 7.44 -59.78
N ALA D 18 4.47 8.12 -59.66
CA ALA D 18 4.44 9.56 -59.36
C ALA D 18 4.89 9.81 -57.92
N GLY D 19 4.38 9.01 -56.99
CA GLY D 19 4.80 9.09 -55.60
C GLY D 19 6.30 8.87 -55.44
N ALA D 20 6.83 7.87 -56.14
CA ALA D 20 8.26 7.53 -56.10
C ALA D 20 9.15 8.63 -56.70
N VAL D 21 8.81 9.06 -57.92
CA VAL D 21 9.52 10.18 -58.57
C VAL D 21 9.49 11.40 -57.65
N TYR D 22 8.30 11.80 -57.20
CA TYR D 22 8.19 12.94 -56.31
C TYR D 22 9.02 12.78 -55.03
N ARG D 23 8.91 11.64 -54.36
CA ARG D 23 9.64 11.37 -53.12
C ARG D 23 11.15 11.49 -53.29
N LEU D 24 11.65 11.09 -54.46
CA LEU D 24 13.08 11.15 -54.75
C LEU D 24 13.54 12.58 -55.07
N ILE D 25 12.75 13.30 -55.86
CA ILE D 25 12.99 14.73 -56.14
C ILE D 25 12.95 15.56 -54.85
N ASP D 26 12.03 15.20 -53.97
CA ASP D 26 11.90 15.84 -52.66
C ASP D 26 13.13 15.59 -51.80
N GLN D 27 13.66 14.37 -51.84
CA GLN D 27 14.73 14.01 -50.92
C GLN D 27 16.12 14.29 -51.45
N LEU D 28 16.29 14.17 -52.76
CA LEU D 28 17.62 14.29 -53.38
C LEU D 28 17.70 15.37 -54.46
N GLY D 29 16.77 16.33 -54.42
CA GLY D 29 16.79 17.47 -55.33
C GLY D 29 17.83 18.52 -54.96
N PRO D 30 18.56 19.05 -55.96
CA PRO D 30 18.47 18.77 -57.40
C PRO D 30 18.93 17.37 -57.83
N VAL D 31 18.14 16.74 -58.69
CA VAL D 31 18.42 15.41 -59.21
C VAL D 31 18.01 15.36 -60.68
N SER D 32 18.93 14.98 -61.56
CA SER D 32 18.67 14.98 -63.01
C SER D 32 17.67 13.91 -63.49
N ARG D 33 17.08 14.16 -64.65
CA ARG D 33 16.05 13.27 -65.20
C ARG D 33 16.50 11.82 -65.45
N ILE D 34 17.69 11.64 -66.02
CA ILE D 34 18.22 10.29 -66.24
C ILE D 34 18.77 9.71 -64.91
N ASP D 35 18.84 10.54 -63.87
CA ASP D 35 19.07 10.08 -62.49
C ASP D 35 17.79 9.52 -61.86
N LEU D 36 16.65 10.10 -62.23
CA LEU D 36 15.36 9.58 -61.79
C LEU D 36 15.03 8.30 -62.53
N SER D 37 15.41 8.27 -63.80
CA SER D 37 15.16 7.11 -64.65
C SER D 37 15.79 5.86 -64.05
N ARG D 38 17.00 6.02 -63.48
CA ARG D 38 17.70 4.90 -62.85
C ARG D 38 17.29 4.69 -61.39
N LEU D 39 16.99 5.78 -60.68
CA LEU D 39 16.59 5.67 -59.28
C LEU D 39 15.16 5.13 -59.08
N ALA D 40 14.17 5.75 -59.72
CA ALA D 40 12.77 5.31 -59.64
C ALA D 40 12.54 4.02 -60.42
N GLN D 41 13.44 3.79 -61.38
CA GLN D 41 13.50 2.61 -62.26
C GLN D 41 12.33 2.48 -63.23
N LEU D 42 11.89 3.63 -63.71
CA LEU D 42 10.93 3.72 -64.80
C LEU D 42 11.71 4.00 -66.08
N ALA D 43 11.11 3.69 -67.22
CA ALA D 43 11.68 4.09 -68.50
C ALA D 43 11.91 5.62 -68.55
N PRO D 44 12.91 6.09 -69.33
CA PRO D 44 13.11 7.54 -69.45
C PRO D 44 11.86 8.28 -70.00
N ALA D 45 11.13 7.63 -70.92
CA ALA D 45 9.90 8.18 -71.50
C ALA D 45 8.77 8.36 -70.46
N SER D 46 8.74 7.48 -69.45
CA SER D 46 7.80 7.57 -68.34
C SER D 46 8.15 8.75 -67.43
N ILE D 47 9.44 8.95 -67.20
CA ILE D 47 9.92 10.07 -66.42
C ILE D 47 9.55 11.39 -67.10
N THR D 48 9.84 11.52 -68.40
CA THR D 48 9.52 12.74 -69.16
C THR D 48 8.00 13.07 -69.15
N LYS D 49 7.16 12.04 -69.25
CA LYS D 49 5.70 12.19 -69.16
C LYS D 49 5.23 12.57 -67.74
N ILE D 50 5.74 11.86 -66.73
CA ILE D 50 5.37 12.08 -65.33
C ILE D 50 5.87 13.45 -64.81
N VAL D 51 7.09 13.80 -65.22
CA VAL D 51 7.73 15.05 -64.79
C VAL D 51 7.14 16.29 -65.50
N HIS D 52 6.72 16.12 -66.74
CA HIS D 52 6.11 17.20 -67.53
C HIS D 52 4.83 17.72 -66.90
N GLU D 53 4.00 16.80 -66.40
CA GLU D 53 2.75 17.15 -65.72
C GLU D 53 2.96 17.87 -64.41
N MSE D 54 4.00 17.45 -63.68
CA MSE D 54 4.40 18.09 -62.42
C MSE D 54 4.98 19.48 -62.63
O MSE D 54 4.98 20.29 -61.71
CB MSE D 54 5.39 17.20 -61.68
CG MSE D 54 4.79 16.35 -60.59
SE MSE D 54 5.88 14.81 -60.06
CE MSE D 54 7.64 15.37 -60.78
N LEU D 55 5.48 19.73 -63.84
CA LEU D 55 5.83 21.08 -64.26
C LEU D 55 4.56 21.82 -64.65
N GLU D 56 3.66 21.15 -65.36
CA GLU D 56 2.35 21.71 -65.73
C GLU D 56 1.46 22.00 -64.51
N ALA D 57 1.65 21.22 -63.45
CA ALA D 57 0.96 21.46 -62.18
C ALA D 57 1.76 22.43 -61.31
N HIS D 58 3.06 22.54 -61.60
CA HIS D 58 4.02 23.37 -60.82
C HIS D 58 4.36 22.77 -59.45
N LEU D 59 4.19 21.45 -59.33
CA LEU D 59 4.54 20.70 -58.11
C LEU D 59 6.05 20.56 -57.95
N VAL D 60 6.75 20.61 -59.07
CA VAL D 60 8.22 20.57 -59.11
C VAL D 60 8.74 21.72 -59.99
N GLN D 61 9.91 22.26 -59.62
CA GLN D 61 10.58 23.34 -60.34
C GLN D 61 11.91 22.86 -60.95
N GLU D 62 12.20 23.35 -62.14
CA GLU D 62 13.46 23.08 -62.81
C GLU D 62 14.53 24.12 -62.50
N LEU D 63 15.79 23.69 -62.45
CA LEU D 63 16.93 24.56 -62.17
C LEU D 63 18.08 24.31 -63.13
N GLY D 77 19.09 20.28 -62.17
CA GLY D 77 18.35 19.09 -61.71
C GLY D 77 16.96 19.40 -61.15
N LEU D 78 16.26 18.35 -60.72
CA LEU D 78 14.89 18.49 -60.25
C LEU D 78 14.76 18.76 -58.77
N VAL D 79 13.97 19.78 -58.45
CA VAL D 79 13.81 20.27 -57.09
C VAL D 79 12.33 20.46 -56.76
N VAL D 80 11.91 20.05 -55.58
CA VAL D 80 10.49 20.14 -55.21
C VAL D 80 10.04 21.61 -55.09
N GLU D 81 8.77 21.85 -55.41
CA GLU D 81 8.20 23.20 -55.36
C GLU D 81 7.13 23.26 -54.27
N THR D 82 7.42 23.99 -53.18
CA THR D 82 6.60 23.94 -51.95
C THR D 82 5.81 25.21 -51.60
N GLU D 83 6.22 26.36 -52.15
CA GLU D 83 5.66 27.66 -51.77
C GLU D 83 4.26 27.94 -52.31
N ALA D 84 4.09 27.86 -53.63
CA ALA D 84 2.80 28.10 -54.27
C ALA D 84 1.83 26.93 -54.09
N TRP D 85 2.01 26.21 -52.99
CA TRP D 85 1.23 25.02 -52.68
C TRP D 85 0.90 24.97 -51.20
N HIS D 86 -0.38 25.02 -50.88
CA HIS D 86 -0.84 25.03 -49.48
C HIS D 86 -1.64 23.77 -49.08
N TYR D 87 -1.70 23.53 -47.78
CA TYR D 87 -2.73 22.66 -47.19
C TYR D 87 -3.34 23.33 -45.97
N LEU D 88 -4.47 22.80 -45.54
CA LEU D 88 -5.18 23.35 -44.40
C LEU D 88 -5.13 22.32 -43.28
N SER D 89 -4.54 22.71 -42.15
CA SER D 89 -4.56 21.84 -40.98
C SER D 89 -5.59 22.30 -39.94
N LEU D 90 -6.35 21.35 -39.44
CA LEU D 90 -7.46 21.59 -38.50
C LEU D 90 -7.28 20.86 -37.18
N ARG D 91 -7.30 21.60 -36.08
CA ARG D 91 -7.43 21.00 -34.75
C ARG D 91 -8.81 21.32 -34.15
N ILE D 92 -9.50 20.28 -33.70
CA ILE D 92 -10.76 20.41 -33.00
C ILE D 92 -10.50 19.96 -31.57
N SER D 93 -10.74 20.86 -30.62
CA SER D 93 -10.51 20.55 -29.22
C SER D 93 -11.79 20.68 -28.40
N ARG D 94 -11.62 20.97 -27.12
CA ARG D 94 -12.73 21.30 -26.22
C ARG D 94 -13.22 22.72 -26.52
N GLY D 95 -14.36 22.80 -27.21
CA GLY D 95 -15.00 24.08 -27.51
C GLY D 95 -14.27 24.97 -28.50
N GLU D 96 -13.32 24.42 -29.26
CA GLU D 96 -12.54 25.23 -30.18
C GLU D 96 -12.21 24.55 -31.49
N ILE D 97 -11.93 25.37 -32.50
CA ILE D 97 -11.34 24.91 -33.76
C ILE D 97 -10.09 25.75 -34.05
N PHE D 98 -9.04 25.10 -34.55
CA PHE D 98 -7.80 25.78 -34.92
C PHE D 98 -7.51 25.56 -36.41
N LEU D 99 -7.20 26.63 -37.11
CA LEU D 99 -7.03 26.55 -38.56
C LEU D 99 -5.75 27.25 -38.99
N ALA D 100 -4.90 26.53 -39.73
CA ALA D 100 -3.66 27.12 -40.25
C ALA D 100 -3.38 26.73 -41.71
N LEU D 101 -3.18 27.75 -42.55
CA LEU D 101 -2.68 27.55 -43.91
C LEU D 101 -1.16 27.38 -43.88
N ARG D 102 -0.66 26.41 -44.63
CA ARG D 102 0.78 26.07 -44.63
C ARG D 102 1.34 25.71 -46.01
N ASP D 103 2.64 25.98 -46.19
CA ASP D 103 3.45 25.41 -47.27
C ASP D 103 3.48 23.89 -47.20
N LEU D 104 3.98 23.27 -48.27
CA LEU D 104 4.28 21.83 -48.24
C LEU D 104 5.44 21.53 -47.29
N SER D 105 6.29 22.53 -47.08
CA SER D 105 7.33 22.48 -46.06
C SER D 105 6.73 22.65 -44.66
N SER D 106 5.44 22.96 -44.63
CA SER D 106 4.66 23.24 -43.40
C SER D 106 5.07 24.52 -42.64
N LYS D 107 5.64 25.48 -43.37
CA LYS D 107 5.90 26.82 -42.85
C LYS D 107 4.57 27.55 -42.73
N LEU D 108 4.36 28.25 -41.61
CA LEU D 108 3.08 28.93 -41.34
C LEU D 108 2.76 30.01 -42.37
N VAL D 109 1.51 30.06 -42.81
CA VAL D 109 1.01 31.15 -43.66
C VAL D 109 0.11 32.13 -42.88
N VAL D 110 -0.94 31.59 -42.23
CA VAL D 110 -1.81 32.36 -41.30
C VAL D 110 -2.62 31.43 -40.39
N GLU D 111 -2.79 31.84 -39.12
CA GLU D 111 -3.49 31.03 -38.13
C GLU D 111 -4.68 31.78 -37.49
N GLU D 112 -5.87 31.20 -37.57
CA GLU D 112 -7.06 31.64 -36.84
C GLU D 112 -7.52 30.58 -35.84
N SER D 113 -8.14 31.00 -34.75
CA SER D 113 -8.67 30.08 -33.74
C SER D 113 -10.05 30.50 -33.27
N GLN D 114 -11.04 29.67 -33.58
CA GLN D 114 -12.44 30.02 -33.36
C GLN D 114 -13.12 29.24 -32.22
N GLU D 115 -14.33 29.68 -31.89
CA GLU D 115 -15.17 29.05 -30.88
C GLU D 115 -15.98 27.89 -31.48
N LEU D 116 -16.34 26.92 -30.64
CA LEU D 116 -17.19 25.79 -31.03
C LEU D 116 -18.07 25.34 -29.86
N ALA D 117 -19.12 26.11 -29.58
CA ALA D 117 -20.02 25.85 -28.44
C ALA D 117 -20.43 24.37 -28.31
N LEU D 118 -20.46 23.86 -27.08
CA LEU D 118 -20.70 22.44 -26.78
C LEU D 118 -22.14 21.97 -27.10
N LYS D 119 -23.06 22.93 -27.17
CA LYS D 119 -24.43 22.74 -27.67
C LYS D 119 -24.80 23.94 -28.53
N ASP D 120 -25.38 23.68 -29.71
CA ASP D 120 -25.75 24.74 -30.66
C ASP D 120 -26.96 24.34 -31.51
N ASP D 121 -27.49 25.28 -32.30
CA ASP D 121 -28.58 25.03 -33.24
C ASP D 121 -28.15 24.16 -34.42
N LEU D 122 -27.02 24.53 -35.02
CA LEU D 122 -26.51 23.84 -36.20
C LEU D 122 -25.56 22.68 -35.80
N PRO D 123 -25.81 21.46 -36.34
CA PRO D 123 -24.95 20.30 -36.08
C PRO D 123 -23.48 20.59 -36.33
N LEU D 124 -22.61 19.87 -35.63
CA LEU D 124 -21.17 20.18 -35.63
C LEU D 124 -20.55 20.16 -37.03
N LEU D 125 -20.92 19.15 -37.81
CA LEU D 125 -20.41 18.99 -39.17
C LEU D 125 -20.55 20.28 -39.97
N ASP D 126 -21.67 20.97 -39.76
CA ASP D 126 -21.97 22.21 -40.46
C ASP D 126 -21.03 23.34 -40.04
N ARG D 127 -20.85 23.51 -38.73
CA ARG D 127 -20.04 24.60 -38.18
C ARG D 127 -18.56 24.53 -38.54
N ILE D 128 -18.05 23.30 -38.65
CA ILE D 128 -16.66 23.06 -39.06
C ILE D 128 -16.48 23.45 -40.53
N ILE D 129 -17.46 23.08 -41.35
CA ILE D 129 -17.48 23.50 -42.76
C ILE D 129 -17.56 25.02 -42.82
N SER D 130 -18.44 25.58 -41.97
CA SER D 130 -18.74 27.02 -41.93
C SER D 130 -17.53 27.87 -41.53
N HIS D 131 -16.80 27.42 -40.50
CA HIS D 131 -15.57 28.11 -40.13
C HIS D 131 -14.50 28.00 -41.23
N ILE D 132 -14.59 26.86 -42.00
CA ILE D 132 -13.69 26.67 -43.16
C ILE D 132 -14.09 27.61 -44.30
N ASP D 133 -15.40 27.66 -44.60
CA ASP D 133 -15.97 28.63 -45.57
C ASP D 133 -15.59 30.10 -45.29
N GLN D 134 -15.46 30.40 -43.94
CA GLN D 134 -15.13 31.75 -43.50
C GLN D 134 -13.62 32.03 -43.57
N PHE D 135 -12.81 31.02 -43.21
CA PHE D 135 -11.34 31.12 -43.20
C PHE D 135 -10.75 31.48 -44.58
N PHE D 136 -11.40 30.87 -45.64
CA PHE D 136 -11.05 31.18 -47.04
C PHE D 136 -11.52 32.57 -47.47
N ILE D 137 -12.75 32.93 -47.11
CA ILE D 137 -13.22 34.29 -47.34
C ILE D 137 -12.20 35.25 -46.75
N ARG D 138 -11.79 34.94 -45.51
CA ARG D 138 -10.96 35.85 -44.73
C ARG D 138 -9.62 36.08 -45.41
N HIS D 139 -8.88 35.00 -45.62
CA HIS D 139 -7.55 35.09 -46.18
C HIS D 139 -7.56 34.75 -47.66
N GLN D 140 -8.66 35.10 -48.33
CA GLN D 140 -8.76 35.00 -49.78
C GLN D 140 -7.42 35.26 -50.46
N LYS D 141 -6.80 36.39 -50.14
CA LYS D 141 -5.57 36.82 -50.81
C LYS D 141 -4.26 36.14 -50.34
N LYS D 142 -4.33 35.34 -49.29
CA LYS D 142 -3.19 34.53 -48.85
C LYS D 142 -3.28 33.13 -49.44
N LEU D 143 -4.42 32.84 -50.08
CA LEU D 143 -4.68 31.52 -50.66
C LEU D 143 -3.88 31.35 -51.97
N GLU D 144 -3.25 30.18 -52.11
CA GLU D 144 -2.63 29.77 -53.37
C GLU D 144 -3.37 28.52 -53.86
N ARG D 145 -2.65 27.48 -54.26
CA ARG D 145 -3.27 26.20 -54.57
C ARG D 145 -3.45 25.38 -53.29
N LEU D 146 -4.71 25.14 -52.92
CA LEU D 146 -5.04 24.30 -51.77
C LEU D 146 -5.08 22.83 -52.19
N THR D 147 -4.18 22.03 -51.61
CA THR D 147 -4.04 20.61 -51.98
C THR D 147 -4.99 19.70 -51.20
N SER D 148 -5.08 19.93 -49.89
CA SER D 148 -5.69 18.98 -48.95
C SER D 148 -6.06 19.62 -47.62
N ILE D 149 -6.98 18.99 -46.92
CA ILE D 149 -7.27 19.33 -45.54
C ILE D 149 -6.76 18.20 -44.63
N ALA D 150 -6.00 18.56 -43.60
CA ALA D 150 -5.58 17.61 -42.58
C ALA D 150 -6.28 18.00 -41.27
N ILE D 151 -7.20 17.16 -40.81
CA ILE D 151 -7.91 17.42 -39.56
C ILE D 151 -7.30 16.55 -38.45
N THR D 152 -7.41 17.02 -37.22
CA THR D 152 -6.79 16.39 -36.06
C THR D 152 -7.71 16.61 -34.87
N LEU D 153 -8.03 15.54 -34.15
CA LEU D 153 -9.08 15.59 -33.13
C LEU D 153 -9.10 14.39 -32.19
N PRO D 154 -9.71 14.55 -31.00
CA PRO D 154 -9.99 13.43 -30.12
C PRO D 154 -11.21 12.65 -30.59
N GLY D 155 -11.32 11.41 -30.12
CA GLY D 155 -12.48 10.57 -30.38
C GLY D 155 -12.10 9.21 -30.89
N ILE D 156 -13.10 8.48 -31.40
CA ILE D 156 -12.87 7.19 -32.01
C ILE D 156 -13.04 7.42 -33.51
N ILE D 157 -11.98 7.14 -34.27
CA ILE D 157 -11.92 7.55 -35.67
C ILE D 157 -11.57 6.43 -36.64
N ASP D 158 -12.44 6.23 -37.63
CA ASP D 158 -12.12 5.52 -38.87
C ASP D 158 -11.38 6.53 -39.77
N THR D 159 -10.06 6.51 -39.68
CA THR D 159 -9.22 7.50 -40.37
C THR D 159 -9.18 7.28 -41.89
N GLU D 160 -9.40 6.03 -42.30
CA GLU D 160 -9.48 5.64 -43.72
C GLU D 160 -10.59 6.41 -44.45
N ASN D 161 -11.78 6.43 -43.87
CA ASN D 161 -12.94 7.04 -44.52
C ASN D 161 -13.33 8.41 -43.93
N GLY D 162 -12.58 8.85 -42.92
CA GLY D 162 -12.78 10.15 -42.29
C GLY D 162 -13.99 10.22 -41.37
N ILE D 163 -14.44 9.06 -40.91
CA ILE D 163 -15.66 8.97 -40.10
C ILE D 163 -15.35 9.07 -38.61
N VAL D 164 -15.89 10.11 -37.96
CA VAL D 164 -15.76 10.25 -36.51
C VAL D 164 -16.93 9.54 -35.83
N HIS D 165 -16.63 8.48 -35.09
CA HIS D 165 -17.65 7.68 -34.43
C HIS D 165 -18.16 8.39 -33.18
N ARG D 166 -17.42 8.27 -32.09
CA ARG D 166 -17.69 9.01 -30.87
C ARG D 166 -16.66 10.11 -30.76
N MSE D 167 -16.91 11.09 -29.90
CA MSE D 167 -15.90 12.08 -29.55
C MSE D 167 -16.26 12.76 -28.23
O MSE D 167 -17.43 12.96 -27.93
CB MSE D 167 -15.65 13.07 -30.69
CG MSE D 167 -16.40 14.37 -30.62
SE MSE D 167 -15.66 15.68 -31.90
CE MSE D 167 -16.56 15.19 -33.56
N PRO D 168 -15.23 13.15 -27.43
CA PRO D 168 -15.43 13.32 -25.99
C PRO D 168 -16.13 14.61 -25.53
N PHE D 169 -15.88 15.72 -26.21
CA PHE D 169 -16.35 17.04 -25.74
C PHE D 169 -17.68 17.47 -26.40
N TYR D 170 -18.05 16.77 -27.46
CA TYR D 170 -19.28 17.05 -28.20
C TYR D 170 -20.13 15.77 -28.26
N GLU D 171 -21.23 15.75 -27.51
CA GLU D 171 -22.07 14.56 -27.37
C GLU D 171 -22.95 14.24 -28.59
N ASP D 172 -23.21 15.24 -29.43
CA ASP D 172 -24.14 15.11 -30.57
C ASP D 172 -23.60 14.30 -31.77
N VAL D 173 -22.29 14.10 -31.81
CA VAL D 173 -21.63 13.43 -32.95
C VAL D 173 -21.67 11.91 -32.87
N LYS D 174 -22.29 11.30 -33.88
CA LYS D 174 -22.30 9.85 -34.02
C LYS D 174 -22.16 9.51 -35.50
N GLU D 175 -21.13 8.74 -35.80
CA GLU D 175 -20.76 8.33 -37.17
C GLU D 175 -20.72 9.51 -38.13
N MSE D 176 -20.02 10.56 -37.73
CA MSE D 176 -19.88 11.76 -38.56
C MSE D 176 -18.94 11.54 -39.74
O MSE D 176 -17.77 11.18 -39.55
CB MSE D 176 -19.37 12.92 -37.71
CG MSE D 176 -19.13 14.19 -38.50
SE MSE D 176 -19.01 15.80 -37.39
CE MSE D 176 -17.16 15.60 -36.73
N PRO D 177 -19.45 11.73 -40.98
CA PRO D 177 -18.63 11.57 -42.18
C PRO D 177 -17.86 12.84 -42.48
N LEU D 178 -16.94 13.19 -41.59
CA LEU D 178 -16.17 14.42 -41.67
C LEU D 178 -15.31 14.44 -42.94
N GLY D 179 -14.63 13.32 -43.19
CA GLY D 179 -13.81 13.14 -44.38
C GLY D 179 -14.63 13.35 -45.64
N GLU D 180 -15.76 12.66 -45.73
CA GLU D 180 -16.61 12.68 -46.93
C GLU D 180 -17.31 14.01 -47.17
N ALA D 181 -17.76 14.65 -46.08
CA ALA D 181 -18.53 15.89 -46.18
C ALA D 181 -17.66 17.10 -46.50
N LEU D 182 -16.35 17.00 -46.23
CA LEU D 182 -15.41 18.05 -46.59
C LEU D 182 -14.74 17.83 -47.96
N GLU D 183 -14.43 16.55 -48.26
CA GLU D 183 -13.94 16.14 -49.59
C GLU D 183 -14.88 16.54 -50.72
N GLN D 184 -16.18 16.62 -50.44
CA GLN D 184 -17.13 17.06 -51.44
C GLN D 184 -17.50 18.55 -51.30
N HIS D 185 -17.34 19.13 -50.09
CA HIS D 185 -17.58 20.56 -49.89
C HIS D 185 -16.46 21.47 -50.38
N THR D 186 -15.31 20.89 -50.73
CA THR D 186 -14.14 21.66 -51.18
C THR D 186 -13.41 21.07 -52.41
N GLY D 187 -13.74 19.79 -52.71
CA GLY D 187 -13.09 19.03 -53.80
C GLY D 187 -11.67 18.59 -53.45
N VAL D 188 -11.43 18.39 -52.16
CA VAL D 188 -10.06 18.31 -51.64
C VAL D 188 -9.87 17.13 -50.65
N PRO D 189 -8.83 16.30 -50.88
CA PRO D 189 -8.64 15.12 -50.03
C PRO D 189 -8.46 15.51 -48.56
N VAL D 190 -9.26 14.87 -47.70
CA VAL D 190 -9.23 15.14 -46.26
C VAL D 190 -8.55 13.99 -45.52
N TYR D 191 -7.53 14.33 -44.75
CA TYR D 191 -6.86 13.36 -43.90
C TYR D 191 -7.15 13.67 -42.44
N ILE D 192 -7.54 12.64 -41.70
CA ILE D 192 -7.91 12.82 -40.30
C ILE D 192 -7.08 11.92 -39.41
N GLN D 193 -6.61 12.48 -38.30
CA GLN D 193 -5.72 11.79 -37.37
C GLN D 193 -6.24 11.92 -35.95
N HIS D 194 -6.02 10.88 -35.15
CA HIS D 194 -6.34 10.95 -33.73
C HIS D 194 -5.44 11.93 -33.01
N ASP D 195 -6.02 12.51 -31.97
CA ASP D 195 -5.41 13.48 -31.08
C ASP D 195 -3.97 13.16 -30.70
N ILE D 196 -3.82 12.13 -29.89
CA ILE D 196 -2.57 11.75 -29.29
C ILE D 196 -1.49 11.51 -30.31
N SER D 197 -1.79 10.78 -31.38
CA SER D 197 -0.76 10.40 -32.35
C SER D 197 -0.17 11.63 -33.01
N ALA D 198 -1.04 12.51 -33.49
CA ALA D 198 -0.64 13.83 -33.98
C ALA D 198 0.24 14.56 -32.96
N TRP D 199 -0.19 14.58 -31.70
CA TRP D 199 0.58 15.26 -30.68
C TRP D 199 1.98 14.67 -30.56
N THR D 200 2.05 13.34 -30.56
CA THR D 200 3.31 12.63 -30.50
C THR D 200 4.21 13.13 -31.62
N MSE D 201 3.68 13.11 -32.84
CA MSE D 201 4.42 13.52 -34.02
C MSE D 201 5.02 14.87 -33.79
O MSE D 201 6.22 15.06 -33.97
CB MSE D 201 3.48 13.60 -35.23
CG MSE D 201 3.32 12.30 -35.97
SE MSE D 201 5.06 11.52 -36.43
CE MSE D 201 5.24 10.27 -34.88
N ALA D 202 4.17 15.82 -33.39
CA ALA D 202 4.56 17.19 -33.17
C ALA D 202 5.77 17.20 -32.24
N GLU D 203 5.71 16.45 -31.14
CA GLU D 203 6.80 16.47 -30.20
C GLU D 203 8.05 15.91 -30.85
N ALA D 204 7.87 14.92 -31.73
CA ALA D 204 8.99 14.27 -32.36
C ALA D 204 9.57 15.07 -33.52
N LEU D 205 8.80 16.02 -34.03
CA LEU D 205 9.23 16.83 -35.16
C LEU D 205 9.69 18.21 -34.72
N PHE D 206 8.89 18.83 -33.87
CA PHE D 206 9.06 20.23 -33.50
C PHE D 206 9.30 20.42 -32.01
N GLY D 207 9.11 19.37 -31.21
CA GLY D 207 9.04 19.50 -29.76
C GLY D 207 10.08 18.72 -28.98
N ALA D 208 9.63 18.07 -27.88
CA ALA D 208 10.56 17.58 -26.86
C ALA D 208 11.18 16.21 -27.18
N SER D 209 10.84 15.66 -28.34
CA SER D 209 11.34 14.32 -28.69
C SER D 209 12.11 14.33 -30.00
N ARG D 210 12.26 15.53 -30.58
CA ARG D 210 13.14 15.77 -31.71
C ARG D 210 14.48 15.06 -31.56
N GLY D 211 14.89 14.37 -32.62
CA GLY D 211 16.12 13.60 -32.62
C GLY D 211 16.00 12.14 -32.16
N ALA D 212 15.01 11.85 -31.31
CA ALA D 212 14.83 10.49 -30.78
C ALA D 212 14.17 9.55 -31.77
N ARG D 213 14.77 8.37 -31.93
CA ARG D 213 14.22 7.31 -32.77
C ARG D 213 13.05 6.60 -32.05
N ASP D 214 13.08 6.61 -30.72
CA ASP D 214 12.18 5.77 -29.94
C ASP D 214 11.67 6.52 -28.75
N VAL D 215 10.39 6.85 -28.80
CA VAL D 215 9.73 7.70 -27.82
C VAL D 215 8.43 7.05 -27.35
N ILE D 216 8.15 7.11 -26.06
CA ILE D 216 6.79 6.86 -25.60
C ILE D 216 6.24 8.18 -25.10
N GLN D 217 5.05 8.55 -25.59
CA GLN D 217 4.46 9.79 -25.13
C GLN D 217 3.18 9.39 -24.47
N VAL D 218 3.10 9.69 -23.17
CA VAL D 218 1.90 9.34 -22.40
C VAL D 218 1.07 10.59 -22.12
N VAL D 219 -0.20 10.53 -22.48
CA VAL D 219 -1.05 11.69 -22.25
C VAL D 219 -2.08 11.37 -21.18
N ILE D 220 -1.86 11.98 -20.02
CA ILE D 220 -2.81 12.01 -18.94
C ILE D 220 -3.58 13.34 -18.95
N ASP D 221 -4.73 13.37 -19.62
CA ASP D 221 -5.53 14.57 -19.55
C ASP D 221 -7.00 14.19 -19.40
N HIS D 222 -7.85 14.67 -20.28
CA HIS D 222 -9.23 14.26 -20.20
C HIS D 222 -9.32 12.77 -20.51
N ASN D 223 -8.37 12.29 -21.29
CA ASN D 223 -8.19 10.87 -21.49
C ASN D 223 -6.82 10.39 -21.07
N VAL D 224 -6.63 9.08 -21.15
CA VAL D 224 -5.32 8.54 -21.04
C VAL D 224 -4.94 7.86 -22.34
N GLY D 225 -3.94 8.42 -23.03
CA GLY D 225 -3.40 7.81 -24.23
C GLY D 225 -1.89 7.68 -24.20
N ALA D 226 -1.36 7.10 -25.29
CA ALA D 226 0.08 7.02 -25.51
C ALA D 226 0.38 7.05 -26.99
N GLY D 227 1.40 7.80 -27.34
CA GLY D 227 2.02 7.69 -28.63
C GLY D 227 3.28 6.88 -28.46
N VAL D 228 3.64 6.13 -29.51
CA VAL D 228 4.88 5.38 -29.51
C VAL D 228 5.59 5.62 -30.83
N ILE D 229 6.86 6.01 -30.76
CA ILE D 229 7.68 5.97 -31.95
C ILE D 229 8.68 4.88 -31.78
N THR D 230 8.83 4.01 -32.77
CA THR D 230 9.95 3.10 -32.79
C THR D 230 10.62 3.17 -34.15
N ASP D 231 11.96 3.15 -34.13
CA ASP D 231 12.81 3.33 -35.30
C ASP D 231 12.37 4.48 -36.19
N GLY D 232 11.89 5.54 -35.56
CA GLY D 232 11.47 6.74 -36.26
C GLY D 232 10.06 6.70 -36.77
N HIS D 233 9.43 5.54 -36.71
CA HIS D 233 8.08 5.40 -37.25
C HIS D 233 7.04 5.42 -36.15
N LEU D 234 5.93 6.10 -36.41
CA LEU D 234 4.85 6.15 -35.46
C LEU D 234 4.19 4.79 -35.44
N LEU D 235 3.95 4.25 -34.26
CA LEU D 235 3.26 2.98 -34.13
C LEU D 235 1.80 3.13 -34.54
N HIS D 236 1.28 2.15 -35.28
CA HIS D 236 -0.05 2.19 -35.90
C HIS D 236 -0.29 3.33 -36.89
N ALA D 237 0.76 3.85 -37.50
CA ALA D 237 0.61 4.83 -38.56
C ALA D 237 -0.19 4.19 -39.70
N GLY D 238 0.27 3.01 -40.14
CA GLY D 238 -0.38 2.23 -41.21
C GLY D 238 -1.74 1.62 -40.90
N SER D 239 -2.43 2.16 -39.89
CA SER D 239 -3.79 1.75 -39.51
C SER D 239 -4.52 2.87 -38.77
N SER D 240 -5.74 2.61 -38.31
CA SER D 240 -6.51 3.59 -37.53
C SER D 240 -6.69 3.20 -36.06
N SER D 241 -6.05 2.13 -35.63
CA SER D 241 -6.10 1.72 -34.22
C SER D 241 -5.02 2.42 -33.39
N LEU D 242 -5.36 2.77 -32.15
CA LEU D 242 -4.49 3.59 -31.30
C LEU D 242 -3.82 2.73 -30.26
N VAL D 243 -2.83 3.31 -29.58
CA VAL D 243 -2.15 2.69 -28.45
C VAL D 243 -3.03 2.91 -27.21
N GLU D 244 -3.70 1.84 -26.78
CA GLU D 244 -4.77 2.01 -25.78
C GLU D 244 -4.35 1.63 -24.35
N ILE D 245 -3.46 2.44 -23.78
CA ILE D 245 -2.98 2.17 -22.42
C ILE D 245 -4.04 2.47 -21.39
N GLY D 246 -4.89 3.45 -21.70
CA GLY D 246 -5.93 3.89 -20.80
C GLY D 246 -6.81 2.72 -20.43
N HIS D 247 -6.91 1.74 -21.33
CA HIS D 247 -7.82 0.62 -21.18
C HIS D 247 -7.14 -0.66 -20.75
N THR D 248 -5.85 -0.55 -20.40
CA THR D 248 -5.14 -1.63 -19.75
C THR D 248 -5.59 -1.70 -18.30
N GLN D 249 -5.98 -2.90 -17.85
CA GLN D 249 -6.44 -3.14 -16.48
C GLN D 249 -5.36 -2.88 -15.43
N VAL D 250 -5.74 -2.09 -14.43
CA VAL D 250 -4.84 -1.65 -13.36
C VAL D 250 -5.26 -2.28 -12.04
N ASP D 251 -6.57 -2.25 -11.79
CA ASP D 251 -7.18 -2.80 -10.59
C ASP D 251 -8.12 -3.93 -10.98
N PRO D 252 -7.72 -5.17 -10.68
CA PRO D 252 -8.52 -6.37 -10.93
C PRO D 252 -10.02 -6.18 -10.66
N TYR D 253 -10.38 -5.44 -9.61
CA TYR D 253 -11.81 -5.26 -9.24
C TYR D 253 -12.28 -3.78 -9.20
N GLY D 254 -11.55 -2.89 -9.89
CA GLY D 254 -11.85 -1.45 -9.92
C GLY D 254 -13.18 -0.98 -10.54
N LYS D 255 -13.20 0.29 -10.96
CA LYS D 255 -14.43 0.94 -11.47
C LYS D 255 -14.67 0.66 -12.96
N ARG D 256 -15.88 0.14 -13.28
CA ARG D 256 -16.32 -0.10 -14.66
C ARG D 256 -15.99 1.07 -15.56
N CYS D 257 -15.09 0.82 -16.52
CA CYS D 257 -14.77 1.78 -17.57
C CYS D 257 -15.82 1.70 -18.69
N TYR D 258 -15.86 2.74 -19.55
CA TYR D 258 -16.84 2.77 -20.65
C TYR D 258 -16.61 1.70 -21.72
N CYS D 259 -15.41 1.11 -21.74
CA CYS D 259 -15.08 0.00 -22.65
C CYS D 259 -15.83 -1.28 -22.30
N GLY D 260 -16.09 -1.47 -21.00
CA GLY D 260 -16.88 -2.64 -20.55
C GLY D 260 -16.22 -3.42 -19.40
N ASN D 261 -14.77 -3.20 -19.37
CA ASN D 261 -14.06 -3.99 -18.35
C ASN D 261 -14.08 -3.26 -16.99
N HIS D 262 -13.14 -3.73 -16.13
CA HIS D 262 -12.96 -3.17 -14.79
C HIS D 262 -11.57 -2.59 -14.53
N GLY D 263 -11.52 -1.56 -13.69
CA GLY D 263 -10.28 -0.92 -13.29
C GLY D 263 -9.29 -0.72 -14.40
N CYS D 264 -9.73 -0.09 -15.51
CA CYS D 264 -8.80 0.33 -16.58
C CYS D 264 -7.99 1.52 -16.05
N LEU D 265 -6.80 1.74 -16.63
CA LEU D 265 -5.97 2.89 -16.26
C LEU D 265 -6.76 4.19 -16.22
N GLU D 266 -7.53 4.45 -17.27
CA GLU D 266 -8.26 5.70 -17.44
C GLU D 266 -9.22 6.02 -16.27
N THR D 267 -9.86 4.99 -15.73
CA THR D 267 -10.73 5.14 -14.54
C THR D 267 -9.92 5.42 -13.25
N ILE D 268 -8.65 5.06 -13.25
CA ILE D 268 -7.78 5.43 -12.15
C ILE D 268 -7.09 6.76 -12.43
N ALA D 269 -6.69 7.01 -13.67
CA ALA D 269 -5.73 8.07 -13.93
C ALA D 269 -6.12 9.20 -14.89
N SER D 270 -7.32 9.18 -15.45
CA SER D 270 -7.78 10.37 -16.19
C SER D 270 -7.97 11.53 -15.23
N VAL D 271 -7.70 12.73 -15.70
CA VAL D 271 -7.82 13.96 -14.92
C VAL D 271 -9.12 14.07 -14.12
N ASP D 272 -10.26 13.80 -14.75
CA ASP D 272 -11.51 13.81 -14.02
C ASP D 272 -11.50 12.73 -12.96
N SER D 273 -11.05 11.54 -13.28
CA SER D 273 -11.16 10.45 -12.33
C SER D 273 -10.20 10.64 -11.14
N ILE D 274 -9.05 11.29 -11.37
CA ILE D 274 -8.16 11.69 -10.28
C ILE D 274 -8.85 12.65 -9.32
N LEU D 275 -9.39 13.75 -9.86
CA LEU D 275 -10.09 14.75 -9.05
C LEU D 275 -11.29 14.18 -8.33
N GLU D 276 -11.84 13.08 -8.83
CA GLU D 276 -12.99 12.52 -8.13
C GLU D 276 -12.51 11.75 -6.93
N LEU D 277 -11.40 11.04 -7.08
CA LEU D 277 -10.80 10.34 -5.96
C LEU D 277 -10.22 11.35 -4.99
N ALA D 278 -9.78 12.49 -5.50
CA ALA D 278 -9.24 13.53 -4.65
C ALA D 278 -10.33 13.97 -3.72
N GLN D 279 -11.49 14.28 -4.25
CA GLN D 279 -12.50 14.92 -3.45
C GLN D 279 -13.10 13.90 -2.49
N LEU D 280 -12.95 12.63 -2.82
CA LEU D 280 -13.51 11.57 -2.01
C LEU D 280 -12.71 11.60 -0.74
N ARG D 281 -11.41 11.58 -0.91
CA ARG D 281 -10.47 11.57 0.20
C ARG D 281 -10.49 12.91 0.92
N LEU D 282 -10.61 14.00 0.17
CA LEU D 282 -10.62 15.33 0.74
C LEU D 282 -11.80 15.53 1.65
N ASN D 283 -12.91 14.86 1.35
CA ASN D 283 -14.07 14.93 2.21
C ASN D 283 -13.87 14.16 3.48
N GLN D 284 -12.90 13.26 3.48
CA GLN D 284 -12.55 12.50 4.67
C GLN D 284 -11.47 13.18 5.51
N SER D 285 -10.86 14.23 4.96
CA SER D 285 -9.79 14.94 5.64
C SER D 285 -10.31 16.17 6.34
N MSE D 286 -9.70 16.50 7.47
CA MSE D 286 -9.97 17.76 8.11
C MSE D 286 -8.73 18.63 8.06
O MSE D 286 -8.71 19.74 8.58
CB MSE D 286 -10.37 17.52 9.55
CG MSE D 286 -11.52 16.59 9.68
SE MSE D 286 -12.38 16.90 11.37
CE MSE D 286 -13.46 18.52 10.92
N SER D 287 -7.69 18.13 7.43
CA SER D 287 -6.40 18.77 7.50
C SER D 287 -6.06 19.39 6.15
N SER D 288 -6.02 18.57 5.10
CA SER D 288 -5.53 18.96 3.80
C SER D 288 -5.70 20.42 3.42
N MSE D 289 -4.65 20.98 2.83
CA MSE D 289 -4.66 22.30 2.27
C MSE D 289 -5.54 22.35 1.05
O MSE D 289 -5.88 23.42 0.56
CB MSE D 289 -3.27 22.74 1.85
CG MSE D 289 -2.12 22.25 2.68
SE MSE D 289 -0.43 23.01 1.95
CE MSE D 289 -0.43 24.87 3.04
N LEU D 290 -5.90 21.18 0.52
CA LEU D 290 -6.82 21.09 -0.61
C LEU D 290 -8.14 21.77 -0.31
N HIS D 291 -8.42 21.95 0.98
CA HIS D 291 -9.64 22.60 1.44
C HIS D 291 -9.69 24.07 1.15
N GLY D 292 -8.54 24.66 0.88
CA GLY D 292 -8.43 26.12 0.67
C GLY D 292 -9.16 26.68 -0.53
N GLN D 293 -8.92 26.04 -1.67
CA GLN D 293 -9.41 26.50 -2.97
C GLN D 293 -10.38 25.46 -3.57
N PRO D 294 -11.10 25.83 -4.65
CA PRO D 294 -11.85 24.73 -5.29
C PRO D 294 -10.86 23.73 -5.87
N LEU D 295 -11.15 22.45 -5.65
CA LEU D 295 -10.28 21.40 -6.07
C LEU D 295 -10.14 21.42 -7.59
N THR D 296 -8.93 21.68 -8.09
CA THR D 296 -8.64 21.54 -9.51
C THR D 296 -7.28 20.92 -9.59
N VAL D 297 -6.90 20.39 -10.74
CA VAL D 297 -5.58 19.78 -10.91
C VAL D 297 -4.48 20.76 -10.47
N ASP D 298 -4.69 22.03 -10.77
CA ASP D 298 -3.76 23.04 -10.34
C ASP D 298 -3.66 23.14 -8.82
N SER D 299 -4.79 23.14 -8.15
CA SER D 299 -4.76 23.22 -6.71
C SER D 299 -4.25 21.92 -6.09
N LEU D 300 -4.39 20.82 -6.83
CA LEU D 300 -3.91 19.54 -6.38
C LEU D 300 -2.41 19.54 -6.42
N CYS D 301 -1.88 20.06 -7.51
CA CYS D 301 -0.44 20.06 -7.72
C CYS D 301 0.20 21.06 -6.77
N GLN D 302 -0.40 22.24 -6.63
CA GLN D 302 0.06 23.19 -5.63
C GLN D 302 0.21 22.55 -4.25
N ALA D 303 -0.90 22.00 -3.71
CA ALA D 303 -0.90 21.37 -2.40
C ALA D 303 0.24 20.38 -2.28
N ALA D 304 0.39 19.53 -3.30
CA ALA D 304 1.35 18.46 -3.24
C ALA D 304 2.77 19.02 -3.09
N LEU D 305 3.06 20.04 -3.90
CA LEU D 305 4.33 20.70 -3.90
C LEU D 305 4.53 21.54 -2.63
N ARG D 306 3.47 21.83 -1.90
CA ARG D 306 3.60 22.63 -0.68
C ARG D 306 3.62 21.72 0.55
N GLY D 307 3.81 20.42 0.34
CA GLY D 307 3.91 19.54 1.46
C GLY D 307 2.68 18.77 1.85
N ASP D 308 1.53 19.10 1.29
CA ASP D 308 0.29 18.47 1.70
C ASP D 308 0.31 16.96 1.49
N LEU D 309 0.31 16.20 2.58
CA LEU D 309 0.45 14.76 2.48
C LEU D 309 -0.65 14.14 1.66
N LEU D 310 -1.87 14.61 1.77
CA LEU D 310 -2.96 14.04 0.98
C LEU D 310 -2.69 14.25 -0.50
N ALA D 311 -2.50 15.51 -0.87
CA ALA D 311 -2.26 15.85 -2.25
C ALA D 311 -1.04 15.05 -2.69
N LYS D 312 -0.02 15.05 -1.87
CA LYS D 312 1.13 14.34 -2.28
C LYS D 312 0.76 12.87 -2.54
N ASP D 313 0.02 12.23 -1.63
CA ASP D 313 -0.32 10.80 -1.76
C ASP D 313 -1.12 10.52 -3.03
N ILE D 314 -2.07 11.39 -3.34
CA ILE D 314 -2.89 11.20 -4.51
C ILE D 314 -1.99 11.17 -5.72
N ILE D 315 -1.17 12.18 -5.90
CA ILE D 315 -0.31 12.22 -7.08
C ILE D 315 0.65 11.03 -7.19
N THR D 316 1.23 10.67 -6.06
CA THR D 316 2.01 9.48 -5.96
C THR D 316 1.21 8.26 -6.35
N GLY D 317 -0.09 8.24 -6.06
CA GLY D 317 -0.87 7.08 -6.44
C GLY D 317 -0.85 6.97 -7.96
N VAL D 318 -1.18 8.07 -8.61
CA VAL D 318 -1.20 8.17 -10.05
C VAL D 318 0.16 7.82 -10.67
N GLY D 319 1.23 8.46 -10.21
CA GLY D 319 2.54 8.21 -10.74
C GLY D 319 2.83 6.73 -10.73
N ALA D 320 2.50 6.09 -9.62
CA ALA D 320 2.83 4.72 -9.45
C ALA D 320 2.11 3.89 -10.51
N HIS D 321 0.82 4.17 -10.74
CA HIS D 321 0.06 3.40 -11.69
C HIS D 321 0.59 3.64 -13.09
N VAL D 322 0.72 4.93 -13.45
CA VAL D 322 1.25 5.30 -14.74
C VAL D 322 2.64 4.71 -14.90
N GLY D 323 3.32 4.48 -13.79
CA GLY D 323 4.67 3.94 -13.81
C GLY D 323 4.66 2.47 -14.15
N ARG D 324 3.70 1.72 -13.58
CA ARG D 324 3.59 0.29 -13.77
C ARG D 324 3.37 0.00 -15.26
N ILE D 325 2.51 0.79 -15.89
CA ILE D 325 2.23 0.57 -17.30
C ILE D 325 3.36 1.08 -18.19
N LEU D 326 4.05 2.12 -17.76
CA LEU D 326 5.17 2.61 -18.53
C LEU D 326 6.35 1.68 -18.48
N ALA D 327 6.51 0.98 -17.37
CA ALA D 327 7.64 0.08 -17.24
C ALA D 327 7.42 -1.10 -18.14
N ILE D 328 6.18 -1.59 -18.21
CA ILE D 328 5.83 -2.69 -19.08
C ILE D 328 6.13 -2.24 -20.50
N MSE D 329 5.84 -0.98 -20.79
CA MSE D 329 6.14 -0.48 -22.11
C MSE D 329 7.63 -0.31 -22.37
O MSE D 329 8.08 -0.63 -23.45
CB MSE D 329 5.39 0.80 -22.39
CG MSE D 329 3.91 0.56 -22.70
SE MSE D 329 3.03 2.30 -22.70
CE MSE D 329 3.44 2.89 -24.61
N VAL D 330 8.36 0.19 -21.39
CA VAL D 330 9.80 0.30 -21.54
C VAL D 330 10.46 -1.05 -21.87
N ASN D 331 10.05 -2.11 -21.17
CA ASN D 331 10.41 -3.45 -21.56
C ASN D 331 10.06 -3.85 -23.00
N LEU D 332 8.96 -3.31 -23.52
CA LEU D 332 8.49 -3.68 -24.85
C LEU D 332 9.17 -2.85 -25.94
N PHE D 333 9.30 -1.57 -25.69
CA PHE D 333 9.71 -0.65 -26.72
C PHE D 333 11.12 -0.14 -26.58
N ASN D 334 11.72 -0.23 -25.39
CA ASN D 334 13.04 0.33 -25.14
C ASN D 334 13.16 1.74 -25.72
N PRO D 335 12.45 2.70 -25.12
CA PRO D 335 12.60 4.08 -25.58
C PRO D 335 13.81 4.86 -25.06
N GLN D 336 14.24 5.85 -25.82
CA GLN D 336 15.21 6.83 -25.34
C GLN D 336 14.49 7.81 -24.41
N LYS D 337 13.40 8.37 -24.90
CA LYS D 337 12.66 9.39 -24.16
C LYS D 337 11.24 8.97 -23.80
N ILE D 338 10.78 9.46 -22.67
CA ILE D 338 9.38 9.37 -22.31
C ILE D 338 8.88 10.75 -22.03
N LEU D 339 7.84 11.14 -22.75
CA LEU D 339 7.20 12.41 -22.57
C LEU D 339 5.94 12.14 -21.82
N ILE D 340 5.67 13.00 -20.84
CA ILE D 340 4.41 12.99 -20.14
C ILE D 340 3.68 14.28 -20.52
N GLY D 341 2.50 14.14 -21.12
CA GLY D 341 1.69 15.30 -21.53
C GLY D 341 0.46 15.43 -20.68
N SER D 342 0.45 16.39 -19.76
CA SER D 342 -0.55 16.37 -18.70
C SER D 342 -0.54 17.58 -17.83
N PRO D 343 -1.72 18.01 -17.35
CA PRO D 343 -1.71 19.12 -16.42
C PRO D 343 -0.95 18.72 -15.18
N LEU D 344 -0.83 17.41 -14.97
CA LEU D 344 -0.14 16.90 -13.80
C LEU D 344 1.33 17.25 -13.79
N SER D 345 1.92 17.49 -14.94
CA SER D 345 3.33 17.81 -14.93
C SER D 345 3.60 19.17 -14.23
N LYS D 346 2.54 19.86 -13.78
CA LYS D 346 2.68 20.98 -12.84
C LYS D 346 3.31 20.42 -11.56
N ALA D 347 3.11 19.14 -11.29
CA ALA D 347 3.77 18.54 -10.13
C ALA D 347 4.85 17.56 -10.55
N ALA D 348 5.42 17.79 -11.73
CA ALA D 348 6.55 17.02 -12.21
C ALA D 348 7.51 16.56 -11.09
N ASP D 349 7.95 17.50 -10.25
CA ASP D 349 8.88 17.21 -9.16
C ASP D 349 8.42 16.08 -8.24
N ILE D 350 7.11 15.79 -8.21
CA ILE D 350 6.62 14.67 -7.43
C ILE D 350 6.19 13.52 -8.34
N LEU D 351 5.43 13.84 -9.39
CA LEU D 351 5.07 12.83 -10.38
C LEU D 351 6.28 12.10 -10.97
N PHE D 352 7.21 12.83 -11.56
CA PHE D 352 8.23 12.20 -12.41
C PHE D 352 9.17 11.23 -11.68
N PRO D 353 9.74 11.62 -10.51
CA PRO D 353 10.63 10.67 -9.86
C PRO D 353 9.90 9.39 -9.54
N VAL D 354 8.60 9.49 -9.33
CA VAL D 354 7.79 8.33 -8.97
C VAL D 354 7.60 7.43 -10.21
N ILE D 355 7.26 8.05 -11.33
CA ILE D 355 7.16 7.33 -12.58
C ILE D 355 8.49 6.67 -12.87
N SER D 356 9.59 7.45 -12.80
CA SER D 356 10.92 6.93 -13.09
C SER D 356 11.33 5.81 -12.20
N ASP D 357 10.96 5.88 -10.93
CA ASP D 357 11.30 4.79 -10.00
C ASP D 357 10.68 3.48 -10.39
N SER D 358 9.43 3.56 -10.87
CA SER D 358 8.73 2.39 -11.34
C SER D 358 9.46 1.83 -12.53
N ILE D 359 9.76 2.68 -13.52
CA ILE D 359 10.57 2.24 -14.68
C ILE D 359 11.87 1.60 -14.22
N ARG D 360 12.64 2.27 -13.37
CA ARG D 360 13.91 1.74 -12.88
C ARG D 360 13.72 0.39 -12.19
N GLN D 361 12.61 0.22 -11.51
CA GLN D 361 12.44 -0.94 -10.67
C GLN D 361 11.68 -2.08 -11.29
N GLN D 362 10.97 -1.82 -12.38
CA GLN D 362 10.10 -2.83 -12.97
C GLN D 362 10.39 -3.08 -14.45
N ALA D 363 11.34 -2.33 -15.00
CA ALA D 363 11.88 -2.62 -16.33
C ALA D 363 13.38 -2.97 -16.33
N LEU D 364 13.80 -3.78 -17.29
CA LEU D 364 15.21 -4.16 -17.49
C LEU D 364 16.14 -2.96 -17.29
N PRO D 365 17.09 -3.06 -16.34
CA PRO D 365 18.12 -2.06 -16.12
C PRO D 365 18.82 -1.63 -17.40
N ALA D 366 19.26 -2.59 -18.22
CA ALA D 366 19.79 -2.22 -19.52
C ALA D 366 18.91 -1.18 -20.25
N TYR D 367 17.57 -1.30 -20.16
CA TYR D 367 16.66 -0.37 -20.86
C TYR D 367 16.26 0.85 -20.04
N SER D 368 16.27 0.71 -18.73
CA SER D 368 15.84 1.80 -17.87
C SER D 368 17.04 2.57 -17.39
N GLN D 369 18.22 2.07 -17.75
CA GLN D 369 19.53 2.63 -17.35
C GLN D 369 19.41 4.14 -17.29
N HIS D 370 19.55 4.80 -18.43
CA HIS D 370 19.59 6.24 -18.49
C HIS D 370 18.36 6.79 -19.21
N ILE D 371 17.21 6.60 -18.58
CA ILE D 371 15.91 6.91 -19.19
C ILE D 371 15.24 8.19 -18.67
N SER D 372 15.10 9.16 -19.56
CA SER D 372 14.58 10.47 -19.23
C SER D 372 13.05 10.52 -19.28
N VAL D 373 12.45 10.82 -18.13
CA VAL D 373 11.03 11.10 -18.03
C VAL D 373 10.90 12.62 -18.04
N GLU D 374 10.23 13.16 -19.04
CA GLU D 374 10.13 14.61 -19.09
C GLU D 374 8.79 15.09 -19.57
N SER D 375 8.57 16.36 -19.29
CA SER D 375 7.42 17.06 -19.73
C SER D 375 7.42 17.17 -21.24
N THR D 376 6.24 16.98 -21.77
CA THR D 376 5.97 17.24 -23.16
C THR D 376 6.23 18.76 -23.46
N GLN D 377 6.79 19.11 -24.62
CA GLN D 377 7.18 20.52 -24.83
C GLN D 377 5.98 21.45 -25.03
N PHE D 378 5.00 20.97 -25.80
CA PHE D 378 3.74 21.66 -25.97
C PHE D 378 2.64 20.98 -25.18
N SER D 379 1.45 21.55 -25.28
CA SER D 379 0.18 20.98 -24.81
C SER D 379 -0.62 20.43 -25.98
N ASN D 380 0.04 20.44 -27.15
CA ASN D 380 -0.62 20.38 -28.44
C ASN D 380 -1.93 21.24 -28.42
N GLN D 381 -1.71 22.56 -28.56
CA GLN D 381 -2.79 23.53 -28.77
C GLN D 381 -2.85 23.80 -30.27
N GLY D 382 -1.72 23.52 -30.93
CA GLY D 382 -1.48 23.85 -32.33
C GLY D 382 -1.60 22.75 -33.37
N THR D 383 -1.63 23.19 -34.62
CA THR D 383 -2.02 22.42 -35.78
C THR D 383 -0.84 21.91 -36.60
N MSE D 384 0.24 21.53 -35.93
CA MSE D 384 1.50 21.28 -36.64
C MSE D 384 1.74 19.86 -37.16
O MSE D 384 2.74 19.59 -37.83
CB MSE D 384 2.69 21.80 -35.83
CG MSE D 384 2.98 21.06 -34.55
SE MSE D 384 3.80 22.21 -33.17
CE MSE D 384 4.92 23.45 -34.29
N ALA D 385 0.83 18.94 -36.86
CA ALA D 385 0.98 17.55 -37.31
C ALA D 385 0.18 17.20 -38.56
N GLY D 386 -0.34 18.22 -39.24
CA GLY D 386 -0.91 18.03 -40.58
C GLY D 386 0.18 17.74 -41.60
N ALA D 387 1.36 18.31 -41.34
CA ALA D 387 2.56 18.20 -42.19
C ALA D 387 2.87 16.80 -42.69
N ALA D 388 2.90 15.84 -41.76
CA ALA D 388 3.29 14.45 -42.04
C ALA D 388 2.23 13.70 -42.83
N LEU D 389 0.96 14.05 -42.59
CA LEU D 389 -0.16 13.44 -43.31
C LEU D 389 -0.16 13.76 -44.80
N VAL D 390 0.15 15.01 -45.12
CA VAL D 390 0.19 15.47 -46.50
C VAL D 390 1.40 14.90 -47.25
N LYS D 391 2.58 14.94 -46.63
CA LYS D 391 3.79 14.32 -47.21
C LYS D 391 3.60 12.83 -47.49
N ASP D 392 2.91 12.14 -46.57
CA ASP D 392 2.52 10.75 -46.79
C ASP D 392 1.73 10.58 -48.07
N ALA D 393 0.74 11.46 -48.25
CA ALA D 393 -0.15 11.42 -49.41
C ALA D 393 0.55 11.74 -50.73
N MSE D 394 1.68 12.45 -50.67
CA MSE D 394 2.49 12.73 -51.85
C MSE D 394 3.18 11.46 -52.30
O MSE D 394 3.06 11.05 -53.46
CB MSE D 394 3.56 13.80 -51.56
CG MSE D 394 3.04 15.16 -51.11
SE MSE D 394 1.96 16.14 -52.43
CE MSE D 394 3.14 16.07 -53.98
N TYR D 395 3.88 10.84 -51.37
CA TYR D 395 4.79 9.72 -51.68
C TYR D 395 4.05 8.45 -52.09
N ASN D 396 2.81 8.29 -51.66
CA ASN D 396 1.98 7.20 -52.15
C ASN D 396 1.26 7.57 -53.45
N GLY D 397 1.20 8.89 -53.71
CA GLY D 397 0.64 9.42 -54.96
C GLY D 397 -0.84 9.76 -54.94
N SER D 398 -1.53 9.44 -53.85
CA SER D 398 -2.98 9.69 -53.74
C SER D 398 -3.32 11.17 -53.93
N LEU D 399 -2.52 12.05 -53.32
CA LEU D 399 -2.72 13.50 -53.42
C LEU D 399 -2.20 14.04 -54.75
N LEU D 400 -1.06 13.50 -55.16
CA LEU D 400 -0.33 13.95 -56.34
C LEU D 400 -1.18 13.78 -57.60
N ILE D 401 -1.86 12.64 -57.71
CA ILE D 401 -2.71 12.33 -58.85
C ILE D 401 -3.93 13.26 -58.89
N ARG D 402 -4.50 13.54 -57.73
CA ARG D 402 -5.54 14.56 -57.57
C ARG D 402 -5.06 15.95 -58.03
N LEU D 403 -3.78 16.25 -57.79
CA LEU D 403 -3.19 17.55 -58.13
C LEU D 403 -2.73 17.62 -59.58
N LEU D 404 -2.31 16.48 -60.12
CA LEU D 404 -1.93 16.39 -61.53
C LEU D 404 -3.16 16.49 -62.45
N GLN D 405 -4.32 16.71 -61.85
CA GLN D 405 -5.53 17.07 -62.59
C GLN D 405 -5.61 18.58 -62.85
N GLY D 406 -5.29 19.38 -61.83
CA GLY D 406 -5.27 20.84 -61.96
C GLY D 406 -6.52 21.49 -61.41
ZN ZN E . 1.61 15.68 18.39
ZN ZN F . -13.66 -8.93 18.82
ZN ZN G . 14.23 -9.54 -15.03
ZN ZN H . -11.48 0.58 -20.50
#